data_7CAV
#
_entry.id   7CAV
#
_cell.length_a   98.853
_cell.length_b   98.910
_cell.length_c   193.853
_cell.angle_alpha   90.000
_cell.angle_beta   90.000
_cell.angle_gamma   90.000
#
_symmetry.space_group_name_H-M   'P 21 21 21'
#
loop_
_entity.id
_entity.type
_entity.pdbx_description
1 polymer 'cis-prenyltransferase MM_0014'
2 non-polymer 'DIMETHYLALLYL DIPHOSPHATE'
3 non-polymer 'MAGNESIUM ION'
4 non-polymer 2-[(2E,6E)-3,7,11-trimethyldodeca-2,6,10-trienoxy]propane-1,3-diol
5 non-polymer DIPHOSPHATE
6 non-polymer 'PHOSPHATE ION'
7 water water
#
_entity_poly.entity_id   1
_entity_poly.type   'polypeptide(L)'
_entity_poly.pdbx_seq_one_letter_code
;GPGYQMDIPKFKRLPRHIAIIPDGNRRWALARGLEKHEGYSSGIIPGLEVYDICVKIGIGEVTFFGFTQDNTKRPQIQRK
AFTDACIKSVQEIAKRDAEILVVGNTNSDIFPEELLEYTKRTKVGKGKIKINFLINYGWYWDLTYAYDNSPDGKKMIENI
ASAEIPRVDLLIRWGGRCRLSGMLPVQTVYSDIYVVDEMWPDFKPEHLFKALEFYQNQDITLGG
;
_entity_poly.pdbx_strand_id   A,B,C,D,E,F,G,H
#
# COMPACT_ATOMS: atom_id res chain seq x y z
N GLY A 3 28.08 23.70 6.64
CA GLY A 3 27.53 23.22 7.95
C GLY A 3 26.66 21.98 7.80
N TYR A 4 26.43 21.28 8.90
CA TYR A 4 25.62 20.03 9.03
C TYR A 4 24.13 20.37 8.92
N GLN A 5 23.65 21.22 9.83
CA GLN A 5 22.28 21.81 9.78
C GLN A 5 22.32 23.04 8.87
N MET A 6 21.34 23.16 7.98
CA MET A 6 21.18 24.30 7.03
C MET A 6 21.38 25.62 7.78
N ASP A 7 22.13 26.56 7.21
CA ASP A 7 22.27 27.94 7.77
C ASP A 7 20.88 28.53 7.92
N ILE A 8 20.52 28.96 9.13
CA ILE A 8 19.24 29.66 9.42
C ILE A 8 19.27 30.99 8.67
N PRO A 9 18.40 31.20 7.65
CA PRO A 9 18.38 32.46 6.91
C PRO A 9 18.10 33.66 7.84
N LYS A 10 18.57 34.83 7.43
CA LYS A 10 18.27 36.13 8.09
C LYS A 10 16.99 36.68 7.44
N PHE A 11 15.96 36.96 8.25
CA PHE A 11 14.62 37.38 7.78
C PHE A 11 14.45 38.89 8.01
N LYS A 12 13.93 39.59 7.00
CA LYS A 12 13.68 41.06 7.07
C LYS A 12 12.42 41.34 7.91
N ARG A 13 11.45 40.42 7.95
CA ARG A 13 10.25 40.52 8.84
C ARG A 13 10.01 39.17 9.51
N LEU A 14 9.54 39.18 10.76
CA LEU A 14 9.19 37.95 11.52
C LEU A 14 7.80 38.09 12.11
N PRO A 15 7.02 36.99 12.17
CA PRO A 15 5.75 36.99 12.90
C PRO A 15 6.04 37.00 14.40
N ARG A 16 5.25 37.76 15.16
CA ARG A 16 5.26 37.71 16.65
C ARG A 16 4.80 36.31 17.12
N HIS A 17 3.79 35.74 16.46
CA HIS A 17 3.07 34.52 16.94
C HIS A 17 2.83 33.56 15.77
N ILE A 18 3.46 32.39 15.83
CA ILE A 18 3.32 31.30 14.83
C ILE A 18 2.39 30.24 15.44
N ALA A 19 1.41 29.79 14.66
CA ALA A 19 0.63 28.58 14.97
C ALA A 19 1.13 27.44 14.07
N ILE A 20 1.26 26.25 14.65
CA ILE A 20 1.72 25.00 14.02
C ILE A 20 0.58 23.99 14.08
N ILE A 21 0.17 23.48 12.93
CA ILE A 21 -0.77 22.33 12.84
C ILE A 21 0.03 21.15 12.31
N PRO A 22 0.47 20.24 13.21
CA PRO A 22 1.33 19.11 12.86
C PRO A 22 0.56 17.90 12.31
N ASP A 23 -0.08 18.07 11.15
CA ASP A 23 -1.04 17.09 10.57
C ASP A 23 -0.33 16.08 9.65
N GLY A 24 -0.94 14.90 9.48
CA GLY A 24 -0.52 13.88 8.51
C GLY A 24 0.18 12.69 9.14
N ASN A 25 0.09 12.52 10.46
CA ASN A 25 0.78 11.44 11.19
C ASN A 25 0.26 10.07 10.72
N ARG A 26 -1.05 9.91 10.52
CA ARG A 26 -1.65 8.61 10.15
C ARG A 26 -1.28 8.25 8.71
N ARG A 27 -1.40 9.18 7.77
CA ARG A 27 -1.00 8.96 6.35
C ARG A 27 0.49 8.63 6.29
N TRP A 28 1.31 9.33 7.08
CA TRP A 28 2.77 9.10 7.13
C TRP A 28 3.03 7.65 7.51
N ALA A 29 2.41 7.17 8.60
CA ALA A 29 2.55 5.80 9.14
C ALA A 29 2.10 4.78 8.10
N LEU A 30 0.91 4.99 7.51
CA LEU A 30 0.31 4.05 6.53
C LEU A 30 1.24 3.95 5.31
N ALA A 31 1.83 5.06 4.89
CA ALA A 31 2.77 5.14 3.74
C ALA A 31 4.04 4.32 4.02
N ARG A 32 4.41 4.17 5.30
CA ARG A 32 5.60 3.38 5.75
C ARG A 32 5.20 1.91 6.00
N GLY A 33 3.92 1.56 5.88
CA GLY A 33 3.37 0.22 6.11
C GLY A 33 3.10 -0.07 7.58
N LEU A 34 3.18 0.97 8.42
CA LEU A 34 2.87 0.91 9.88
C LEU A 34 1.36 1.01 10.08
N GLU A 35 0.88 0.76 11.30
CA GLU A 35 -0.53 0.96 11.71
C GLU A 35 -0.79 2.47 11.91
N LYS A 36 -2.06 2.89 11.75
CA LYS A 36 -2.52 4.30 11.74
C LYS A 36 -1.96 5.05 12.95
N HIS A 37 -1.95 4.39 14.11
CA HIS A 37 -1.63 5.00 15.43
C HIS A 37 -0.11 5.12 15.66
N GLU A 38 0.72 4.58 14.77
CA GLU A 38 2.19 4.48 14.98
C GLU A 38 2.94 5.73 14.50
N GLY A 39 2.25 6.72 13.92
CA GLY A 39 2.88 7.95 13.43
C GLY A 39 3.21 8.94 14.53
N TYR A 40 2.42 8.97 15.61
CA TYR A 40 2.42 10.09 16.58
C TYR A 40 3.78 10.23 17.26
N SER A 41 4.39 9.12 17.64
CA SER A 41 5.70 9.10 18.33
C SER A 41 6.79 9.69 17.41
N SER A 42 6.63 9.62 16.08
CA SER A 42 7.58 10.20 15.08
C SER A 42 7.31 11.70 14.88
N GLY A 43 6.31 12.27 15.58
CA GLY A 43 6.00 13.71 15.52
C GLY A 43 6.66 14.51 16.64
N ILE A 44 7.32 13.88 17.60
CA ILE A 44 7.84 14.60 18.80
C ILE A 44 9.08 15.42 18.39
N ILE A 45 10.05 14.79 17.74
CA ILE A 45 11.35 15.44 17.38
C ILE A 45 11.10 16.62 16.46
N PRO A 46 10.25 16.49 15.41
CA PRO A 46 9.86 17.64 14.60
C PRO A 46 9.44 18.88 15.41
N GLY A 47 8.59 18.69 16.43
CA GLY A 47 8.18 19.76 17.37
C GLY A 47 9.39 20.42 18.02
N LEU A 48 10.36 19.62 18.45
CA LEU A 48 11.60 20.10 19.12
C LEU A 48 12.47 20.88 18.12
N GLU A 49 12.52 20.43 16.86
CA GLU A 49 13.24 21.15 15.76
C GLU A 49 12.58 22.51 15.52
N VAL A 50 11.25 22.55 15.46
CA VAL A 50 10.51 23.84 15.30
C VAL A 50 10.88 24.73 16.48
N TYR A 51 10.84 24.20 17.70
CA TYR A 51 11.16 24.95 18.94
C TYR A 51 12.58 25.53 18.81
N ASP A 52 13.56 24.69 18.46
CA ASP A 52 15.00 25.07 18.39
C ASP A 52 15.17 26.23 17.41
N ILE A 53 14.55 26.16 16.23
CA ILE A 53 14.70 27.15 15.14
C ILE A 53 14.06 28.47 15.58
N CYS A 54 12.84 28.40 16.14
CA CYS A 54 12.07 29.60 16.59
C CYS A 54 12.87 30.35 17.66
N VAL A 55 13.49 29.62 18.59
CA VAL A 55 14.37 30.21 19.65
C VAL A 55 15.53 30.95 18.97
N LYS A 56 16.23 30.28 18.05
CA LYS A 56 17.42 30.82 17.34
C LYS A 56 17.08 32.12 16.61
N ILE A 57 15.94 32.19 15.91
CA ILE A 57 15.60 33.39 15.09
C ILE A 57 14.89 34.44 15.97
N GLY A 58 14.41 34.06 17.15
CA GLY A 58 13.84 34.99 18.15
C GLY A 58 12.34 35.18 17.98
N ILE A 59 11.61 34.15 17.54
CA ILE A 59 10.11 34.14 17.54
C ILE A 59 9.64 34.25 19.00
N GLY A 60 8.72 35.18 19.26
CA GLY A 60 8.14 35.48 20.59
C GLY A 60 7.26 34.36 21.11
N GLU A 61 6.40 33.78 20.27
CA GLU A 61 5.33 32.87 20.72
C GLU A 61 5.03 31.83 19.63
N VAL A 62 4.92 30.57 20.04
CA VAL A 62 4.54 29.43 19.16
C VAL A 62 3.44 28.65 19.85
N THR A 63 2.33 28.44 19.14
CA THR A 63 1.21 27.60 19.58
C THR A 63 1.17 26.35 18.70
N PHE A 64 1.27 25.19 19.33
CA PHE A 64 1.13 23.85 18.69
C PHE A 64 -0.30 23.36 18.88
N PHE A 65 -0.93 22.97 17.78
CA PHE A 65 -2.20 22.19 17.79
C PHE A 65 -1.87 20.74 18.21
N GLY A 66 -2.23 20.35 19.43
CA GLY A 66 -1.94 19.00 19.97
C GLY A 66 -3.02 18.00 19.60
N PHE A 67 -4.19 18.11 20.22
CA PHE A 67 -5.37 17.34 19.78
C PHE A 67 -6.63 18.08 20.21
N THR A 68 -7.71 17.79 19.49
CA THR A 68 -9.02 18.48 19.62
C THR A 68 -10.02 17.55 20.31
N GLN A 69 -11.15 18.11 20.72
CA GLN A 69 -12.30 17.32 21.20
C GLN A 69 -12.80 16.45 20.03
N ASP A 70 -12.87 16.98 18.81
CA ASP A 70 -13.26 16.23 17.57
C ASP A 70 -12.35 15.01 17.40
N ASN A 71 -11.05 15.14 17.63
CA ASN A 71 -10.07 14.01 17.54
C ASN A 71 -10.42 12.87 18.51
N THR A 72 -11.13 13.15 19.62
CA THR A 72 -11.48 12.12 20.62
C THR A 72 -12.60 11.22 20.05
N LYS A 73 -13.18 11.53 18.88
CA LYS A 73 -14.11 10.62 18.13
C LYS A 73 -13.34 9.40 17.60
N ARG A 74 -12.02 9.49 17.53
CA ARG A 74 -11.18 8.43 16.91
C ARG A 74 -11.10 7.23 17.84
N PRO A 75 -10.76 6.03 17.33
CA PRO A 75 -10.65 4.82 18.15
C PRO A 75 -9.67 5.02 19.32
N GLN A 76 -9.92 4.33 20.44
CA GLN A 76 -9.15 4.40 21.71
C GLN A 76 -7.66 4.13 21.46
N ILE A 77 -7.30 3.22 20.56
CA ILE A 77 -5.86 2.91 20.29
C ILE A 77 -5.18 4.17 19.75
N GLN A 78 -5.86 4.94 18.91
CA GLN A 78 -5.35 6.21 18.35
C GLN A 78 -5.32 7.28 19.43
N ARG A 79 -6.41 7.42 20.20
CA ARG A 79 -6.46 8.41 21.33
C ARG A 79 -5.25 8.21 22.25
N LYS A 80 -5.00 6.98 22.68
CA LYS A 80 -3.88 6.72 23.64
C LYS A 80 -2.56 7.17 22.98
N ALA A 81 -2.36 6.79 21.72
CA ALA A 81 -1.11 7.07 20.98
C ALA A 81 -0.89 8.57 20.85
N PHE A 82 -1.90 9.36 20.43
CA PHE A 82 -1.66 10.82 20.19
C PHE A 82 -1.55 11.53 21.54
N THR A 83 -2.28 11.08 22.56
CA THR A 83 -2.25 11.68 23.93
C THR A 83 -0.85 11.44 24.53
N ASP A 84 -0.35 10.22 24.44
CA ASP A 84 1.01 9.84 24.93
C ASP A 84 2.06 10.74 24.27
N ALA A 85 1.97 10.95 22.96
CA ALA A 85 2.91 11.78 22.18
C ALA A 85 2.81 13.24 22.63
N CYS A 86 1.60 13.76 22.90
CA CYS A 86 1.42 15.17 23.33
C CYS A 86 2.04 15.37 24.72
N ILE A 87 1.78 14.46 25.65
CA ILE A 87 2.40 14.46 27.01
C ILE A 87 3.92 14.56 26.87
N LYS A 88 4.52 13.65 26.11
CA LYS A 88 5.99 13.59 25.92
C LYS A 88 6.50 14.92 25.35
N SER A 89 5.82 15.50 24.36
CA SER A 89 6.21 16.80 23.74
C SER A 89 6.30 17.89 24.80
N VAL A 90 5.27 18.04 25.62
CA VAL A 90 5.25 19.11 26.65
C VAL A 90 6.40 18.85 27.63
N GLN A 91 6.58 17.60 28.03
CA GLN A 91 7.61 17.20 29.02
C GLN A 91 9.01 17.52 28.46
N GLU A 92 9.22 17.34 27.15
CA GLU A 92 10.51 17.64 26.48
C GLU A 92 10.73 19.17 26.47
N ILE A 93 9.73 19.98 26.12
CA ILE A 93 9.85 21.46 26.19
C ILE A 93 10.11 21.88 27.66
N ALA A 94 9.53 21.17 28.61
CA ALA A 94 9.65 21.43 30.06
C ALA A 94 11.11 21.28 30.54
N LYS A 95 11.94 20.54 29.79
CA LYS A 95 13.39 20.35 30.09
C LYS A 95 14.25 21.45 29.41
N ARG A 96 13.65 22.38 28.68
CA ARG A 96 14.41 23.40 27.90
C ARG A 96 14.09 24.79 28.47
N ASP A 97 14.11 25.82 27.62
CA ASP A 97 13.85 27.25 27.95
C ASP A 97 12.55 27.67 27.28
N ALA A 98 11.51 27.93 28.06
CA ALA A 98 10.15 28.27 27.55
C ALA A 98 9.26 28.76 28.69
N GLU A 99 8.26 29.55 28.32
CA GLU A 99 7.07 29.80 29.17
C GLU A 99 5.94 28.94 28.59
N ILE A 100 5.61 27.83 29.26
CA ILE A 100 4.69 26.79 28.73
C ILE A 100 3.27 27.09 29.24
N LEU A 101 2.29 27.08 28.32
CA LEU A 101 0.85 27.13 28.63
C LEU A 101 0.15 26.02 27.84
N VAL A 102 -0.63 25.20 28.53
CA VAL A 102 -1.55 24.21 27.93
C VAL A 102 -2.96 24.78 28.05
N VAL A 103 -3.66 24.87 26.93
CA VAL A 103 -5.09 25.30 26.88
C VAL A 103 -5.91 24.12 26.37
N GLY A 104 -6.96 23.76 27.10
CA GLY A 104 -7.88 22.70 26.69
C GLY A 104 -8.89 22.40 27.77
N ASN A 105 -9.86 21.54 27.45
CA ASN A 105 -10.96 21.18 28.38
C ASN A 105 -10.44 20.16 29.39
N THR A 106 -10.12 20.63 30.61
CA THR A 106 -9.55 19.81 31.71
C THR A 106 -10.66 19.01 32.41
N ASN A 107 -11.94 19.27 32.08
CA ASN A 107 -13.12 18.61 32.70
C ASN A 107 -13.47 17.37 31.88
N SER A 108 -12.51 16.45 31.74
CA SER A 108 -12.64 15.23 30.91
C SER A 108 -11.55 14.24 31.29
N ASP A 109 -11.91 12.96 31.45
CA ASP A 109 -10.95 11.86 31.72
C ASP A 109 -10.04 11.67 30.50
N ILE A 110 -10.36 12.32 29.37
CA ILE A 110 -9.50 12.35 28.16
C ILE A 110 -8.31 13.29 28.39
N PHE A 111 -8.48 14.37 29.18
CA PHE A 111 -7.39 15.36 29.42
C PHE A 111 -6.33 14.71 30.30
N PRO A 112 -5.06 14.65 29.86
CA PRO A 112 -4.02 13.95 30.61
C PRO A 112 -3.62 14.67 31.91
N GLU A 113 -3.65 13.94 33.04
CA GLU A 113 -3.33 14.46 34.40
C GLU A 113 -1.95 15.12 34.41
N GLU A 114 -0.98 14.54 33.68
CA GLU A 114 0.43 15.01 33.58
C GLU A 114 0.51 16.49 33.18
N LEU A 115 -0.46 17.01 32.43
CA LEU A 115 -0.38 18.37 31.85
C LEU A 115 -1.20 19.38 32.65
N LEU A 116 -1.94 18.96 33.69
CA LEU A 116 -2.73 19.92 34.49
C LEU A 116 -1.79 21.02 35.01
N GLU A 117 -0.57 20.67 35.41
CA GLU A 117 0.36 21.64 36.06
C GLU A 117 0.76 22.75 35.07
N TYR A 118 0.60 22.55 33.75
CA TYR A 118 0.95 23.54 32.69
C TYR A 118 -0.28 24.36 32.24
N THR A 119 -1.42 24.22 32.92
CA THR A 119 -2.67 24.94 32.55
C THR A 119 -2.62 26.36 33.11
N LYS A 120 -1.56 26.68 33.87
CA LYS A 120 -1.15 28.08 34.16
C LYS A 120 0.25 28.26 33.59
N ARG A 121 0.54 29.41 32.98
CA ARG A 121 1.81 29.62 32.24
C ARG A 121 2.97 29.40 33.22
N THR A 122 3.92 28.56 32.82
CA THR A 122 4.99 27.98 33.66
C THR A 122 6.33 28.30 33.02
N LYS A 123 7.17 29.07 33.70
CA LYS A 123 8.52 29.40 33.17
C LYS A 123 9.45 28.21 33.47
N VAL A 124 10.14 27.69 32.45
CA VAL A 124 11.19 26.63 32.62
C VAL A 124 12.49 27.17 32.03
N GLY A 125 13.63 26.81 32.64
CA GLY A 125 14.96 27.31 32.25
C GLY A 125 14.98 28.83 32.21
N LYS A 126 15.48 29.40 31.11
CA LYS A 126 15.62 30.87 30.91
C LYS A 126 14.34 31.51 30.34
N GLY A 127 13.30 30.73 30.05
CA GLY A 127 12.10 31.25 29.35
C GLY A 127 12.46 31.87 28.02
N LYS A 128 11.92 33.07 27.73
CA LYS A 128 12.27 33.95 26.59
C LYS A 128 11.61 33.48 25.28
N ILE A 129 10.85 32.39 25.31
CA ILE A 129 9.87 32.07 24.22
C ILE A 129 8.62 31.49 24.86
N LYS A 130 7.45 31.94 24.42
CA LYS A 130 6.13 31.42 24.88
C LYS A 130 5.77 30.23 23.99
N ILE A 131 5.59 29.06 24.59
CA ILE A 131 5.17 27.82 23.89
C ILE A 131 3.80 27.41 24.44
N ASN A 132 2.80 27.42 23.56
CA ASN A 132 1.41 27.05 23.90
C ASN A 132 1.12 25.69 23.24
N PHE A 133 0.35 24.86 23.92
CA PHE A 133 -0.17 23.58 23.40
C PHE A 133 -1.68 23.56 23.59
N LEU A 134 -2.40 23.23 22.53
CA LEU A 134 -3.86 22.99 22.56
C LEU A 134 -4.07 21.49 22.71
N ILE A 135 -4.60 21.08 23.86
CA ILE A 135 -4.68 19.67 24.30
C ILE A 135 -6.11 19.46 24.77
N ASN A 136 -6.87 18.59 24.09
CA ASN A 136 -8.33 18.42 24.30
C ASN A 136 -9.02 19.78 24.09
N TYR A 137 -8.55 20.54 23.08
CA TYR A 137 -9.07 21.88 22.70
C TYR A 137 -10.26 21.69 21.76
N GLY A 138 -11.30 22.51 21.90
CA GLY A 138 -12.37 22.60 20.90
C GLY A 138 -12.76 24.05 20.67
N TRP A 139 -12.93 24.44 19.41
CA TRP A 139 -13.39 25.80 19.04
C TRP A 139 -14.70 26.12 19.77
N TYR A 140 -15.61 25.14 19.83
CA TYR A 140 -16.97 25.32 20.40
C TYR A 140 -16.84 25.56 21.91
N TRP A 141 -16.08 24.70 22.58
CA TRP A 141 -15.73 24.81 24.03
C TRP A 141 -15.08 26.16 24.29
N ASP A 142 -14.18 26.61 23.40
CA ASP A 142 -13.42 27.87 23.57
C ASP A 142 -14.39 29.05 23.56
N LEU A 143 -15.27 29.12 22.57
CA LEU A 143 -16.15 30.30 22.38
C LEU A 143 -17.20 30.33 23.49
N THR A 144 -17.74 29.16 23.84
CA THR A 144 -18.89 29.03 24.79
C THR A 144 -18.39 29.16 26.24
N TYR A 145 -17.08 29.03 26.47
CA TYR A 145 -16.43 29.16 27.81
C TYR A 145 -16.75 30.51 28.44
N ALA A 146 -16.89 31.55 27.60
CA ALA A 146 -17.12 32.97 28.00
C ALA A 146 -18.22 33.07 29.08
N TYR A 147 -19.23 32.20 29.03
CA TYR A 147 -20.31 32.10 30.03
C TYR A 147 -19.73 31.52 31.33
N ASP A 148 -18.78 32.24 31.94
CA ASP A 148 -17.94 31.76 33.06
C ASP A 148 -17.25 32.98 33.72
N LYS A 155 -17.16 41.97 27.29
CA LYS A 155 -16.29 41.19 28.21
C LYS A 155 -16.24 39.73 27.75
N MET A 156 -17.35 39.18 27.27
CA MET A 156 -17.53 37.74 26.97
C MET A 156 -16.49 37.27 25.94
N ILE A 157 -16.19 38.09 24.93
CA ILE A 157 -15.16 37.80 23.89
C ILE A 157 -13.77 37.69 24.55
N GLU A 158 -13.47 38.55 25.53
CA GLU A 158 -12.16 38.65 26.22
C GLU A 158 -12.02 37.49 27.23
N ASN A 159 -13.07 36.69 27.40
CA ASN A 159 -13.16 35.60 28.40
C ASN A 159 -13.38 34.26 27.71
N ILE A 160 -13.05 34.14 26.43
CA ILE A 160 -12.93 32.81 25.75
C ILE A 160 -11.84 32.03 26.49
N ALA A 161 -11.87 30.70 26.43
CA ALA A 161 -10.94 29.79 27.14
C ALA A 161 -9.49 30.10 26.75
N SER A 162 -9.23 30.48 25.49
CA SER A 162 -7.89 30.70 24.90
C SER A 162 -7.48 32.18 25.01
N ALA A 163 -8.14 32.97 25.86
CA ALA A 163 -7.99 34.45 25.94
C ALA A 163 -6.53 34.85 26.17
N GLU A 164 -5.74 34.03 26.87
CA GLU A 164 -4.29 34.28 27.14
C GLU A 164 -3.47 34.27 25.85
N ILE A 165 -3.97 33.60 24.81
CA ILE A 165 -3.21 33.44 23.52
C ILE A 165 -3.61 34.58 22.58
N PRO A 166 -2.65 35.41 22.12
CA PRO A 166 -2.96 36.53 21.24
C PRO A 166 -3.17 36.08 19.79
N ARG A 167 -3.58 37.04 18.97
CA ARG A 167 -3.64 36.97 17.48
C ARG A 167 -2.50 36.12 16.94
N VAL A 168 -2.82 35.16 16.06
CA VAL A 168 -1.84 34.34 15.30
C VAL A 168 -1.44 35.13 14.04
N ASP A 169 -0.15 35.39 13.85
CA ASP A 169 0.33 36.17 12.67
C ASP A 169 0.51 35.20 11.49
N LEU A 170 1.16 34.07 11.72
CA LEU A 170 1.49 33.05 10.69
C LEU A 170 1.02 31.69 11.20
N LEU A 171 0.21 31.00 10.41
CA LEU A 171 -0.17 29.60 10.69
C LEU A 171 0.45 28.71 9.62
N ILE A 172 1.19 27.70 10.08
CA ILE A 172 1.88 26.70 9.23
C ILE A 172 1.23 25.34 9.45
N ARG A 173 0.73 24.73 8.38
CA ARG A 173 0.07 23.41 8.49
C ARG A 173 0.81 22.42 7.62
N TRP A 174 1.26 21.32 8.23
CA TRP A 174 1.82 20.15 7.54
C TRP A 174 0.66 19.23 7.08
N GLY A 175 0.95 18.35 6.14
CA GLY A 175 0.03 17.29 5.68
C GLY A 175 -0.87 17.73 4.55
N GLY A 176 -0.62 18.90 3.96
CA GLY A 176 -1.18 19.27 2.64
C GLY A 176 -2.62 19.75 2.66
N ARG A 177 -3.30 19.81 3.80
CA ARG A 177 -4.69 20.34 3.84
C ARG A 177 -4.64 21.85 4.11
N CYS A 178 -5.45 22.64 3.42
CA CYS A 178 -5.54 24.10 3.66
C CYS A 178 -6.84 24.36 4.43
N ARG A 179 -6.76 24.20 5.73
CA ARG A 179 -7.91 24.35 6.64
C ARG A 179 -7.44 24.56 8.08
N LEU A 180 -8.29 25.16 8.91
CA LEU A 180 -7.97 25.48 10.31
C LEU A 180 -8.29 24.31 11.24
N SER A 181 -9.21 23.42 10.86
CA SER A 181 -9.68 22.31 11.74
C SER A 181 -10.04 22.89 13.12
N GLY A 182 -10.64 24.08 13.14
CA GLY A 182 -11.17 24.70 14.38
C GLY A 182 -10.06 25.20 15.28
N MET A 183 -8.86 25.47 14.77
CA MET A 183 -7.80 26.04 15.63
C MET A 183 -8.09 27.52 15.89
N LEU A 184 -8.35 27.89 17.15
CA LEU A 184 -8.40 29.29 17.63
C LEU A 184 -9.16 30.20 16.66
N PRO A 185 -10.48 30.01 16.44
CA PRO A 185 -11.23 30.84 15.48
C PRO A 185 -10.99 32.35 15.68
N VAL A 186 -10.93 32.82 16.92
CA VAL A 186 -10.81 34.27 17.23
C VAL A 186 -9.41 34.75 16.80
N GLN A 187 -8.36 34.06 17.21
CA GLN A 187 -6.96 34.51 16.98
C GLN A 187 -6.56 34.34 15.51
N THR A 188 -7.27 33.51 14.72
CA THR A 188 -6.84 33.17 13.33
C THR A 188 -7.62 33.97 12.26
N VAL A 189 -8.48 34.91 12.64
CA VAL A 189 -9.36 35.63 11.67
C VAL A 189 -8.51 36.30 10.57
N TYR A 190 -7.34 36.87 10.88
CA TYR A 190 -6.50 37.57 9.88
C TYR A 190 -5.16 36.83 9.64
N SER A 191 -4.97 35.62 10.15
CA SER A 191 -3.69 34.86 10.07
C SER A 191 -3.32 34.56 8.62
N ASP A 192 -2.06 34.77 8.23
CA ASP A 192 -1.50 34.28 6.95
C ASP A 192 -1.18 32.79 7.10
N ILE A 193 -1.75 31.98 6.21
CA ILE A 193 -1.70 30.50 6.30
C ILE A 193 -0.73 29.97 5.25
N TYR A 194 0.22 29.12 5.66
CA TYR A 194 1.20 28.46 4.76
C TYR A 194 1.06 26.94 4.92
N VAL A 195 0.78 26.25 3.81
CA VAL A 195 0.59 24.77 3.84
C VAL A 195 1.87 24.10 3.31
N VAL A 196 2.38 23.17 4.10
CA VAL A 196 3.48 22.25 3.69
C VAL A 196 2.84 20.95 3.21
N ASP A 197 3.22 20.45 2.03
CA ASP A 197 2.57 19.25 1.45
C ASP A 197 3.03 17.99 2.18
N GLU A 198 4.27 17.96 2.67
CA GLU A 198 4.79 16.78 3.39
C GLU A 198 4.07 16.63 4.73
N MET A 199 3.85 15.38 5.13
CA MET A 199 3.25 14.99 6.44
C MET A 199 4.19 15.46 7.55
N TRP A 200 3.62 15.76 8.72
CA TRP A 200 4.37 16.34 9.85
C TRP A 200 5.64 15.56 10.17
N PRO A 201 5.65 14.21 10.26
CA PRO A 201 6.87 13.50 10.61
C PRO A 201 8.02 13.67 9.60
N ASP A 202 7.72 14.17 8.39
CA ASP A 202 8.74 14.47 7.34
C ASP A 202 9.18 15.94 7.43
N PHE A 203 8.90 16.60 8.56
CA PHE A 203 9.39 17.96 8.86
C PHE A 203 10.86 18.10 8.46
N LYS A 204 11.18 19.20 7.79
CA LYS A 204 12.56 19.66 7.50
C LYS A 204 12.62 21.15 7.83
N PRO A 205 13.75 21.67 8.36
CA PRO A 205 13.88 23.12 8.62
C PRO A 205 13.48 24.00 7.42
N GLU A 206 13.72 23.56 6.18
CA GLU A 206 13.37 24.33 4.96
C GLU A 206 11.85 24.58 4.89
N HIS A 207 11.02 23.67 5.41
CA HIS A 207 9.54 23.87 5.53
C HIS A 207 9.29 25.19 6.28
N LEU A 208 9.86 25.32 7.47
CA LEU A 208 9.72 26.53 8.33
C LEU A 208 10.34 27.75 7.64
N PHE A 209 11.53 27.63 7.03
CA PHE A 209 12.20 28.79 6.38
C PHE A 209 11.30 29.33 5.25
N LYS A 210 10.74 28.43 4.44
CA LYS A 210 9.87 28.81 3.29
C LYS A 210 8.60 29.47 3.82
N ALA A 211 8.04 29.00 4.94
CA ALA A 211 6.86 29.63 5.57
C ALA A 211 7.19 31.08 5.97
N LEU A 212 8.36 31.29 6.56
CA LEU A 212 8.80 32.64 7.05
C LEU A 212 9.11 33.55 5.86
N GLU A 213 9.66 33.01 4.77
CA GLU A 213 9.88 33.77 3.51
C GLU A 213 8.52 34.20 2.96
N PHE A 214 7.55 33.28 2.93
CA PHE A 214 6.14 33.57 2.58
C PHE A 214 5.62 34.73 3.44
N TYR A 215 5.78 34.66 4.77
CA TYR A 215 5.24 35.68 5.70
C TYR A 215 5.85 37.06 5.41
N GLN A 216 7.17 37.13 5.24
CA GLN A 216 7.86 38.45 5.05
C GLN A 216 7.49 39.01 3.67
N ASN A 217 6.98 38.19 2.76
CA ASN A 217 6.48 38.62 1.42
C ASN A 217 5.03 39.12 1.49
N GLN A 218 4.31 38.90 2.60
CA GLN A 218 2.88 39.28 2.73
C GLN A 218 2.73 40.74 3.14
N ASP A 219 1.68 41.41 2.66
CA ASP A 219 1.23 42.76 3.09
C ASP A 219 -0.17 42.64 3.70
N GLY B 3 -26.45 33.27 -19.24
CA GLY B 3 -25.34 34.20 -19.58
C GLY B 3 -24.81 33.93 -20.98
N TYR B 4 -23.77 33.08 -21.08
CA TYR B 4 -23.21 32.57 -22.36
C TYR B 4 -22.79 31.11 -22.16
N GLN B 5 -22.55 30.39 -23.26
CA GLN B 5 -22.30 28.93 -23.23
C GLN B 5 -20.86 28.67 -22.79
N MET B 6 -20.70 27.75 -21.85
CA MET B 6 -19.38 27.29 -21.39
C MET B 6 -19.29 25.77 -21.57
N ASP B 7 -18.07 25.24 -21.53
CA ASP B 7 -17.81 23.79 -21.45
C ASP B 7 -17.35 23.52 -20.03
N ILE B 8 -18.29 23.16 -19.15
CA ILE B 8 -18.01 22.98 -17.71
C ILE B 8 -17.60 21.52 -17.46
N PRO B 9 -16.45 21.27 -16.82
CA PRO B 9 -16.04 19.91 -16.47
C PRO B 9 -17.10 19.19 -15.63
N LYS B 10 -17.06 17.85 -15.64
CA LYS B 10 -17.94 17.01 -14.77
C LYS B 10 -17.16 16.77 -13.48
N PHE B 11 -17.81 16.94 -12.32
CA PHE B 11 -17.21 16.79 -10.98
C PHE B 11 -17.80 15.54 -10.32
N LYS B 12 -16.97 14.72 -9.70
CA LYS B 12 -17.38 13.51 -8.93
C LYS B 12 -18.06 13.93 -7.62
N ARG B 13 -17.65 15.06 -7.04
CA ARG B 13 -18.17 15.57 -5.74
C ARG B 13 -18.28 17.09 -5.83
N LEU B 14 -19.36 17.65 -5.29
CA LEU B 14 -19.59 19.12 -5.25
C LEU B 14 -19.84 19.57 -3.82
N PRO B 15 -19.33 20.76 -3.43
CA PRO B 15 -19.60 21.33 -2.12
C PRO B 15 -21.05 21.81 -2.07
N ARG B 16 -21.72 21.63 -0.94
CA ARG B 16 -23.07 22.23 -0.70
C ARG B 16 -22.94 23.76 -0.68
N HIS B 17 -21.92 24.29 -0.01
CA HIS B 17 -21.79 25.74 0.29
C HIS B 17 -20.39 26.24 -0.06
N ILE B 18 -20.32 27.18 -0.99
CA ILE B 18 -19.05 27.82 -1.40
C ILE B 18 -19.04 29.22 -0.81
N ALA B 19 -17.94 29.61 -0.19
CA ALA B 19 -17.68 31.02 0.18
C ALA B 19 -16.69 31.60 -0.82
N ILE B 20 -16.94 32.84 -1.22
CA ILE B 20 -16.11 33.58 -2.19
C ILE B 20 -15.52 34.80 -1.47
N ILE B 21 -14.19 34.95 -1.51
CA ILE B 21 -13.52 36.20 -1.07
C ILE B 21 -12.97 36.89 -2.30
N PRO B 22 -13.70 37.91 -2.82
CA PRO B 22 -13.35 38.58 -4.08
C PRO B 22 -12.32 39.70 -3.86
N ASP B 23 -11.10 39.33 -3.45
CA ASP B 23 -10.02 40.25 -3.02
C ASP B 23 -9.13 40.63 -4.22
N GLY B 24 -8.43 41.78 -4.15
CA GLY B 24 -7.40 42.18 -5.12
C GLY B 24 -7.84 43.31 -6.04
N ASN B 25 -8.94 44.00 -5.72
CA ASN B 25 -9.55 45.06 -6.57
C ASN B 25 -8.63 46.27 -6.68
N ARG B 26 -7.99 46.66 -5.57
CA ARG B 26 -7.13 47.88 -5.54
C ARG B 26 -5.82 47.59 -6.29
N ARG B 27 -5.20 46.44 -6.05
CA ARG B 27 -3.95 46.04 -6.76
C ARG B 27 -4.23 45.94 -8.26
N TRP B 28 -5.38 45.36 -8.63
CA TRP B 28 -5.82 45.23 -10.05
C TRP B 28 -5.88 46.61 -10.71
N ALA B 29 -6.52 47.57 -10.04
CA ALA B 29 -6.72 48.95 -10.56
C ALA B 29 -5.37 49.65 -10.72
N LEU B 30 -4.51 49.60 -9.70
CA LEU B 30 -3.16 50.21 -9.71
C LEU B 30 -2.31 49.61 -10.83
N ALA B 31 -2.38 48.28 -11.03
CA ALA B 31 -1.65 47.56 -12.09
C ALA B 31 -2.07 48.05 -13.49
N ARG B 32 -3.29 48.59 -13.61
CA ARG B 32 -3.84 49.15 -14.87
C ARG B 32 -3.73 50.68 -14.88
N GLY B 33 -2.96 51.26 -13.96
CA GLY B 33 -2.74 52.71 -13.85
C GLY B 33 -4.04 53.46 -13.57
N LEU B 34 -5.05 52.79 -12.99
CA LEU B 34 -6.29 53.45 -12.51
C LEU B 34 -6.09 53.83 -11.05
N GLU B 35 -6.98 54.64 -10.49
CA GLU B 35 -7.01 54.98 -9.04
C GLU B 35 -7.48 53.73 -8.27
N LYS B 36 -7.00 53.56 -7.04
CA LYS B 36 -7.20 52.36 -6.18
C LYS B 36 -8.67 51.94 -6.16
N HIS B 37 -9.58 52.90 -5.99
CA HIS B 37 -11.04 52.67 -5.73
C HIS B 37 -11.77 52.24 -7.02
N GLU B 38 -11.11 52.29 -8.18
CA GLU B 38 -11.76 52.06 -9.50
C GLU B 38 -11.89 50.55 -9.79
N GLY B 39 -11.27 49.68 -8.98
CA GLY B 39 -11.29 48.23 -9.23
C GLY B 39 -12.65 47.60 -8.93
N TYR B 40 -13.38 48.12 -7.94
CA TYR B 40 -14.63 47.50 -7.44
C TYR B 40 -15.66 47.40 -8.56
N SER B 41 -15.75 48.43 -9.41
CA SER B 41 -16.75 48.48 -10.50
C SER B 41 -16.45 47.38 -11.54
N SER B 42 -15.22 46.85 -11.57
CA SER B 42 -14.82 45.72 -12.45
C SER B 42 -14.96 44.35 -11.74
N GLY B 43 -15.50 44.33 -10.52
CA GLY B 43 -15.75 43.10 -9.74
C GLY B 43 -17.16 42.54 -9.89
N ILE B 44 -18.05 43.21 -10.63
CA ILE B 44 -19.49 42.80 -10.65
C ILE B 44 -19.68 41.64 -11.65
N ILE B 45 -19.16 41.76 -12.87
CA ILE B 45 -19.34 40.72 -13.93
C ILE B 45 -18.70 39.40 -13.48
N PRO B 46 -17.51 39.39 -12.84
CA PRO B 46 -16.96 38.17 -12.25
C PRO B 46 -17.96 37.45 -11.31
N GLY B 47 -18.62 38.20 -10.43
CA GLY B 47 -19.66 37.65 -9.52
C GLY B 47 -20.75 36.97 -10.32
N LEU B 48 -21.20 37.58 -11.41
CA LEU B 48 -22.28 37.05 -12.28
C LEU B 48 -21.80 35.79 -12.99
N GLU B 49 -20.53 35.74 -13.43
CA GLU B 49 -19.94 34.52 -14.03
C GLU B 49 -19.91 33.39 -12.98
N VAL B 50 -19.54 33.68 -11.73
CA VAL B 50 -19.54 32.69 -10.62
C VAL B 50 -20.98 32.19 -10.42
N TYR B 51 -21.93 33.11 -10.33
CA TYR B 51 -23.37 32.77 -10.17
C TYR B 51 -23.79 31.82 -11.30
N ASP B 52 -23.55 32.21 -12.55
CA ASP B 52 -23.96 31.42 -13.75
C ASP B 52 -23.38 30.01 -13.67
N ILE B 53 -22.08 29.87 -13.39
CA ILE B 53 -21.42 28.54 -13.30
C ILE B 53 -22.08 27.72 -12.19
N CYS B 54 -22.23 28.31 -11.01
CA CYS B 54 -22.78 27.60 -9.82
C CYS B 54 -24.22 27.11 -10.13
N VAL B 55 -25.02 27.94 -10.80
CA VAL B 55 -26.40 27.54 -11.19
C VAL B 55 -26.32 26.35 -12.15
N LYS B 56 -25.46 26.42 -13.15
CA LYS B 56 -25.31 25.37 -14.19
C LYS B 56 -24.92 24.03 -13.52
N ILE B 57 -23.97 24.04 -12.59
CA ILE B 57 -23.45 22.76 -12.03
C ILE B 57 -24.34 22.31 -10.85
N GLY B 58 -25.18 23.20 -10.31
CA GLY B 58 -26.17 22.90 -9.26
C GLY B 58 -25.65 23.09 -7.84
N ILE B 59 -24.72 24.03 -7.62
CA ILE B 59 -24.24 24.42 -6.26
C ILE B 59 -25.44 24.98 -5.49
N GLY B 60 -25.66 24.50 -4.27
CA GLY B 60 -26.83 24.83 -3.41
C GLY B 60 -26.78 26.24 -2.85
N GLU B 61 -25.59 26.70 -2.46
CA GLU B 61 -25.43 27.94 -1.65
C GLU B 61 -24.06 28.56 -1.92
N VAL B 62 -24.04 29.87 -2.14
CA VAL B 62 -22.78 30.64 -2.36
C VAL B 62 -22.88 31.89 -1.49
N THR B 63 -21.86 32.13 -0.68
CA THR B 63 -21.75 33.35 0.15
C THR B 63 -20.60 34.20 -0.39
N PHE B 64 -20.90 35.44 -0.75
CA PHE B 64 -19.93 36.47 -1.21
C PHE B 64 -19.56 37.38 -0.05
N PHE B 65 -18.27 37.52 0.22
CA PHE B 65 -17.70 38.54 1.13
C PHE B 65 -17.78 39.89 0.44
N GLY B 66 -18.70 40.77 0.86
CA GLY B 66 -18.90 42.10 0.22
C GLY B 66 -18.00 43.16 0.83
N PHE B 67 -18.29 43.60 2.05
CA PHE B 67 -17.35 44.44 2.84
C PHE B 67 -17.59 44.22 4.35
N THR B 68 -16.54 44.48 5.12
CA THR B 68 -16.50 44.32 6.58
C THR B 68 -16.60 45.69 7.27
N GLN B 69 -16.86 45.67 8.57
CA GLN B 69 -16.84 46.89 9.43
C GLN B 69 -15.42 47.48 9.41
N ASP B 70 -14.40 46.61 9.48
CA ASP B 70 -12.97 46.99 9.40
C ASP B 70 -12.69 47.73 8.08
N ASN B 71 -13.25 47.27 6.96
CA ASN B 71 -13.09 47.91 5.62
C ASN B 71 -13.58 49.36 5.65
N THR B 72 -14.54 49.68 6.52
CA THR B 72 -15.15 51.04 6.61
C THR B 72 -14.18 52.01 7.31
N LYS B 73 -12.98 51.56 7.69
CA LYS B 73 -11.88 52.43 8.20
C LYS B 73 -11.12 53.05 7.02
N ARG B 74 -11.29 52.50 5.81
CA ARG B 74 -10.60 52.94 4.57
C ARG B 74 -11.09 54.33 4.18
N PRO B 75 -10.37 55.05 3.28
CA PRO B 75 -10.82 56.35 2.76
C PRO B 75 -12.25 56.35 2.22
N GLN B 76 -12.97 57.47 2.41
CA GLN B 76 -14.36 57.69 1.97
C GLN B 76 -14.50 57.30 0.49
N ILE B 77 -13.54 57.68 -0.36
CA ILE B 77 -13.62 57.46 -1.83
C ILE B 77 -13.67 55.94 -2.09
N GLN B 78 -12.92 55.14 -1.34
CA GLN B 78 -12.92 53.66 -1.42
C GLN B 78 -14.24 53.11 -0.87
N ARG B 79 -14.70 53.58 0.30
CA ARG B 79 -15.96 53.13 0.96
C ARG B 79 -17.14 53.32 -0.01
N LYS B 80 -17.24 54.50 -0.63
CA LYS B 80 -18.30 54.80 -1.62
C LYS B 80 -18.22 53.81 -2.78
N ALA B 81 -17.00 53.54 -3.27
CA ALA B 81 -16.74 52.67 -4.45
C ALA B 81 -17.17 51.24 -4.11
N PHE B 82 -16.69 50.64 -3.00
CA PHE B 82 -17.00 49.21 -2.72
C PHE B 82 -18.46 49.08 -2.28
N THR B 83 -19.05 50.07 -1.61
CA THR B 83 -20.49 50.04 -1.22
C THR B 83 -21.38 50.05 -2.47
N ASP B 84 -21.11 50.99 -3.38
CA ASP B 84 -21.81 51.11 -4.69
C ASP B 84 -21.74 49.75 -5.40
N ALA B 85 -20.56 49.14 -5.47
CA ALA B 85 -20.35 47.90 -6.23
C ALA B 85 -21.12 46.75 -5.55
N CYS B 86 -21.12 46.69 -4.22
CA CYS B 86 -21.88 45.67 -3.45
C CYS B 86 -23.39 45.84 -3.71
N ILE B 87 -23.87 47.08 -3.69
CA ILE B 87 -25.31 47.35 -3.97
C ILE B 87 -25.61 46.81 -5.38
N LYS B 88 -24.77 47.14 -6.37
CA LYS B 88 -25.01 46.75 -7.79
C LYS B 88 -25.02 45.21 -7.87
N SER B 89 -24.08 44.53 -7.22
CA SER B 89 -23.97 43.05 -7.23
C SER B 89 -25.28 42.42 -6.74
N VAL B 90 -25.81 42.88 -5.61
CA VAL B 90 -27.09 42.33 -5.06
C VAL B 90 -28.22 42.59 -6.06
N GLN B 91 -28.30 43.81 -6.59
CA GLN B 91 -29.33 44.23 -7.57
C GLN B 91 -29.25 43.35 -8.82
N GLU B 92 -28.04 43.01 -9.28
CA GLU B 92 -27.86 42.16 -10.48
C GLU B 92 -28.34 40.74 -10.19
N ILE B 93 -28.02 40.16 -9.03
CA ILE B 93 -28.54 38.81 -8.67
C ILE B 93 -30.08 38.89 -8.59
N ALA B 94 -30.62 40.01 -8.10
CA ALA B 94 -32.07 40.25 -7.93
C ALA B 94 -32.77 40.31 -9.30
N LYS B 95 -32.04 40.45 -10.41
CA LYS B 95 -32.58 40.37 -11.80
C LYS B 95 -32.62 38.92 -12.30
N ARG B 96 -32.13 37.96 -11.52
CA ARG B 96 -31.94 36.56 -11.99
C ARG B 96 -32.78 35.62 -11.14
N ASP B 97 -32.34 34.36 -10.98
CA ASP B 97 -33.05 33.30 -10.22
C ASP B 97 -32.21 32.99 -9.00
N ALA B 98 -32.68 33.39 -7.83
CA ALA B 98 -31.92 33.20 -6.56
C ALA B 98 -32.83 33.41 -5.36
N GLU B 99 -32.42 32.83 -4.23
CA GLU B 99 -32.88 33.19 -2.88
C GLU B 99 -31.77 34.01 -2.24
N ILE B 100 -31.99 35.32 -2.12
CA ILE B 100 -30.96 36.31 -1.69
C ILE B 100 -31.09 36.56 -0.20
N LEU B 101 -29.95 36.51 0.51
CA LEU B 101 -29.84 37.00 1.90
C LEU B 101 -28.63 37.92 2.02
N VAL B 102 -28.83 39.08 2.62
CA VAL B 102 -27.75 40.01 3.03
C VAL B 102 -27.61 39.92 4.54
N VAL B 103 -26.40 39.63 5.03
CA VAL B 103 -26.10 39.57 6.48
C VAL B 103 -25.06 40.64 6.78
N GLY B 104 -25.33 41.44 7.82
CA GLY B 104 -24.41 42.46 8.30
C GLY B 104 -25.10 43.37 9.28
N ASN B 105 -24.36 44.34 9.80
CA ASN B 105 -24.85 45.22 10.88
C ASN B 105 -25.70 46.32 10.23
N THR B 106 -27.01 46.18 10.32
CA THR B 106 -28.01 47.15 9.75
C THR B 106 -28.22 48.31 10.74
N ASN B 107 -27.66 48.23 11.95
CA ASN B 107 -27.74 49.31 12.97
C ASN B 107 -26.53 50.24 12.82
N SER B 108 -26.35 50.76 11.61
CA SER B 108 -25.19 51.59 11.20
C SER B 108 -25.55 52.41 9.96
N ASP B 109 -25.19 53.69 9.95
CA ASP B 109 -25.37 54.64 8.82
C ASP B 109 -24.71 54.04 7.57
N ILE B 110 -23.65 53.25 7.77
CA ILE B 110 -22.81 52.65 6.69
C ILE B 110 -23.65 51.63 5.90
N PHE B 111 -24.58 50.92 6.54
CA PHE B 111 -25.39 49.86 5.86
C PHE B 111 -26.32 50.50 4.84
N PRO B 112 -26.19 50.16 3.53
CA PRO B 112 -27.00 50.81 2.51
C PRO B 112 -28.50 50.46 2.61
N GLU B 113 -29.33 51.50 2.68
CA GLU B 113 -30.82 51.38 2.72
C GLU B 113 -31.29 50.45 1.59
N GLU B 114 -30.63 50.50 0.42
CA GLU B 114 -31.01 49.75 -0.82
C GLU B 114 -31.08 48.24 -0.55
N LEU B 115 -30.34 47.74 0.44
CA LEU B 115 -30.16 46.28 0.67
C LEU B 115 -30.98 45.82 1.88
N LEU B 116 -31.69 46.73 2.56
CA LEU B 116 -32.49 46.35 3.77
C LEU B 116 -33.53 45.29 3.38
N GLU B 117 -34.08 45.36 2.17
CA GLU B 117 -35.17 44.45 1.72
C GLU B 117 -34.64 43.01 1.61
N TYR B 118 -33.31 42.82 1.50
CA TYR B 118 -32.67 41.49 1.33
C TYR B 118 -32.14 40.93 2.66
N THR B 119 -32.45 41.57 3.80
CA THR B 119 -31.93 41.13 5.13
C THR B 119 -32.81 40.01 5.69
N LYS B 120 -33.88 39.66 4.97
CA LYS B 120 -34.59 38.36 5.13
C LYS B 120 -34.57 37.67 3.77
N ARG B 121 -34.40 36.36 3.76
CA ARG B 121 -34.15 35.61 2.51
C ARG B 121 -35.32 35.86 1.55
N THR B 122 -35.00 36.30 0.34
CA THR B 122 -35.96 36.79 -0.68
C THR B 122 -35.80 35.96 -1.95
N LYS B 123 -36.91 35.39 -2.43
CA LYS B 123 -36.95 34.65 -3.71
C LYS B 123 -37.02 35.68 -4.85
N VAL B 124 -36.14 35.56 -5.83
CA VAL B 124 -36.21 36.33 -7.10
C VAL B 124 -36.22 35.32 -8.26
N GLY B 125 -36.99 35.60 -9.31
CA GLY B 125 -37.23 34.66 -10.43
C GLY B 125 -37.63 33.30 -9.90
N LYS B 126 -36.97 32.23 -10.38
CA LYS B 126 -37.32 30.82 -10.09
C LYS B 126 -36.60 30.34 -8.81
N GLY B 127 -35.81 31.21 -8.17
CA GLY B 127 -35.10 30.92 -6.91
C GLY B 127 -34.16 29.74 -7.06
N LYS B 128 -34.26 28.77 -6.16
CA LYS B 128 -33.48 27.51 -6.09
C LYS B 128 -32.14 27.79 -5.38
N ILE B 129 -31.20 28.46 -6.06
CA ILE B 129 -29.83 28.67 -5.49
C ILE B 129 -29.90 29.77 -4.44
N LYS B 130 -29.25 29.54 -3.30
CA LYS B 130 -29.13 30.51 -2.20
C LYS B 130 -27.87 31.34 -2.45
N ILE B 131 -28.05 32.67 -2.54
CA ILE B 131 -26.93 33.62 -2.73
C ILE B 131 -26.91 34.52 -1.51
N ASN B 132 -25.82 34.49 -0.75
CA ASN B 132 -25.66 35.30 0.49
C ASN B 132 -24.61 36.36 0.20
N PHE B 133 -24.77 37.52 0.82
CA PHE B 133 -23.79 38.63 0.78
C PHE B 133 -23.53 39.09 2.20
N LEU B 134 -22.25 39.25 2.52
CA LEU B 134 -21.81 39.84 3.80
C LEU B 134 -21.52 41.32 3.55
N ILE B 135 -22.37 42.19 4.11
CA ILE B 135 -22.39 43.66 3.87
C ILE B 135 -22.33 44.36 5.21
N ASN B 136 -21.27 45.12 5.49
CA ASN B 136 -21.03 45.74 6.82
C ASN B 136 -20.97 44.60 7.85
N TYR B 137 -20.35 43.50 7.48
CA TYR B 137 -20.20 42.29 8.33
C TYR B 137 -18.92 42.45 9.14
N GLY B 138 -18.92 41.97 10.39
CA GLY B 138 -17.70 41.85 11.20
C GLY B 138 -17.75 40.59 12.03
N TRP B 139 -16.65 39.84 12.09
CA TRP B 139 -16.54 38.59 12.87
C TRP B 139 -16.89 38.88 14.34
N TYR B 140 -16.45 40.01 14.88
CA TYR B 140 -16.64 40.40 16.30
C TYR B 140 -18.13 40.70 16.55
N TRP B 141 -18.73 41.51 15.68
CA TRP B 141 -20.19 41.81 15.66
C TRP B 141 -20.99 40.50 15.61
N ASP B 142 -20.55 39.53 14.81
CA ASP B 142 -21.27 38.25 14.55
C ASP B 142 -21.28 37.41 15.83
N LEU B 143 -20.11 37.18 16.45
CA LEU B 143 -19.99 36.38 17.69
C LEU B 143 -20.70 37.10 18.85
N THR B 144 -20.50 38.41 19.00
CA THR B 144 -21.00 39.18 20.16
C THR B 144 -22.53 39.36 20.06
N TYR B 145 -23.10 39.24 18.86
CA TYR B 145 -24.57 39.24 18.64
C TYR B 145 -25.19 38.14 19.51
N ALA B 146 -24.53 36.98 19.56
CA ALA B 146 -24.94 35.78 20.31
C ALA B 146 -24.82 36.03 21.82
N TYR B 147 -23.65 36.48 22.29
CA TYR B 147 -23.33 36.74 23.72
C TYR B 147 -24.39 37.64 24.37
N ASP B 148 -25.01 38.53 23.58
CA ASP B 148 -26.05 39.48 24.04
C ASP B 148 -27.42 38.78 24.03
N ASN B 149 -27.82 38.23 22.87
CA ASN B 149 -29.22 37.83 22.56
C ASN B 149 -29.43 36.33 22.84
N SER B 150 -28.48 35.65 23.47
CA SER B 150 -28.58 34.23 23.89
C SER B 150 -28.09 34.09 25.34
N PRO B 151 -28.91 33.52 26.25
CA PRO B 151 -28.57 33.46 27.67
C PRO B 151 -27.74 32.23 28.09
N ASP B 152 -27.86 31.13 27.34
CA ASP B 152 -27.61 29.76 27.82
C ASP B 152 -26.13 29.40 27.62
N GLY B 153 -25.64 29.42 26.38
CA GLY B 153 -24.27 29.01 26.01
C GLY B 153 -24.28 28.12 24.79
N LYS B 154 -24.95 26.97 24.88
CA LYS B 154 -25.27 26.08 23.73
C LYS B 154 -26.18 26.84 22.75
N LYS B 155 -26.98 27.77 23.26
CA LYS B 155 -27.90 28.64 22.46
C LYS B 155 -27.10 29.73 21.76
N MET B 156 -26.08 30.30 22.43
CA MET B 156 -25.15 31.32 21.88
C MET B 156 -24.85 30.98 20.40
N ILE B 157 -24.25 29.82 20.15
CA ILE B 157 -23.75 29.38 18.82
C ILE B 157 -24.88 29.45 17.79
N GLU B 158 -26.08 29.00 18.16
CA GLU B 158 -27.25 28.90 17.26
C GLU B 158 -27.77 30.31 16.93
N ASN B 159 -27.34 31.34 17.69
CA ASN B 159 -27.91 32.71 17.64
C ASN B 159 -26.83 33.75 17.32
N ILE B 160 -25.70 33.34 16.73
CA ILE B 160 -24.77 34.32 16.09
C ILE B 160 -25.55 35.05 15.01
N ALA B 161 -25.09 36.23 14.63
CA ALA B 161 -25.76 37.11 13.63
C ALA B 161 -25.88 36.40 12.28
N SER B 162 -24.90 35.57 11.90
CA SER B 162 -24.88 34.84 10.61
C SER B 162 -25.52 33.45 10.72
N ALA B 163 -26.35 33.18 11.73
CA ALA B 163 -26.88 31.83 12.03
C ALA B 163 -27.64 31.22 10.85
N GLU B 164 -28.24 32.03 9.97
CA GLU B 164 -28.98 31.51 8.80
C GLU B 164 -27.99 30.92 7.79
N ILE B 165 -26.70 31.27 7.89
CA ILE B 165 -25.67 30.79 6.92
C ILE B 165 -25.00 29.54 7.49
N PRO B 166 -25.11 28.40 6.76
CA PRO B 166 -24.60 27.14 7.28
C PRO B 166 -23.09 27.01 7.03
N ARG B 167 -22.53 25.92 7.55
CA ARG B 167 -21.10 25.53 7.39
C ARG B 167 -20.65 25.76 5.95
N VAL B 168 -19.48 26.36 5.78
CA VAL B 168 -18.82 26.58 4.47
C VAL B 168 -17.98 25.33 4.17
N ASP B 169 -18.25 24.67 3.05
CA ASP B 169 -17.50 23.47 2.59
C ASP B 169 -16.20 23.90 1.91
N LEU B 170 -16.31 24.85 0.99
CA LEU B 170 -15.18 25.29 0.12
C LEU B 170 -15.15 26.82 0.15
N LEU B 171 -14.00 27.37 0.51
CA LEU B 171 -13.76 28.82 0.49
C LEU B 171 -12.70 29.09 -0.58
N ILE B 172 -13.05 29.97 -1.52
CA ILE B 172 -12.16 30.36 -2.63
C ILE B 172 -11.84 31.85 -2.47
N ARG B 173 -10.56 32.18 -2.41
CA ARG B 173 -10.09 33.56 -2.22
C ARG B 173 -9.24 33.96 -3.43
N TRP B 174 -9.63 35.05 -4.09
CA TRP B 174 -8.83 35.70 -5.15
C TRP B 174 -7.82 36.66 -4.50
N GLY B 175 -6.79 37.06 -5.24
CA GLY B 175 -5.82 38.10 -4.84
C GLY B 175 -4.60 37.52 -4.12
N GLY B 176 -4.44 36.20 -4.13
CA GLY B 176 -3.21 35.50 -3.72
C GLY B 176 -2.91 35.49 -2.23
N ARG B 177 -3.78 36.00 -1.35
CA ARG B 177 -3.54 35.94 0.13
C ARG B 177 -4.26 34.71 0.67
N CYS B 178 -3.57 33.92 1.49
CA CYS B 178 -4.20 32.77 2.20
C CYS B 178 -4.58 33.19 3.61
N ARG B 179 -5.78 33.76 3.76
CA ARG B 179 -6.28 34.28 5.06
C ARG B 179 -7.80 34.44 4.93
N LEU B 180 -8.51 34.39 6.06
CA LEU B 180 -10.00 34.43 6.08
C LEU B 180 -10.51 35.87 6.11
N SER B 181 -9.67 36.82 6.54
CA SER B 181 -10.07 38.22 6.86
C SER B 181 -11.37 38.26 7.69
N GLY B 182 -11.53 37.33 8.64
CA GLY B 182 -12.65 37.31 9.59
C GLY B 182 -13.97 36.95 8.94
N MET B 183 -13.94 36.22 7.83
CA MET B 183 -15.19 35.73 7.18
C MET B 183 -15.72 34.56 8.00
N LEU B 184 -16.89 34.71 8.61
CA LEU B 184 -17.69 33.62 9.22
C LEU B 184 -16.79 32.67 10.02
N PRO B 185 -16.16 33.11 11.12
CA PRO B 185 -15.26 32.25 11.88
C PRO B 185 -15.91 30.91 12.27
N VAL B 186 -17.21 30.91 12.61
CA VAL B 186 -17.90 29.67 13.07
C VAL B 186 -18.05 28.72 11.87
N GLN B 187 -18.57 29.23 10.77
CA GLN B 187 -18.91 28.39 9.59
C GLN B 187 -17.61 27.93 8.90
N THR B 188 -16.46 28.57 9.14
CA THR B 188 -15.21 28.29 8.37
C THR B 188 -14.21 27.45 9.18
N VAL B 189 -14.58 26.91 10.34
CA VAL B 189 -13.61 26.16 11.20
C VAL B 189 -13.01 24.96 10.44
N TYR B 190 -13.77 24.27 9.58
CA TYR B 190 -13.32 23.05 8.84
C TYR B 190 -13.22 23.32 7.33
N SER B 191 -13.51 24.56 6.88
CA SER B 191 -13.55 24.89 5.44
C SER B 191 -12.21 24.56 4.76
N ASP B 192 -12.29 23.88 3.63
CA ASP B 192 -11.15 23.70 2.68
C ASP B 192 -11.03 24.99 1.88
N ILE B 193 -9.83 25.56 1.89
CA ILE B 193 -9.54 26.91 1.36
C ILE B 193 -8.72 26.73 0.08
N TYR B 194 -9.17 27.37 -1.00
CA TYR B 194 -8.41 27.43 -2.28
C TYR B 194 -8.09 28.89 -2.57
N VAL B 195 -6.80 29.18 -2.81
CA VAL B 195 -6.35 30.56 -3.12
C VAL B 195 -6.05 30.65 -4.62
N VAL B 196 -6.67 31.62 -5.28
CA VAL B 196 -6.38 31.99 -6.69
C VAL B 196 -5.39 33.15 -6.64
N ASP B 197 -4.29 33.10 -7.40
CA ASP B 197 -3.24 34.16 -7.31
C ASP B 197 -3.70 35.41 -8.05
N GLU B 198 -4.50 35.26 -9.10
CA GLU B 198 -4.99 36.42 -9.86
C GLU B 198 -5.96 37.23 -9.01
N MET B 199 -6.01 38.53 -9.26
CA MET B 199 -6.91 39.48 -8.57
C MET B 199 -8.34 39.20 -9.05
N TRP B 200 -9.33 39.54 -8.23
CA TRP B 200 -10.75 39.19 -8.46
C TRP B 200 -11.23 39.67 -9.83
N PRO B 201 -10.95 40.91 -10.29
CA PRO B 201 -11.44 41.35 -11.61
C PRO B 201 -10.87 40.53 -12.77
N ASP B 202 -9.79 39.78 -12.57
CA ASP B 202 -9.20 38.87 -13.59
C ASP B 202 -9.80 37.47 -13.45
N PHE B 203 -10.94 37.34 -12.77
CA PHE B 203 -11.68 36.06 -12.66
C PHE B 203 -11.74 35.34 -14.00
N LYS B 204 -11.51 34.02 -14.00
CA LYS B 204 -11.77 33.15 -15.17
C LYS B 204 -12.53 31.93 -14.66
N PRO B 205 -13.47 31.35 -15.46
CA PRO B 205 -14.15 30.12 -15.04
C PRO B 205 -13.19 29.03 -14.54
N GLU B 206 -12.01 28.93 -15.17
CA GLU B 206 -10.96 27.94 -14.81
C GLU B 206 -10.56 28.08 -13.33
N HIS B 207 -10.62 29.28 -12.73
CA HIS B 207 -10.33 29.51 -11.29
C HIS B 207 -11.30 28.68 -10.44
N LEU B 208 -12.59 28.77 -10.75
CA LEU B 208 -13.65 28.01 -10.04
C LEU B 208 -13.50 26.51 -10.35
N PHE B 209 -13.21 26.13 -11.59
CA PHE B 209 -13.08 24.69 -11.95
C PHE B 209 -11.93 24.07 -11.16
N LYS B 210 -10.81 24.79 -11.01
CA LYS B 210 -9.60 24.27 -10.31
C LYS B 210 -9.90 24.18 -8.81
N ALA B 211 -10.66 25.13 -8.26
CA ALA B 211 -11.07 25.10 -6.84
C ALA B 211 -11.96 23.87 -6.58
N LEU B 212 -12.84 23.53 -7.52
CA LEU B 212 -13.80 22.40 -7.40
C LEU B 212 -13.05 21.07 -7.56
N GLU B 213 -12.07 21.01 -8.45
CA GLU B 213 -11.16 19.84 -8.59
C GLU B 213 -10.41 19.64 -7.27
N PHE B 214 -9.87 20.71 -6.67
CA PHE B 214 -9.25 20.71 -5.33
C PHE B 214 -10.22 20.13 -4.30
N TYR B 215 -11.44 20.67 -4.24
CA TYR B 215 -12.44 20.22 -3.25
C TYR B 215 -12.70 18.72 -3.37
N GLN B 216 -12.93 18.22 -4.59
CA GLN B 216 -13.34 16.81 -4.77
C GLN B 216 -12.14 15.89 -4.47
N ASN B 217 -10.93 16.44 -4.38
CA ASN B 217 -9.70 15.68 -4.07
C ASN B 217 -9.44 15.60 -2.56
N GLN B 218 -10.17 16.37 -1.74
CA GLN B 218 -9.86 16.47 -0.29
C GLN B 218 -10.54 15.29 0.42
N ASP B 219 -9.84 14.73 1.40
CA ASP B 219 -10.44 13.86 2.43
C ASP B 219 -11.07 14.81 3.48
N ILE B 220 -12.39 14.77 3.62
CA ILE B 220 -13.15 15.62 4.59
C ILE B 220 -13.51 14.74 5.79
N THR B 221 -12.67 14.77 6.81
CA THR B 221 -12.62 13.79 7.92
C THR B 221 -13.23 14.40 9.18
N LEU B 222 -13.21 15.74 9.29
CA LEU B 222 -13.74 16.50 10.44
C LEU B 222 -13.12 15.97 11.74
N GLY B 223 -11.81 15.71 11.72
CA GLY B 223 -11.03 15.30 12.91
C GLY B 223 -11.15 13.82 13.23
N GLY B 224 -11.97 13.08 12.48
CA GLY B 224 -12.13 11.62 12.62
C GLY B 224 -11.06 10.89 11.84
N ASP C 7 -19.98 -21.44 18.26
CA ASP C 7 -18.79 -21.59 17.37
C ASP C 7 -19.23 -21.39 15.92
N ILE C 8 -18.37 -20.79 15.09
CA ILE C 8 -18.64 -20.49 13.66
C ILE C 8 -18.33 -21.73 12.83
N PRO C 9 -19.30 -22.25 12.04
CA PRO C 9 -19.04 -23.38 11.14
C PRO C 9 -17.97 -23.03 10.08
N LYS C 10 -17.31 -24.05 9.54
CA LYS C 10 -16.34 -23.90 8.43
C LYS C 10 -17.12 -23.95 7.11
N PHE C 11 -16.82 -23.04 6.17
CA PHE C 11 -17.51 -22.88 4.87
C PHE C 11 -16.51 -23.08 3.73
N LYS C 12 -16.84 -23.96 2.78
CA LYS C 12 -16.00 -24.27 1.60
C LYS C 12 -15.97 -23.06 0.64
N ARG C 13 -17.11 -22.39 0.45
CA ARG C 13 -17.24 -21.15 -0.37
C ARG C 13 -17.81 -20.03 0.49
N LEU C 14 -17.29 -18.81 0.32
CA LEU C 14 -17.80 -17.60 1.01
C LEU C 14 -18.02 -16.48 -0.01
N PRO C 15 -19.09 -15.67 0.15
CA PRO C 15 -19.29 -14.51 -0.70
C PRO C 15 -18.22 -13.47 -0.37
N ARG C 16 -17.72 -12.74 -1.37
CA ARG C 16 -16.83 -11.56 -1.18
C ARG C 16 -17.64 -10.41 -0.60
N HIS C 17 -18.90 -10.25 -1.05
CA HIS C 17 -19.75 -9.09 -0.72
C HIS C 17 -21.15 -9.58 -0.30
N ILE C 18 -21.55 -9.27 0.92
CA ILE C 18 -22.88 -9.58 1.48
C ILE C 18 -23.65 -8.26 1.62
N ALA C 19 -24.88 -8.25 1.12
CA ALA C 19 -25.87 -7.17 1.39
C ALA C 19 -26.84 -7.66 2.48
N ILE C 20 -27.16 -6.76 3.40
CA ILE C 20 -28.06 -7.01 4.56
C ILE C 20 -29.24 -6.06 4.42
N ILE C 21 -30.44 -6.61 4.36
CA ILE C 21 -31.70 -5.82 4.51
C ILE C 21 -32.27 -6.11 5.89
N PRO C 22 -32.02 -5.19 6.85
CA PRO C 22 -32.41 -5.41 8.24
C PRO C 22 -33.89 -5.01 8.48
N ASP C 23 -34.82 -5.78 7.93
CA ASP C 23 -36.27 -5.42 7.87
C ASP C 23 -37.02 -6.03 9.07
N GLY C 24 -38.17 -5.43 9.44
CA GLY C 24 -39.12 -6.02 10.40
C GLY C 24 -39.10 -5.36 11.77
N ASN C 25 -38.49 -4.18 11.90
CA ASN C 25 -38.33 -3.47 13.21
C ASN C 25 -39.71 -3.06 13.75
N ARG C 26 -40.62 -2.59 12.91
CA ARG C 26 -41.96 -2.13 13.38
C ARG C 26 -42.81 -3.32 13.82
N ARG C 27 -42.84 -4.39 13.01
CA ARG C 27 -43.58 -5.64 13.36
C ARG C 27 -43.03 -6.20 14.67
N TRP C 28 -41.70 -6.21 14.82
CA TRP C 28 -41.02 -6.70 16.04
C TRP C 28 -41.54 -5.95 17.28
N ALA C 29 -41.57 -4.61 17.22
CA ALA C 29 -41.96 -3.72 18.33
C ALA C 29 -43.43 -3.95 18.69
N LEU C 30 -44.33 -3.96 17.69
CA LEU C 30 -45.79 -4.18 17.90
C LEU C 30 -46.01 -5.55 18.54
N ALA C 31 -45.29 -6.59 18.09
CA ALA C 31 -45.37 -7.97 18.63
C ALA C 31 -45.02 -8.00 20.12
N ARG C 32 -44.19 -7.05 20.59
CA ARG C 32 -43.70 -6.97 22.00
C ARG C 32 -44.54 -6.00 22.82
N GLY C 33 -45.60 -5.43 22.25
CA GLY C 33 -46.46 -4.43 22.88
C GLY C 33 -45.82 -3.05 22.93
N LEU C 34 -44.82 -2.80 22.08
CA LEU C 34 -44.14 -1.48 22.00
C LEU C 34 -44.82 -0.63 20.91
N GLU C 35 -44.46 0.64 20.84
CA GLU C 35 -44.85 1.58 19.75
C GLU C 35 -44.03 1.22 18.50
N LYS C 36 -44.57 1.49 17.31
CA LYS C 36 -43.98 1.11 15.99
C LYS C 36 -42.52 1.58 15.90
N HIS C 37 -42.20 2.77 16.41
CA HIS C 37 -40.88 3.44 16.25
C HIS C 37 -39.84 2.87 17.22
N GLU C 38 -40.22 1.96 18.12
CA GLU C 38 -39.38 1.53 19.27
C GLU C 38 -38.58 0.25 18.94
N GLY C 39 -38.59 -0.19 17.67
CA GLY C 39 -37.85 -1.38 17.21
C GLY C 39 -36.41 -1.07 16.81
N TYR C 40 -36.16 0.15 16.32
CA TYR C 40 -34.91 0.54 15.61
C TYR C 40 -33.70 0.48 16.55
N SER C 41 -33.82 0.93 17.79
CA SER C 41 -32.72 0.91 18.78
C SER C 41 -32.31 -0.54 19.09
N SER C 42 -33.20 -1.52 18.89
CA SER C 42 -32.93 -2.97 19.08
C SER C 42 -32.29 -3.59 17.82
N GLY C 43 -32.05 -2.80 16.78
CA GLY C 43 -31.38 -3.26 15.54
C GLY C 43 -29.87 -3.06 15.54
N ILE C 44 -29.28 -2.41 16.55
CA ILE C 44 -27.85 -1.99 16.50
C ILE C 44 -26.96 -3.20 16.84
N ILE C 45 -27.25 -3.89 17.94
CA ILE C 45 -26.44 -5.05 18.42
C ILE C 45 -26.46 -6.14 17.35
N PRO C 46 -27.60 -6.43 16.70
CA PRO C 46 -27.62 -7.36 15.56
C PRO C 46 -26.58 -7.03 14.48
N GLY C 47 -26.49 -5.75 14.09
CA GLY C 47 -25.45 -5.25 13.17
C GLY C 47 -24.06 -5.60 13.65
N LEU C 48 -23.80 -5.40 14.93
CA LEU C 48 -22.45 -5.66 15.50
C LEU C 48 -22.14 -7.16 15.48
N GLU C 49 -23.14 -8.00 15.72
CA GLU C 49 -22.99 -9.48 15.68
C GLU C 49 -22.64 -9.88 14.24
N VAL C 50 -23.31 -9.33 13.24
CA VAL C 50 -23.03 -9.59 11.80
C VAL C 50 -21.58 -9.18 11.49
N TYR C 51 -21.18 -7.99 11.94
CA TYR C 51 -19.80 -7.46 11.75
C TYR C 51 -18.80 -8.45 12.34
N ASP C 52 -19.01 -8.86 13.58
CA ASP C 52 -18.07 -9.76 14.32
C ASP C 52 -17.93 -11.08 13.55
N ILE C 53 -19.05 -11.70 13.14
CA ILE C 53 -19.04 -13.00 12.41
C ILE C 53 -18.28 -12.81 11.09
N CYS C 54 -18.62 -11.78 10.32
CA CYS C 54 -18.03 -11.51 8.97
C CYS C 54 -16.52 -11.32 9.11
N VAL C 55 -16.08 -10.54 10.09
CA VAL C 55 -14.63 -10.32 10.35
C VAL C 55 -13.99 -11.68 10.66
N LYS C 56 -14.61 -12.46 11.54
CA LYS C 56 -14.07 -13.77 11.99
C LYS C 56 -13.89 -14.71 10.79
N ILE C 57 -14.84 -14.78 9.85
CA ILE C 57 -14.74 -15.75 8.71
C ILE C 57 -14.03 -15.12 7.51
N GLY C 58 -13.77 -13.81 7.53
CA GLY C 58 -12.99 -13.11 6.49
C GLY C 58 -13.82 -12.63 5.32
N ILE C 59 -15.08 -12.23 5.56
CA ILE C 59 -15.91 -11.57 4.52
C ILE C 59 -15.28 -10.20 4.25
N GLY C 60 -15.02 -9.88 2.98
CA GLY C 60 -14.33 -8.65 2.55
C GLY C 60 -15.21 -7.41 2.69
N GLU C 61 -16.52 -7.54 2.40
CA GLU C 61 -17.39 -6.35 2.26
C GLU C 61 -18.82 -6.70 2.66
N VAL C 62 -19.43 -5.84 3.48
CA VAL C 62 -20.86 -5.93 3.88
C VAL C 62 -21.54 -4.57 3.65
N THR C 63 -22.67 -4.58 2.95
CA THR C 63 -23.52 -3.39 2.75
C THR C 63 -24.83 -3.55 3.53
N PHE C 64 -25.07 -2.63 4.45
CA PHE C 64 -26.33 -2.54 5.22
C PHE C 64 -27.27 -1.54 4.56
N PHE C 65 -28.52 -1.95 4.37
CA PHE C 65 -29.62 -1.08 3.91
C PHE C 65 -30.11 -0.31 5.13
N GLY C 66 -29.77 0.98 5.24
CA GLY C 66 -30.13 1.80 6.43
C GLY C 66 -31.53 2.35 6.36
N PHE C 67 -31.77 3.27 5.43
CA PHE C 67 -33.14 3.74 5.07
C PHE C 67 -33.13 4.36 3.67
N THR C 68 -34.31 4.38 3.05
CA THR C 68 -34.54 4.84 1.66
C THR C 68 -35.24 6.20 1.68
N GLN C 69 -35.24 6.89 0.55
CA GLN C 69 -36.04 8.12 0.34
C GLN C 69 -37.53 7.77 0.52
N ASP C 70 -37.97 6.61 0.02
CA ASP C 70 -39.36 6.09 0.21
C ASP C 70 -39.70 6.01 1.70
N ASN C 71 -38.76 5.53 2.54
CA ASN C 71 -38.95 5.37 4.01
C ASN C 71 -39.25 6.72 4.68
N THR C 72 -38.69 7.82 4.14
CA THR C 72 -38.83 9.19 4.70
C THR C 72 -40.27 9.71 4.56
N LYS C 73 -41.16 8.97 3.89
CA LYS C 73 -42.61 9.27 3.76
C LYS C 73 -43.36 8.86 5.03
N ARG C 74 -42.75 8.00 5.86
CA ARG C 74 -43.35 7.46 7.11
C ARG C 74 -43.42 8.57 8.16
N PRO C 75 -44.19 8.41 9.26
CA PRO C 75 -44.31 9.45 10.29
C PRO C 75 -42.96 9.92 10.86
N GLN C 76 -42.90 11.20 11.27
CA GLN C 76 -41.69 11.88 11.82
C GLN C 76 -41.09 11.07 12.98
N ILE C 77 -41.95 10.58 13.88
CA ILE C 77 -41.53 9.79 15.09
C ILE C 77 -40.75 8.55 14.64
N GLN C 78 -41.19 7.88 13.56
CA GLN C 78 -40.49 6.71 12.98
C GLN C 78 -39.19 7.18 12.31
N ARG C 79 -39.25 8.25 11.51
CA ARG C 79 -38.08 8.79 10.76
C ARG C 79 -36.95 9.13 11.72
N LYS C 80 -37.26 9.84 12.81
CA LYS C 80 -36.25 10.23 13.84
C LYS C 80 -35.65 8.96 14.45
N ALA C 81 -36.50 8.01 14.83
CA ALA C 81 -36.11 6.73 15.47
C ALA C 81 -35.10 5.99 14.57
N PHE C 82 -35.44 5.75 13.29
CA PHE C 82 -34.59 4.92 12.40
C PHE C 82 -33.33 5.71 11.99
N THR C 83 -33.40 7.04 11.88
CA THR C 83 -32.22 7.88 11.52
C THR C 83 -31.22 7.85 12.68
N ASP C 84 -31.69 8.09 13.90
CA ASP C 84 -30.85 8.05 15.13
C ASP C 84 -30.14 6.69 15.22
N ALA C 85 -30.87 5.59 14.99
CA ALA C 85 -30.36 4.21 15.11
C ALA C 85 -29.26 3.97 14.07
N CYS C 86 -29.44 4.48 12.84
CA CYS C 86 -28.46 4.40 11.72
C CYS C 86 -27.18 5.17 12.07
N ILE C 87 -27.32 6.38 12.61
CA ILE C 87 -26.16 7.19 13.06
C ILE C 87 -25.37 6.37 14.10
N LYS C 88 -26.06 5.80 15.09
CA LYS C 88 -25.40 5.07 16.20
C LYS C 88 -24.66 3.84 15.65
N SER C 89 -25.28 3.11 14.72
CA SER C 89 -24.67 1.93 14.03
C SER C 89 -23.33 2.31 13.41
N VAL C 90 -23.28 3.39 12.63
CA VAL C 90 -22.02 3.86 11.98
C VAL C 90 -20.99 4.22 13.08
N GLN C 91 -21.42 4.89 14.14
CA GLN C 91 -20.51 5.35 15.21
C GLN C 91 -19.91 4.12 15.92
N GLU C 92 -20.70 3.05 16.08
CA GLU C 92 -20.21 1.77 16.68
C GLU C 92 -19.17 1.12 15.76
N ILE C 93 -19.41 1.07 14.45
CA ILE C 93 -18.44 0.50 13.46
C ILE C 93 -17.19 1.41 13.42
N ALA C 94 -17.35 2.70 13.67
CA ALA C 94 -16.24 3.70 13.72
C ALA C 94 -15.29 3.42 14.89
N LYS C 95 -15.73 2.67 15.91
CA LYS C 95 -14.86 2.24 17.05
C LYS C 95 -13.96 1.07 16.64
N ARG C 96 -14.25 0.42 15.51
CA ARG C 96 -13.66 -0.90 15.15
C ARG C 96 -12.68 -0.75 13.99
N ASP C 97 -12.08 -1.86 13.53
CA ASP C 97 -11.13 -1.90 12.38
C ASP C 97 -11.92 -2.18 11.10
N ALA C 98 -12.39 -1.12 10.46
CA ALA C 98 -13.35 -1.18 9.31
C ALA C 98 -13.26 0.09 8.47
N GLU C 99 -13.39 -0.08 7.15
CA GLU C 99 -13.63 1.00 6.16
C GLU C 99 -15.13 1.32 6.13
N ILE C 100 -15.52 2.53 6.52
CA ILE C 100 -16.94 2.95 6.49
C ILE C 100 -17.18 3.80 5.25
N LEU C 101 -18.20 3.45 4.48
CA LEU C 101 -18.73 4.32 3.41
C LEU C 101 -20.24 4.45 3.57
N VAL C 102 -20.73 5.68 3.51
CA VAL C 102 -22.18 5.97 3.56
C VAL C 102 -22.57 6.47 2.17
N VAL C 103 -23.56 5.83 1.56
CA VAL C 103 -24.06 6.18 0.20
C VAL C 103 -25.53 6.58 0.34
N GLY C 104 -25.87 7.77 -0.16
CA GLY C 104 -27.25 8.27 -0.14
C GLY C 104 -27.31 9.72 -0.60
N ASN C 105 -28.52 10.24 -0.72
CA ASN C 105 -28.76 11.63 -1.20
C ASN C 105 -28.50 12.59 -0.05
N THR C 106 -27.36 13.28 -0.07
CA THR C 106 -26.93 14.29 0.96
C THR C 106 -27.55 15.67 0.65
N ASN C 107 -28.21 15.83 -0.50
CA ASN C 107 -28.89 17.10 -0.86
C ASN C 107 -30.32 17.03 -0.33
N SER C 108 -30.44 17.02 1.00
CA SER C 108 -31.72 16.89 1.76
C SER C 108 -31.46 17.17 3.24
N ASP C 109 -32.43 17.82 3.92
CA ASP C 109 -32.43 18.03 5.39
C ASP C 109 -32.52 16.67 6.09
N ILE C 110 -33.06 15.66 5.39
CA ILE C 110 -33.31 14.29 5.92
C ILE C 110 -31.98 13.58 6.14
N PHE C 111 -30.95 13.89 5.35
CA PHE C 111 -29.61 13.25 5.50
C PHE C 111 -28.94 13.78 6.76
N PRO C 112 -28.57 12.89 7.72
CA PRO C 112 -27.99 13.33 8.98
C PRO C 112 -26.61 13.95 8.80
N GLU C 113 -26.42 15.17 9.33
CA GLU C 113 -25.15 15.93 9.28
C GLU C 113 -23.99 15.08 9.83
N GLU C 114 -24.27 14.22 10.82
CA GLU C 114 -23.25 13.42 11.56
C GLU C 114 -22.50 12.47 10.62
N LEU C 115 -23.12 12.06 9.51
CA LEU C 115 -22.59 10.99 8.60
C LEU C 115 -21.91 11.59 7.36
N LEU C 116 -21.89 12.92 7.22
CA LEU C 116 -21.23 13.56 6.04
C LEU C 116 -19.76 13.10 5.98
N GLU C 117 -19.09 12.88 7.11
CA GLU C 117 -17.63 12.54 7.14
C GLU C 117 -17.40 11.14 6.50
N TYR C 118 -18.46 10.35 6.28
CA TYR C 118 -18.35 8.96 5.76
C TYR C 118 -18.82 8.85 4.30
N THR C 119 -19.11 9.94 3.61
CA THR C 119 -19.80 9.88 2.28
C THR C 119 -18.78 9.80 1.14
N LYS C 120 -17.49 9.68 1.43
CA LYS C 120 -16.47 9.38 0.40
C LYS C 120 -15.37 8.56 1.05
N ARG C 121 -14.82 7.56 0.37
CA ARG C 121 -13.71 6.82 0.99
C ARG C 121 -12.48 7.72 0.99
N THR C 122 -11.59 7.50 1.95
CA THR C 122 -10.42 8.36 2.27
C THR C 122 -9.16 7.49 2.21
N LYS C 123 -8.00 8.14 2.27
CA LYS C 123 -6.68 7.46 2.21
C LYS C 123 -6.51 6.56 3.45
N VAL C 124 -6.78 7.10 4.66
CA VAL C 124 -6.53 6.34 5.93
C VAL C 124 -7.79 5.55 6.30
N GLY C 125 -8.86 5.63 5.51
CA GLY C 125 -10.14 4.97 5.79
C GLY C 125 -10.05 3.45 5.79
N LYS C 126 -9.01 2.87 5.18
CA LYS C 126 -8.90 1.41 4.90
C LYS C 126 -8.89 0.61 6.21
N GLY C 127 -9.52 -0.57 6.22
CA GLY C 127 -9.64 -1.44 7.41
C GLY C 127 -9.63 -2.91 7.06
N LYS C 128 -9.89 -3.77 8.05
CA LYS C 128 -9.92 -5.25 7.95
C LYS C 128 -11.11 -5.67 7.08
N ILE C 129 -12.14 -4.84 7.00
CA ILE C 129 -13.43 -5.13 6.29
C ILE C 129 -14.02 -3.80 5.82
N LYS C 130 -14.71 -3.79 4.69
CA LYS C 130 -15.45 -2.61 4.18
C LYS C 130 -16.92 -2.74 4.60
N ILE C 131 -17.41 -1.77 5.36
CA ILE C 131 -18.83 -1.69 5.79
C ILE C 131 -19.48 -0.50 5.07
N ASN C 132 -20.48 -0.77 4.24
CA ASN C 132 -21.25 0.28 3.53
C ASN C 132 -22.61 0.40 4.23
N PHE C 133 -23.13 1.62 4.33
CA PHE C 133 -24.51 1.91 4.79
C PHE C 133 -25.22 2.76 3.73
N LEU C 134 -26.40 2.33 3.31
CA LEU C 134 -27.28 3.11 2.42
C LEU C 134 -28.21 3.95 3.31
N ILE C 135 -27.99 5.26 3.32
CA ILE C 135 -28.65 6.23 4.23
C ILE C 135 -29.32 7.31 3.36
N ASN C 136 -30.64 7.42 3.42
CA ASN C 136 -31.44 8.29 2.51
C ASN C 136 -31.11 7.91 1.07
N TYR C 137 -31.01 6.60 0.80
CA TYR C 137 -30.67 6.02 -0.52
C TYR C 137 -31.95 5.79 -1.31
N GLY C 138 -31.88 5.97 -2.63
CA GLY C 138 -32.98 5.67 -3.56
C GLY C 138 -32.44 5.11 -4.86
N TRP C 139 -33.04 4.02 -5.34
CA TRP C 139 -32.60 3.37 -6.60
C TRP C 139 -32.68 4.38 -7.76
N TYR C 140 -33.72 5.21 -7.76
CA TYR C 140 -34.01 6.18 -8.85
C TYR C 140 -32.93 7.26 -8.85
N TRP C 141 -32.69 7.85 -7.68
CA TRP C 141 -31.58 8.79 -7.38
C TRP C 141 -30.24 8.19 -7.83
N ASP C 142 -30.00 6.91 -7.54
CA ASP C 142 -28.71 6.21 -7.80
C ASP C 142 -28.46 6.15 -9.32
N LEU C 143 -29.42 5.62 -10.06
CA LEU C 143 -29.32 5.42 -11.53
C LEU C 143 -29.23 6.78 -12.23
N THR C 144 -30.05 7.76 -11.83
CA THR C 144 -30.19 9.08 -12.51
C THR C 144 -28.99 9.97 -12.17
N TYR C 145 -28.26 9.70 -11.08
CA TYR C 145 -26.93 10.28 -10.79
C TYR C 145 -25.98 10.07 -11.99
N ALA C 146 -26.04 8.88 -12.61
CA ALA C 146 -25.21 8.49 -13.77
C ALA C 146 -25.65 9.26 -15.03
N TYR C 147 -26.94 9.24 -15.33
CA TYR C 147 -27.55 9.86 -16.54
C TYR C 147 -27.21 11.35 -16.61
N ASP C 148 -27.09 12.02 -15.46
CA ASP C 148 -26.78 13.47 -15.37
C ASP C 148 -25.27 13.71 -15.55
N ASN C 149 -24.42 13.00 -14.80
CA ASN C 149 -23.00 13.37 -14.58
C ASN C 149 -22.05 12.58 -15.50
N SER C 150 -22.63 11.92 -16.50
CA SER C 150 -21.86 11.08 -17.47
C SER C 150 -22.11 11.57 -18.90
N ASP C 152 -21.46 9.47 -21.76
CA ASP C 152 -21.75 8.35 -22.69
C ASP C 152 -22.22 7.12 -21.88
N GLY C 153 -22.68 6.08 -22.58
CA GLY C 153 -23.34 4.88 -22.00
C GLY C 153 -22.39 3.98 -21.25
N LYS C 154 -21.23 3.65 -21.83
CA LYS C 154 -20.17 2.83 -21.19
C LYS C 154 -19.80 3.45 -19.85
N LYS C 155 -19.75 4.78 -19.80
CA LYS C 155 -19.33 5.60 -18.63
C LYS C 155 -20.44 5.56 -17.56
N MET C 156 -21.71 5.56 -17.97
CA MET C 156 -22.92 5.58 -17.09
C MET C 156 -22.71 4.66 -15.89
N ILE C 157 -22.45 3.37 -16.15
CA ILE C 157 -22.39 2.29 -15.12
C ILE C 157 -21.36 2.66 -14.04
N GLU C 158 -20.24 3.26 -14.43
CA GLU C 158 -19.11 3.62 -13.54
C GLU C 158 -19.43 4.88 -12.74
N ASN C 159 -20.58 5.53 -13.04
CA ASN C 159 -20.91 6.88 -12.53
C ASN C 159 -22.28 6.88 -11.85
N ILE C 160 -22.89 5.72 -11.60
CA ILE C 160 -24.05 5.64 -10.65
C ILE C 160 -23.53 6.11 -9.29
N ALA C 161 -24.41 6.64 -8.44
CA ALA C 161 -24.07 7.19 -7.10
C ALA C 161 -23.38 6.12 -6.24
N SER C 162 -23.78 4.86 -6.37
CA SER C 162 -23.26 3.73 -5.57
C SER C 162 -22.05 3.07 -6.25
N ALA C 163 -21.37 3.75 -7.17
CA ALA C 163 -20.29 3.17 -8.02
C ALA C 163 -19.16 2.56 -7.17
N GLU C 164 -18.91 3.09 -5.97
CA GLU C 164 -17.85 2.61 -5.06
C GLU C 164 -18.25 1.29 -4.38
N ILE C 165 -19.49 0.83 -4.57
CA ILE C 165 -19.98 -0.45 -4.00
C ILE C 165 -20.02 -1.49 -5.12
N PRO C 166 -19.27 -2.60 -5.00
CA PRO C 166 -19.18 -3.58 -6.09
C PRO C 166 -20.38 -4.56 -6.06
N ARG C 167 -20.41 -5.46 -7.04
CA ARG C 167 -21.41 -6.54 -7.18
C ARG C 167 -21.67 -7.23 -5.84
N VAL C 168 -22.95 -7.43 -5.52
CA VAL C 168 -23.41 -8.19 -4.33
C VAL C 168 -23.46 -9.68 -4.69
N ASP C 169 -22.72 -10.50 -3.95
CA ASP C 169 -22.70 -11.97 -4.14
C ASP C 169 -23.92 -12.59 -3.46
N LEU C 170 -24.18 -12.21 -2.21
CA LEU C 170 -25.23 -12.77 -1.33
C LEU C 170 -26.01 -11.62 -0.70
N LEU C 171 -27.32 -11.62 -0.89
CA LEU C 171 -28.22 -10.64 -0.23
C LEU C 171 -29.08 -11.39 0.77
N ILE C 172 -29.03 -10.96 2.04
CA ILE C 172 -29.78 -11.57 3.16
C ILE C 172 -30.80 -10.56 3.68
N ARG C 173 -32.08 -10.94 3.67
CA ARG C 173 -33.18 -10.06 4.11
C ARG C 173 -33.92 -10.70 5.27
N TRP C 174 -33.94 -10.00 6.41
CA TRP C 174 -34.75 -10.33 7.59
C TRP C 174 -36.18 -9.80 7.37
N GLY C 175 -37.16 -10.34 8.11
CA GLY C 175 -38.54 -9.84 8.12
C GLY C 175 -39.44 -10.59 7.14
N GLY C 176 -38.93 -11.62 6.49
CA GLY C 176 -39.75 -12.62 5.76
C GLY C 176 -40.27 -12.15 4.40
N ARG C 177 -39.95 -10.93 3.94
CA ARG C 177 -40.36 -10.46 2.59
C ARG C 177 -39.28 -10.87 1.58
N CYS C 178 -39.67 -11.44 0.44
CA CYS C 178 -38.72 -11.75 -0.66
C CYS C 178 -38.80 -10.66 -1.72
N ARG C 179 -38.11 -9.54 -1.49
CA ARG C 179 -38.07 -8.37 -2.41
C ARG C 179 -36.81 -7.54 -2.10
N LEU C 180 -36.37 -6.72 -3.04
CA LEU C 180 -35.10 -5.96 -2.96
C LEU C 180 -35.36 -4.59 -2.35
N SER C 181 -36.62 -4.13 -2.34
CA SER C 181 -37.03 -2.77 -1.92
C SER C 181 -36.06 -1.74 -2.52
N GLY C 182 -35.65 -1.98 -3.77
CA GLY C 182 -34.79 -1.08 -4.56
C GLY C 182 -33.38 -0.96 -3.98
N MET C 183 -32.86 -2.00 -3.34
CA MET C 183 -31.45 -2.00 -2.92
C MET C 183 -30.55 -2.24 -4.13
N LEU C 184 -29.76 -1.23 -4.52
CA LEU C 184 -28.61 -1.36 -5.45
C LEU C 184 -29.00 -2.18 -6.67
N PRO C 185 -29.94 -1.74 -7.54
CA PRO C 185 -30.38 -2.55 -8.67
C PRO C 185 -29.24 -3.03 -9.58
N VAL C 186 -28.20 -2.22 -9.80
CA VAL C 186 -27.04 -2.62 -10.67
C VAL C 186 -26.27 -3.76 -10.00
N GLN C 187 -25.94 -3.61 -8.71
CA GLN C 187 -25.04 -4.55 -8.01
C GLN C 187 -25.77 -5.87 -7.73
N THR C 188 -27.12 -5.87 -7.76
CA THR C 188 -27.95 -7.03 -7.30
C THR C 188 -28.52 -7.85 -8.47
N VAL C 189 -28.15 -7.56 -9.72
CA VAL C 189 -28.74 -8.22 -10.92
C VAL C 189 -28.57 -9.75 -10.82
N TYR C 190 -27.44 -10.25 -10.27
CA TYR C 190 -27.16 -11.70 -10.19
C TYR C 190 -27.08 -12.21 -8.75
N SER C 191 -27.33 -11.35 -7.76
CA SER C 191 -27.23 -11.69 -6.31
C SER C 191 -28.14 -12.87 -5.99
N ASP C 192 -27.59 -13.88 -5.32
CA ASP C 192 -28.35 -14.95 -4.64
C ASP C 192 -28.98 -14.34 -3.37
N ILE C 193 -30.28 -14.53 -3.24
CA ILE C 193 -31.12 -13.87 -2.20
C ILE C 193 -31.57 -14.92 -1.19
N TYR C 194 -31.34 -14.64 0.09
CA TYR C 194 -31.78 -15.51 1.20
C TYR C 194 -32.67 -14.71 2.13
N VAL C 195 -33.85 -15.25 2.42
CA VAL C 195 -34.86 -14.59 3.30
C VAL C 195 -34.86 -15.29 4.65
N VAL C 196 -34.58 -14.53 5.70
CA VAL C 196 -34.80 -14.96 7.11
C VAL C 196 -36.22 -14.51 7.49
N ASP C 197 -37.03 -15.41 8.04
CA ASP C 197 -38.44 -15.14 8.42
C ASP C 197 -38.48 -14.23 9.66
N GLU C 198 -37.55 -14.41 10.61
CA GLU C 198 -37.55 -13.60 11.85
C GLU C 198 -37.23 -12.14 11.50
N MET C 199 -37.82 -11.22 12.27
CA MET C 199 -37.59 -9.76 12.19
C MET C 199 -36.14 -9.49 12.61
N TRP C 200 -35.57 -8.43 12.08
CA TRP C 200 -34.12 -8.09 12.23
C TRP C 200 -33.69 -8.05 13.70
N PRO C 201 -34.46 -7.44 14.63
CA PRO C 201 -34.05 -7.42 16.04
C PRO C 201 -34.00 -8.81 16.69
N ASP C 202 -34.62 -9.83 16.07
CA ASP C 202 -34.55 -11.24 16.54
C ASP C 202 -33.36 -11.96 15.86
N PHE C 203 -32.40 -11.21 15.32
CA PHE C 203 -31.19 -11.75 14.67
C PHE C 203 -30.56 -12.81 15.57
N LYS C 204 -30.14 -13.93 14.98
CA LYS C 204 -29.30 -14.99 15.62
C LYS C 204 -28.17 -15.34 14.66
N PRO C 205 -26.95 -15.65 15.15
CA PRO C 205 -25.87 -16.07 14.26
C PRO C 205 -26.29 -17.18 13.28
N GLU C 206 -27.15 -18.11 13.70
CA GLU C 206 -27.61 -19.24 12.84
C GLU C 206 -28.30 -18.69 11.59
N HIS C 207 -28.97 -17.53 11.66
CA HIS C 207 -29.56 -16.85 10.48
C HIS C 207 -28.48 -16.66 9.41
N LEU C 208 -27.36 -16.04 9.80
CA LEU C 208 -26.24 -15.76 8.87
C LEU C 208 -25.60 -17.09 8.42
N PHE C 209 -25.42 -18.05 9.33
CA PHE C 209 -24.79 -19.35 8.97
C PHE C 209 -25.64 -20.06 7.90
N LYS C 210 -26.96 -20.05 8.03
CA LYS C 210 -27.90 -20.73 7.12
C LYS C 210 -27.85 -20.02 5.75
N ALA C 211 -27.72 -18.69 5.75
CA ALA C 211 -27.56 -17.91 4.49
C ALA C 211 -26.27 -18.32 3.79
N LEU C 212 -25.19 -18.50 4.55
CA LEU C 212 -23.87 -18.88 4.01
C LEU C 212 -23.88 -20.35 3.53
N GLU C 213 -24.62 -21.23 4.20
CA GLU C 213 -24.84 -22.63 3.73
C GLU C 213 -25.54 -22.59 2.37
N PHE C 214 -26.62 -21.82 2.28
CA PHE C 214 -27.37 -21.55 1.03
C PHE C 214 -26.41 -21.10 -0.06
N TYR C 215 -25.58 -20.08 0.21
CA TYR C 215 -24.65 -19.48 -0.79
C TYR C 215 -23.68 -20.54 -1.31
N GLN C 216 -23.07 -21.33 -0.41
CA GLN C 216 -22.03 -22.32 -0.82
C GLN C 216 -22.69 -23.45 -1.60
N ASN C 217 -24.00 -23.65 -1.45
CA ASN C 217 -24.79 -24.68 -2.18
C ASN C 217 -25.22 -24.20 -3.58
N GLN C 218 -25.04 -22.92 -3.91
CA GLN C 218 -25.53 -22.35 -5.20
C GLN C 218 -24.49 -22.61 -6.30
N ASP C 219 -24.97 -22.89 -7.51
CA ASP C 219 -24.17 -22.78 -8.75
C ASP C 219 -24.23 -21.31 -9.20
N ILE C 220 -23.09 -20.61 -9.21
CA ILE C 220 -22.99 -19.19 -9.67
C ILE C 220 -22.55 -19.22 -11.13
N THR C 221 -23.51 -19.17 -12.05
CA THR C 221 -23.35 -19.49 -13.50
C THR C 221 -23.31 -18.19 -14.30
N LEU C 222 -23.88 -17.09 -13.79
CA LEU C 222 -23.92 -15.75 -14.44
C LEU C 222 -24.38 -15.88 -15.91
N GLY C 223 -25.40 -16.70 -16.16
CA GLY C 223 -26.03 -16.83 -17.50
C GLY C 223 -25.30 -17.80 -18.43
N GLY C 224 -24.15 -18.34 -18.03
CA GLY C 224 -23.40 -19.36 -18.77
C GLY C 224 -23.93 -20.76 -18.52
N ASP D 7 -59.82 -26.58 -11.87
CA ASP D 7 -59.09 -26.64 -10.56
C ASP D 7 -58.50 -25.26 -10.21
N ILE D 8 -58.83 -24.21 -10.98
CA ILE D 8 -58.34 -22.81 -10.76
C ILE D 8 -58.97 -22.29 -9.47
N PRO D 9 -58.18 -21.97 -8.42
CA PRO D 9 -58.72 -21.41 -7.19
C PRO D 9 -59.31 -20.00 -7.39
N LYS D 10 -60.09 -19.52 -6.42
CA LYS D 10 -60.60 -18.12 -6.39
C LYS D 10 -59.64 -17.29 -5.54
N PHE D 11 -59.24 -16.11 -6.05
CA PHE D 11 -58.20 -15.24 -5.44
C PHE D 11 -58.83 -13.93 -4.96
N LYS D 12 -58.42 -13.48 -3.77
CA LYS D 12 -58.89 -12.23 -3.12
C LYS D 12 -58.22 -11.02 -3.78
N ARG D 13 -56.95 -11.17 -4.17
CA ARG D 13 -56.14 -10.10 -4.82
C ARG D 13 -55.30 -10.75 -5.93
N LEU D 14 -55.13 -10.05 -7.06
CA LEU D 14 -54.27 -10.53 -8.18
C LEU D 14 -53.23 -9.45 -8.52
N PRO D 15 -52.02 -9.86 -8.97
CA PRO D 15 -51.03 -8.91 -9.47
C PRO D 15 -51.47 -8.39 -10.85
N ARG D 16 -51.23 -7.11 -11.11
CA ARG D 16 -51.45 -6.49 -12.44
C ARG D 16 -50.41 -7.07 -13.42
N HIS D 17 -49.16 -7.20 -12.99
CA HIS D 17 -48.03 -7.59 -13.87
C HIS D 17 -47.25 -8.73 -13.23
N ILE D 18 -47.18 -9.87 -13.93
CA ILE D 18 -46.40 -11.07 -13.51
C ILE D 18 -45.17 -11.15 -14.41
N ALA D 19 -43.99 -11.32 -13.82
CA ALA D 19 -42.75 -11.69 -14.53
C ALA D 19 -42.52 -13.20 -14.32
N ILE D 20 -42.13 -13.88 -15.39
CA ILE D 20 -41.84 -15.34 -15.39
C ILE D 20 -40.36 -15.53 -15.75
N ILE D 21 -39.62 -16.23 -14.90
CA ILE D 21 -38.24 -16.70 -15.23
C ILE D 21 -38.31 -18.22 -15.37
N PRO D 22 -38.38 -18.73 -16.63
CA PRO D 22 -38.52 -20.16 -16.91
C PRO D 22 -37.19 -20.93 -16.89
N ASP D 23 -36.58 -21.04 -15.72
CA ASP D 23 -35.20 -21.55 -15.53
C ASP D 23 -35.21 -23.07 -15.28
N GLY D 24 -34.11 -23.74 -15.60
CA GLY D 24 -33.88 -25.16 -15.23
C GLY D 24 -33.99 -26.12 -16.42
N ASN D 25 -33.96 -25.61 -17.65
CA ASN D 25 -34.14 -26.45 -18.87
C ASN D 25 -32.97 -27.43 -19.01
N ARG D 26 -31.72 -27.00 -18.76
CA ARG D 26 -30.53 -27.88 -18.93
C ARG D 26 -30.49 -28.95 -17.83
N ARG D 27 -30.75 -28.58 -16.58
CA ARG D 27 -30.80 -29.56 -15.47
C ARG D 27 -31.93 -30.56 -15.74
N TRP D 28 -33.09 -30.08 -16.20
CA TRP D 28 -34.26 -30.92 -16.54
C TRP D 28 -33.83 -31.99 -17.55
N ALA D 29 -33.17 -31.57 -18.63
CA ALA D 29 -32.70 -32.44 -19.72
C ALA D 29 -31.70 -33.47 -19.18
N LEU D 30 -30.67 -33.03 -18.46
CA LEU D 30 -29.59 -33.91 -17.93
C LEU D 30 -30.19 -34.97 -17.00
N ALA D 31 -31.19 -34.61 -16.19
CA ALA D 31 -31.91 -35.50 -15.25
C ALA D 31 -32.60 -36.64 -16.00
N ARG D 32 -33.04 -36.38 -17.25
CA ARG D 32 -33.77 -37.34 -18.11
C ARG D 32 -32.85 -38.00 -19.14
N GLY D 33 -31.53 -37.92 -18.94
CA GLY D 33 -30.52 -38.57 -19.80
C GLY D 33 -30.44 -37.95 -21.19
N LEU D 34 -31.01 -36.75 -21.38
CA LEU D 34 -30.88 -35.97 -22.64
C LEU D 34 -29.60 -35.12 -22.57
N GLU D 35 -29.23 -34.48 -23.67
CA GLU D 35 -28.09 -33.52 -23.72
C GLU D 35 -28.59 -32.15 -23.24
N LYS D 36 -27.65 -31.32 -22.78
CA LYS D 36 -27.92 -30.01 -22.12
C LYS D 36 -28.92 -29.20 -22.96
N HIS D 37 -28.77 -29.22 -24.28
CA HIS D 37 -29.53 -28.36 -25.23
C HIS D 37 -30.95 -28.88 -25.48
N GLU D 38 -31.32 -30.04 -24.96
CA GLU D 38 -32.55 -30.77 -25.39
C GLU D 38 -33.75 -30.41 -24.50
N GLY D 39 -33.60 -29.52 -23.52
CA GLY D 39 -34.68 -29.16 -22.58
C GLY D 39 -35.58 -28.07 -23.12
N TYR D 40 -35.06 -27.19 -23.98
CA TYR D 40 -35.73 -25.93 -24.40
C TYR D 40 -37.04 -26.26 -25.14
N SER D 41 -37.08 -27.30 -25.97
CA SER D 41 -38.31 -27.68 -26.71
C SER D 41 -39.43 -28.05 -25.73
N SER D 42 -39.08 -28.56 -24.54
CA SER D 42 -40.04 -28.97 -23.49
C SER D 42 -40.53 -27.77 -22.68
N GLY D 43 -39.99 -26.56 -22.91
CA GLY D 43 -40.37 -25.32 -22.22
C GLY D 43 -41.51 -24.56 -22.89
N ILE D 44 -41.94 -24.97 -24.09
CA ILE D 44 -42.94 -24.18 -24.88
C ILE D 44 -44.35 -24.36 -24.29
N ILE D 45 -44.78 -25.59 -24.07
CA ILE D 45 -46.16 -25.88 -23.58
C ILE D 45 -46.34 -25.25 -22.20
N PRO D 46 -45.37 -25.36 -21.26
CA PRO D 46 -45.46 -24.64 -19.98
C PRO D 46 -45.79 -23.15 -20.14
N GLY D 47 -45.14 -22.45 -21.08
CA GLY D 47 -45.43 -21.04 -21.39
C GLY D 47 -46.89 -20.85 -21.79
N LEU D 48 -47.41 -21.74 -22.63
CA LEU D 48 -48.79 -21.65 -23.17
C LEU D 48 -49.81 -21.91 -22.06
N GLU D 49 -49.51 -22.83 -21.12
CA GLU D 49 -50.34 -23.10 -19.91
C GLU D 49 -50.40 -21.83 -19.04
N VAL D 50 -49.25 -21.18 -18.82
CA VAL D 50 -49.19 -19.93 -18.02
C VAL D 50 -50.08 -18.89 -18.71
N TYR D 51 -49.91 -18.73 -20.03
CA TYR D 51 -50.73 -17.80 -20.85
C TYR D 51 -52.23 -18.09 -20.60
N ASP D 52 -52.64 -19.35 -20.79
CA ASP D 52 -54.05 -19.80 -20.67
C ASP D 52 -54.60 -19.44 -19.29
N ILE D 53 -53.88 -19.80 -18.23
CA ILE D 53 -54.32 -19.56 -16.81
C ILE D 53 -54.46 -18.05 -16.59
N CYS D 54 -53.46 -17.26 -16.99
CA CYS D 54 -53.43 -15.79 -16.78
C CYS D 54 -54.58 -15.11 -17.55
N VAL D 55 -54.88 -15.58 -18.76
CA VAL D 55 -56.05 -15.10 -19.56
C VAL D 55 -57.32 -15.41 -18.76
N LYS D 56 -57.47 -16.66 -18.31
CA LYS D 56 -58.68 -17.16 -17.60
C LYS D 56 -58.93 -16.30 -16.35
N ILE D 57 -57.92 -16.06 -15.51
CA ILE D 57 -58.10 -15.34 -14.20
C ILE D 57 -58.06 -13.83 -14.44
N GLY D 58 -57.59 -13.36 -15.60
CA GLY D 58 -57.69 -11.94 -16.01
C GLY D 58 -56.46 -11.11 -15.64
N ILE D 59 -55.26 -11.72 -15.69
CA ILE D 59 -53.97 -11.01 -15.48
C ILE D 59 -53.77 -10.04 -16.66
N GLY D 60 -53.47 -8.78 -16.39
CA GLY D 60 -53.35 -7.71 -17.39
C GLY D 60 -52.08 -7.82 -18.23
N GLU D 61 -50.97 -8.25 -17.62
CA GLU D 61 -49.65 -8.25 -18.29
C GLU D 61 -48.77 -9.36 -17.71
N VAL D 62 -48.10 -10.10 -18.59
CA VAL D 62 -47.11 -11.16 -18.27
C VAL D 62 -45.86 -10.91 -19.12
N THR D 63 -44.69 -10.88 -18.48
CA THR D 63 -43.38 -10.75 -19.15
C THR D 63 -42.60 -12.03 -18.97
N PHE D 64 -42.24 -12.68 -20.08
CA PHE D 64 -41.43 -13.92 -20.09
C PHE D 64 -39.97 -13.54 -20.36
N PHE D 65 -39.09 -14.01 -19.48
CA PHE D 65 -37.62 -13.93 -19.67
C PHE D 65 -37.27 -15.02 -20.69
N GLY D 66 -36.91 -14.63 -21.91
CA GLY D 66 -36.60 -15.58 -23.00
C GLY D 66 -35.14 -15.98 -23.02
N PHE D 67 -34.25 -15.07 -23.40
CA PHE D 67 -32.80 -15.25 -23.22
C PHE D 67 -32.14 -13.87 -23.17
N THR D 68 -30.98 -13.83 -22.52
CA THR D 68 -30.19 -12.62 -22.22
C THR D 68 -28.96 -12.58 -23.12
N GLN D 69 -28.31 -11.43 -23.16
CA GLN D 69 -26.98 -11.24 -23.79
C GLN D 69 -25.98 -12.15 -23.08
N ASP D 70 -26.06 -12.28 -21.75
CA ASP D 70 -25.17 -13.19 -20.97
C ASP D 70 -25.33 -14.62 -21.48
N ASN D 71 -26.56 -15.09 -21.73
CA ASN D 71 -26.87 -16.46 -22.23
C ASN D 71 -26.18 -16.73 -23.58
N THR D 72 -25.91 -15.70 -24.38
CA THR D 72 -25.26 -15.89 -25.71
C THR D 72 -23.78 -16.29 -25.52
N LYS D 73 -23.24 -16.24 -24.30
CA LYS D 73 -21.87 -16.78 -24.02
C LYS D 73 -21.86 -18.31 -24.08
N ARG D 74 -23.02 -18.96 -24.07
CA ARG D 74 -23.11 -20.45 -24.01
C ARG D 74 -22.76 -21.05 -25.36
N PRO D 75 -22.43 -22.36 -25.41
CA PRO D 75 -22.17 -23.06 -26.67
C PRO D 75 -23.26 -22.83 -27.73
N GLN D 76 -22.85 -22.74 -29.00
CA GLN D 76 -23.74 -22.52 -30.16
C GLN D 76 -24.89 -23.55 -30.16
N ILE D 77 -24.63 -24.80 -29.79
CA ILE D 77 -25.69 -25.86 -29.86
C ILE D 77 -26.83 -25.50 -28.89
N GLN D 78 -26.51 -24.92 -27.73
CA GLN D 78 -27.51 -24.37 -26.76
C GLN D 78 -28.16 -23.13 -27.37
N ARG D 79 -27.36 -22.18 -27.90
CA ARG D 79 -27.89 -20.90 -28.43
C ARG D 79 -28.97 -21.20 -29.47
N LYS D 80 -28.70 -22.11 -30.40
CA LYS D 80 -29.67 -22.39 -31.48
C LYS D 80 -30.93 -23.00 -30.87
N ALA D 81 -30.75 -23.93 -29.92
CA ALA D 81 -31.89 -24.63 -29.26
C ALA D 81 -32.75 -23.60 -28.51
N PHE D 82 -32.17 -22.69 -27.72
CA PHE D 82 -33.00 -21.79 -26.88
C PHE D 82 -33.61 -20.70 -27.76
N THR D 83 -32.89 -20.26 -28.81
CA THR D 83 -33.40 -19.24 -29.77
C THR D 83 -34.62 -19.84 -30.51
N ASP D 84 -34.48 -21.05 -31.03
CA ASP D 84 -35.54 -21.77 -31.80
C ASP D 84 -36.78 -21.90 -30.90
N ALA D 85 -36.61 -22.28 -29.62
CA ALA D 85 -37.72 -22.45 -28.67
C ALA D 85 -38.42 -21.10 -28.42
N CYS D 86 -37.65 -20.01 -28.20
CA CYS D 86 -38.20 -18.64 -27.99
C CYS D 86 -39.03 -18.22 -29.22
N ILE D 87 -38.50 -18.42 -30.43
CA ILE D 87 -39.20 -18.07 -31.70
C ILE D 87 -40.55 -18.79 -31.72
N LYS D 88 -40.55 -20.10 -31.48
CA LYS D 88 -41.78 -20.94 -31.52
C LYS D 88 -42.79 -20.39 -30.50
N SER D 89 -42.34 -20.07 -29.28
CA SER D 89 -43.20 -19.50 -28.21
C SER D 89 -43.89 -18.22 -28.69
N VAL D 90 -43.16 -17.26 -29.27
CA VAL D 90 -43.76 -15.97 -29.71
C VAL D 90 -44.78 -16.27 -30.82
N GLN D 91 -44.43 -17.14 -31.77
CA GLN D 91 -45.29 -17.53 -32.92
C GLN D 91 -46.57 -18.22 -32.44
N GLU D 92 -46.48 -19.01 -31.36
CA GLU D 92 -47.64 -19.69 -30.75
C GLU D 92 -48.58 -18.65 -30.11
N ILE D 93 -48.03 -17.66 -29.39
CA ILE D 93 -48.84 -16.57 -28.77
C ILE D 93 -49.45 -15.70 -29.89
N ALA D 94 -48.75 -15.56 -31.02
CA ALA D 94 -49.22 -14.80 -32.20
C ALA D 94 -50.50 -15.43 -32.78
N LYS D 95 -50.73 -16.73 -32.55
CA LYS D 95 -51.92 -17.48 -33.05
C LYS D 95 -53.13 -17.28 -32.13
N ARG D 96 -52.95 -16.62 -30.98
CA ARG D 96 -53.97 -16.54 -29.90
C ARG D 96 -54.42 -15.09 -29.74
N ASP D 97 -54.86 -14.69 -28.53
CA ASP D 97 -55.31 -13.32 -28.20
C ASP D 97 -54.28 -12.69 -27.26
N ALA D 98 -53.63 -11.61 -27.70
CA ALA D 98 -52.56 -10.92 -26.94
C ALA D 98 -52.17 -9.61 -27.63
N GLU D 99 -51.66 -8.66 -26.84
CA GLU D 99 -50.80 -7.55 -27.33
C GLU D 99 -49.34 -7.97 -27.10
N ILE D 100 -48.63 -8.35 -28.18
CA ILE D 100 -47.26 -8.93 -28.11
C ILE D 100 -46.20 -7.83 -28.23
N LEU D 101 -45.28 -7.78 -27.27
CA LEU D 101 -44.06 -6.93 -27.37
C LEU D 101 -42.83 -7.80 -27.12
N VAL D 102 -41.88 -7.75 -28.05
CA VAL D 102 -40.52 -8.31 -27.88
C VAL D 102 -39.57 -7.15 -27.58
N VAL D 103 -38.82 -7.26 -26.49
CA VAL D 103 -37.82 -6.25 -26.05
C VAL D 103 -36.46 -6.95 -26.04
N GLY D 104 -35.51 -6.44 -26.80
CA GLY D 104 -34.14 -6.97 -26.83
C GLY D 104 -33.27 -6.22 -27.81
N ASN D 105 -31.96 -6.50 -27.77
CA ASN D 105 -30.95 -5.88 -28.64
C ASN D 105 -31.05 -6.51 -30.03
N THR D 106 -31.65 -5.80 -30.97
CA THR D 106 -31.86 -6.29 -32.37
C THR D 106 -30.56 -6.14 -33.16
N ASN D 107 -29.60 -5.35 -32.66
CA ASN D 107 -28.30 -5.09 -33.34
C ASN D 107 -27.34 -6.25 -33.04
N SER D 108 -27.70 -7.46 -33.47
CA SER D 108 -26.93 -8.70 -33.18
C SER D 108 -27.42 -9.85 -34.06
N ASP D 109 -26.49 -10.58 -34.67
CA ASP D 109 -26.76 -11.78 -35.51
C ASP D 109 -27.32 -12.92 -34.64
N ILE D 110 -27.45 -12.69 -33.33
CA ILE D 110 -28.11 -13.63 -32.39
C ILE D 110 -29.62 -13.34 -32.35
N PHE D 111 -30.03 -12.06 -32.42
CA PHE D 111 -31.48 -11.68 -32.39
C PHE D 111 -32.16 -12.29 -33.60
N PRO D 112 -33.18 -13.14 -33.40
CA PRO D 112 -33.81 -13.83 -34.52
C PRO D 112 -34.67 -12.88 -35.36
N GLU D 113 -34.49 -12.90 -36.68
CA GLU D 113 -35.14 -11.99 -37.66
C GLU D 113 -36.67 -12.16 -37.58
N GLU D 114 -37.13 -13.38 -37.29
CA GLU D 114 -38.57 -13.76 -37.17
C GLU D 114 -39.31 -12.86 -36.17
N LEU D 115 -38.61 -12.32 -35.17
CA LEU D 115 -39.24 -11.59 -34.03
C LEU D 115 -39.13 -10.07 -34.19
N LEU D 116 -38.50 -9.58 -35.26
CA LEU D 116 -38.34 -8.11 -35.48
C LEU D 116 -39.72 -7.45 -35.59
N GLU D 117 -40.70 -8.14 -36.16
CA GLU D 117 -42.05 -7.55 -36.39
C GLU D 117 -42.74 -7.25 -35.05
N TYR D 118 -42.33 -7.92 -33.95
CA TYR D 118 -42.97 -7.80 -32.61
C TYR D 118 -42.20 -6.84 -31.69
N THR D 119 -41.20 -6.10 -32.20
CA THR D 119 -40.45 -5.08 -31.42
C THR D 119 -41.27 -3.78 -31.33
N LYS D 120 -42.42 -3.72 -32.02
CA LYS D 120 -43.50 -2.73 -31.77
C LYS D 120 -44.72 -3.51 -31.26
N ARG D 121 -45.42 -3.05 -30.22
CA ARG D 121 -46.51 -3.85 -29.59
C ARG D 121 -47.56 -4.15 -30.67
N THR D 122 -47.86 -5.44 -30.84
CA THR D 122 -48.65 -6.03 -31.94
C THR D 122 -49.90 -6.66 -31.33
N LYS D 123 -51.09 -6.18 -31.70
CA LYS D 123 -52.37 -6.80 -31.28
C LYS D 123 -52.63 -8.01 -32.17
N VAL D 124 -52.89 -9.17 -31.56
CA VAL D 124 -53.29 -10.41 -32.28
C VAL D 124 -54.61 -10.89 -31.67
N GLY D 125 -55.46 -11.54 -32.48
CA GLY D 125 -56.82 -11.93 -32.09
C GLY D 125 -57.53 -10.81 -31.34
N LYS D 126 -58.11 -11.11 -30.18
CA LYS D 126 -58.95 -10.15 -29.41
C LYS D 126 -58.09 -9.35 -28.42
N GLY D 127 -56.76 -9.54 -28.39
CA GLY D 127 -55.85 -8.87 -27.44
C GLY D 127 -56.25 -9.14 -26.00
N LYS D 128 -56.47 -8.09 -25.20
CA LYS D 128 -57.03 -8.14 -23.82
C LYS D 128 -56.03 -8.72 -22.82
N ILE D 129 -54.82 -9.09 -23.24
CA ILE D 129 -53.68 -9.38 -22.32
C ILE D 129 -52.38 -8.99 -23.02
N LYS D 130 -51.50 -8.29 -22.31
CA LYS D 130 -50.16 -7.88 -22.80
C LYS D 130 -49.18 -9.01 -22.48
N ILE D 131 -48.53 -9.57 -23.49
CA ILE D 131 -47.49 -10.63 -23.33
C ILE D 131 -46.18 -10.04 -23.86
N ASN D 132 -45.20 -9.90 -22.97
CA ASN D 132 -43.86 -9.35 -23.29
C ASN D 132 -42.87 -10.52 -23.29
N PHE D 133 -41.94 -10.51 -24.23
CA PHE D 133 -40.80 -11.45 -24.29
C PHE D 133 -39.51 -10.65 -24.26
N LEU D 134 -38.61 -10.99 -23.35
CA LEU D 134 -37.22 -10.46 -23.34
C LEU D 134 -36.33 -11.43 -24.12
N ILE D 135 -35.84 -10.97 -25.27
CA ILE D 135 -35.16 -11.78 -26.31
C ILE D 135 -33.85 -11.06 -26.67
N ASN D 136 -32.71 -11.69 -26.38
CA ASN D 136 -31.38 -11.03 -26.48
C ASN D 136 -31.43 -9.77 -25.61
N TYR D 137 -32.06 -9.87 -24.43
CA TYR D 137 -32.20 -8.76 -23.47
C TYR D 137 -30.95 -8.70 -22.59
N GLY D 138 -30.50 -7.49 -22.26
CA GLY D 138 -29.40 -7.26 -21.30
C GLY D 138 -29.75 -6.10 -20.39
N TRP D 139 -29.62 -6.29 -19.08
CA TRP D 139 -29.92 -5.22 -18.09
C TRP D 139 -29.08 -3.98 -18.43
N TYR D 140 -27.83 -4.19 -18.83
CA TYR D 140 -26.85 -3.10 -19.11
C TYR D 140 -27.31 -2.34 -20.36
N TRP D 141 -27.59 -3.07 -21.43
CA TRP D 141 -28.14 -2.56 -22.70
C TRP D 141 -29.43 -1.76 -22.42
N ASP D 142 -30.31 -2.31 -21.57
CA ASP D 142 -31.61 -1.68 -21.20
C ASP D 142 -31.35 -0.30 -20.58
N LEU D 143 -30.54 -0.23 -19.52
CA LEU D 143 -30.29 1.02 -18.76
C LEU D 143 -29.59 2.04 -19.66
N THR D 144 -28.58 1.63 -20.43
CA THR D 144 -27.70 2.53 -21.23
C THR D 144 -28.41 2.96 -22.51
N TYR D 145 -29.50 2.30 -22.90
CA TYR D 145 -30.27 2.58 -24.14
C TYR D 145 -30.69 4.05 -24.18
N ALA D 146 -31.00 4.61 -23.00
CA ALA D 146 -31.52 5.97 -22.77
C ALA D 146 -30.73 7.02 -23.56
N TYR D 147 -29.41 6.82 -23.75
CA TYR D 147 -28.51 7.75 -24.48
C TYR D 147 -28.89 7.76 -25.97
N LYS D 155 -35.42 12.44 -17.90
CA LYS D 155 -35.94 11.85 -19.16
C LYS D 155 -35.31 10.48 -19.40
N MET D 156 -34.00 10.35 -19.16
CA MET D 156 -33.18 9.15 -19.52
C MET D 156 -33.77 7.89 -18.88
N ILE D 157 -34.23 7.96 -17.62
CA ILE D 157 -34.84 6.80 -16.90
C ILE D 157 -36.11 6.34 -17.64
N GLU D 158 -36.90 7.27 -18.18
CA GLU D 158 -38.19 6.99 -18.88
C GLU D 158 -37.93 6.46 -20.28
N ASN D 159 -36.67 6.48 -20.74
CA ASN D 159 -36.26 6.12 -22.13
C ASN D 159 -35.30 4.91 -22.10
N ILE D 160 -35.33 4.12 -21.03
CA ILE D 160 -34.70 2.77 -21.04
C ILE D 160 -35.42 1.95 -22.11
N ALA D 161 -34.75 0.92 -22.62
CA ALA D 161 -35.23 0.08 -23.75
C ALA D 161 -36.56 -0.58 -23.42
N SER D 162 -36.77 -0.95 -22.14
CA SER D 162 -37.96 -1.67 -21.63
C SER D 162 -39.02 -0.68 -21.10
N ALA D 163 -38.94 0.60 -21.48
CA ALA D 163 -39.77 1.69 -20.91
C ALA D 163 -41.27 1.38 -21.07
N GLU D 164 -41.67 0.63 -22.10
CA GLU D 164 -43.09 0.25 -22.35
C GLU D 164 -43.56 -0.75 -21.28
N ILE D 165 -42.64 -1.46 -20.62
CA ILE D 165 -42.99 -2.51 -19.62
C ILE D 165 -43.04 -1.87 -18.25
N PRO D 166 -44.20 -1.93 -17.55
CA PRO D 166 -44.36 -1.29 -16.25
C PRO D 166 -43.79 -2.16 -15.11
N ARG D 167 -43.84 -1.62 -13.90
CA ARG D 167 -43.47 -2.28 -12.62
C ARG D 167 -44.01 -3.71 -12.61
N VAL D 168 -43.15 -4.66 -12.23
CA VAL D 168 -43.50 -6.09 -11.98
C VAL D 168 -44.00 -6.20 -10.52
N ASP D 169 -45.18 -6.77 -10.34
CA ASP D 169 -45.83 -6.94 -9.01
C ASP D 169 -45.36 -8.25 -8.39
N LEU D 170 -45.45 -9.33 -9.16
CA LEU D 170 -45.05 -10.70 -8.75
C LEU D 170 -44.05 -11.25 -9.77
N LEU D 171 -42.89 -11.70 -9.29
CA LEU D 171 -41.90 -12.41 -10.15
C LEU D 171 -41.82 -13.87 -9.70
N ILE D 172 -42.05 -14.78 -10.63
CA ILE D 172 -42.06 -16.24 -10.38
C ILE D 172 -40.91 -16.87 -11.16
N ARG D 173 -40.02 -17.52 -10.43
CA ARG D 173 -38.82 -18.17 -10.98
C ARG D 173 -38.88 -19.67 -10.72
N TRP D 174 -38.83 -20.46 -11.80
CA TRP D 174 -38.66 -21.93 -11.75
C TRP D 174 -37.18 -22.26 -11.62
N GLY D 175 -36.85 -23.48 -11.19
CA GLY D 175 -35.47 -24.02 -11.16
C GLY D 175 -34.76 -23.74 -9.85
N GLY D 176 -35.45 -23.18 -8.85
CA GLY D 176 -35.02 -23.19 -7.44
C GLY D 176 -33.98 -22.13 -7.10
N ARG D 177 -33.58 -21.29 -8.05
CA ARG D 177 -32.60 -20.19 -7.78
C ARG D 177 -33.37 -18.95 -7.36
N CYS D 178 -32.96 -18.30 -6.27
CA CYS D 178 -33.56 -17.03 -5.82
C CYS D 178 -32.65 -15.88 -6.28
N ARG D 179 -32.90 -15.39 -7.50
CA ARG D 179 -32.08 -14.33 -8.13
C ARG D 179 -32.81 -13.85 -9.38
N LEU D 180 -32.48 -12.64 -9.82
CA LEU D 180 -33.15 -11.94 -10.94
C LEU D 180 -32.47 -12.24 -12.28
N SER D 181 -31.19 -12.64 -12.25
CA SER D 181 -30.35 -12.83 -13.45
C SER D 181 -30.54 -11.64 -14.41
N GLY D 182 -30.59 -10.43 -13.86
CA GLY D 182 -30.59 -9.18 -14.65
C GLY D 182 -31.92 -8.94 -15.35
N MET D 183 -33.02 -9.49 -14.84
CA MET D 183 -34.35 -9.22 -15.45
C MET D 183 -34.85 -7.85 -14.98
N LEU D 184 -34.99 -6.91 -15.91
CA LEU D 184 -35.69 -5.61 -15.71
C LEU D 184 -35.34 -4.99 -14.35
N PRO D 185 -34.09 -4.58 -14.12
CA PRO D 185 -33.69 -4.02 -12.82
C PRO D 185 -34.60 -2.87 -12.34
N VAL D 186 -35.08 -2.01 -13.24
CA VAL D 186 -35.94 -0.85 -12.87
C VAL D 186 -37.31 -1.37 -12.40
N GLN D 187 -37.91 -2.29 -13.15
CA GLN D 187 -39.31 -2.72 -12.91
C GLN D 187 -39.40 -3.72 -11.75
N THR D 188 -38.27 -4.29 -11.29
CA THR D 188 -38.26 -5.36 -10.26
C THR D 188 -37.81 -4.86 -8.88
N VAL D 189 -37.53 -3.56 -8.71
CA VAL D 189 -36.99 -3.00 -7.43
C VAL D 189 -37.87 -3.40 -6.24
N TYR D 190 -39.20 -3.47 -6.40
CA TYR D 190 -40.16 -3.74 -5.30
C TYR D 190 -40.93 -5.05 -5.52
N SER D 191 -40.64 -5.78 -6.60
CA SER D 191 -41.35 -7.04 -6.97
C SER D 191 -41.28 -8.04 -5.81
N ASP D 192 -42.41 -8.65 -5.47
CA ASP D 192 -42.44 -9.84 -4.58
C ASP D 192 -42.00 -11.04 -5.42
N ILE D 193 -41.03 -11.81 -4.91
CA ILE D 193 -40.37 -12.90 -5.66
C ILE D 193 -40.81 -14.24 -5.06
N TYR D 194 -41.28 -15.13 -5.92
CA TYR D 194 -41.65 -16.52 -5.56
C TYR D 194 -40.81 -17.50 -6.37
N VAL D 195 -40.14 -18.41 -5.69
CA VAL D 195 -39.25 -19.42 -6.32
C VAL D 195 -39.94 -20.77 -6.25
N VAL D 196 -40.11 -21.39 -7.42
CA VAL D 196 -40.59 -22.80 -7.56
C VAL D 196 -39.35 -23.66 -7.70
N ASP D 197 -39.27 -24.73 -6.91
CA ASP D 197 -38.05 -25.58 -6.83
C ASP D 197 -37.95 -26.43 -8.11
N GLU D 198 -39.08 -26.82 -8.70
CA GLU D 198 -39.07 -27.68 -9.91
C GLU D 198 -38.54 -26.86 -11.11
N MET D 199 -37.81 -27.55 -11.99
CA MET D 199 -37.31 -27.00 -13.27
C MET D 199 -38.50 -26.61 -14.14
N TRP D 200 -38.33 -25.60 -14.99
CA TRP D 200 -39.42 -25.02 -15.82
C TRP D 200 -40.20 -26.10 -16.58
N PRO D 201 -39.58 -27.07 -17.27
CA PRO D 201 -40.34 -28.05 -18.05
C PRO D 201 -41.27 -28.94 -17.20
N ASP D 202 -41.06 -28.98 -15.88
CA ASP D 202 -41.94 -29.70 -14.92
C ASP D 202 -43.01 -28.75 -14.36
N PHE D 203 -43.30 -27.65 -15.06
CA PHE D 203 -44.39 -26.71 -14.74
C PHE D 203 -45.69 -27.48 -14.45
N LYS D 204 -46.41 -27.05 -13.42
CA LYS D 204 -47.78 -27.49 -13.07
C LYS D 204 -48.58 -26.24 -12.72
N PRO D 205 -49.89 -26.18 -13.04
CA PRO D 205 -50.72 -25.05 -12.64
C PRO D 205 -50.60 -24.70 -11.14
N GLU D 206 -50.40 -25.70 -10.28
CA GLU D 206 -50.29 -25.54 -8.79
C GLU D 206 -49.13 -24.60 -8.45
N HIS D 207 -48.04 -24.63 -9.24
CA HIS D 207 -46.88 -23.71 -9.13
C HIS D 207 -47.38 -22.25 -9.19
N LEU D 208 -48.14 -21.92 -10.23
CA LEU D 208 -48.70 -20.57 -10.46
C LEU D 208 -49.70 -20.24 -9.35
N PHE D 209 -50.55 -21.20 -8.97
CA PHE D 209 -51.59 -21.00 -7.92
C PHE D 209 -50.91 -20.62 -6.59
N LYS D 210 -49.86 -21.34 -6.21
CA LYS D 210 -49.08 -21.12 -4.96
C LYS D 210 -48.39 -19.76 -4.98
N ALA D 211 -47.82 -19.35 -6.12
CA ALA D 211 -47.22 -18.01 -6.29
C ALA D 211 -48.29 -16.93 -6.11
N LEU D 212 -49.49 -17.16 -6.64
CA LEU D 212 -50.62 -16.18 -6.56
C LEU D 212 -51.14 -16.12 -5.11
N GLU D 213 -51.22 -17.27 -4.42
CA GLU D 213 -51.57 -17.38 -2.97
C GLU D 213 -50.53 -16.60 -2.16
N PHE D 214 -49.24 -16.81 -2.44
CA PHE D 214 -48.12 -16.05 -1.85
C PHE D 214 -48.35 -14.55 -2.03
N TYR D 215 -48.62 -14.10 -3.27
CA TYR D 215 -48.77 -12.67 -3.62
C TYR D 215 -49.90 -12.05 -2.80
N GLN D 216 -51.05 -12.73 -2.69
CA GLN D 216 -52.25 -12.16 -2.01
C GLN D 216 -52.01 -12.11 -0.50
N ASN D 217 -51.03 -12.89 0.01
CA ASN D 217 -50.67 -12.94 1.44
C ASN D 217 -49.67 -11.84 1.81
N GLN D 218 -49.06 -11.16 0.83
CA GLN D 218 -48.03 -10.11 1.05
C GLN D 218 -48.68 -8.77 1.36
N ASP D 219 -48.14 -8.03 2.34
CA ASP D 219 -48.34 -6.57 2.51
C ASP D 219 -47.33 -5.87 1.59
N ILE D 220 -47.82 -5.20 0.54
CA ILE D 220 -46.99 -4.41 -0.42
C ILE D 220 -47.01 -2.95 0.03
N THR D 221 -46.01 -2.58 0.83
CA THR D 221 -45.94 -1.31 1.60
C THR D 221 -45.16 -0.25 0.81
N LEU D 222 -44.26 -0.69 -0.09
CA LEU D 222 -43.42 0.17 -0.97
C LEU D 222 -42.62 1.18 -0.13
N GLY D 223 -42.10 0.72 1.02
CA GLY D 223 -41.22 1.49 1.91
C GLY D 223 -41.99 2.35 2.91
N GLY D 224 -43.33 2.21 2.97
CA GLY D 224 -44.21 2.98 3.86
C GLY D 224 -44.66 2.16 5.07
N ILE E 8 36.26 -29.34 -8.14
CA ILE E 8 37.34 -28.81 -9.04
C ILE E 8 36.81 -27.68 -9.92
N PRO E 9 35.69 -27.81 -10.68
CA PRO E 9 35.26 -26.74 -11.59
C PRO E 9 34.80 -25.47 -10.86
N LYS E 10 34.77 -24.34 -11.56
CA LYS E 10 34.54 -22.98 -10.99
C LYS E 10 33.12 -22.54 -11.34
N PHE E 11 32.39 -21.97 -10.36
CA PHE E 11 30.95 -21.62 -10.50
C PHE E 11 30.72 -20.13 -10.17
N LYS E 12 30.09 -19.42 -11.11
CA LYS E 12 29.61 -18.02 -10.93
C LYS E 12 28.36 -18.01 -10.05
N ARG E 13 27.48 -19.00 -10.16
CA ARG E 13 26.29 -19.10 -9.29
C ARG E 13 26.33 -20.42 -8.52
N LEU E 14 26.13 -20.32 -7.21
CA LEU E 14 26.04 -21.49 -6.30
C LEU E 14 24.70 -21.46 -5.58
N PRO E 15 24.08 -22.63 -5.33
CA PRO E 15 22.88 -22.69 -4.52
C PRO E 15 23.26 -22.46 -3.05
N ARG E 16 22.41 -21.76 -2.29
CA ARG E 16 22.54 -21.61 -0.81
C ARG E 16 22.28 -22.95 -0.14
N HIS E 17 21.30 -23.71 -0.64
CA HIS E 17 20.76 -24.94 0.00
C HIS E 17 20.59 -26.02 -1.07
N ILE E 18 21.33 -27.11 -0.93
CA ILE E 18 21.22 -28.33 -1.78
C ILE E 18 20.46 -29.40 -1.00
N ALA E 19 19.48 -30.03 -1.64
CA ALA E 19 18.86 -31.27 -1.13
C ALA E 19 19.42 -32.46 -1.90
N ILE E 20 19.70 -33.55 -1.19
CA ILE E 20 20.24 -34.81 -1.75
C ILE E 20 19.17 -35.90 -1.54
N ILE E 21 18.80 -36.59 -2.61
CA ILE E 21 18.01 -37.86 -2.53
C ILE E 21 18.95 -38.99 -2.96
N PRO E 22 19.49 -39.74 -1.97
CA PRO E 22 20.45 -40.81 -2.24
C PRO E 22 19.76 -42.15 -2.55
N ASP E 23 19.07 -42.23 -3.68
CA ASP E 23 18.23 -43.38 -4.09
C ASP E 23 19.06 -44.39 -4.89
N GLY E 24 18.64 -45.66 -4.87
CA GLY E 24 19.17 -46.70 -5.78
C GLY E 24 20.01 -47.75 -5.06
N ASN E 25 19.96 -47.81 -3.73
CA ASN E 25 20.85 -48.69 -2.93
C ASN E 25 20.51 -50.17 -3.22
N ARG E 26 19.23 -50.50 -3.28
CA ARG E 26 18.75 -51.91 -3.48
C ARG E 26 19.08 -52.38 -4.91
N ARG E 27 18.81 -51.55 -5.92
CA ARG E 27 19.15 -51.88 -7.34
C ARG E 27 20.66 -52.03 -7.49
N TRP E 28 21.45 -51.14 -6.86
CA TRP E 28 22.93 -51.20 -6.86
C TRP E 28 23.39 -52.56 -6.33
N ALA E 29 22.87 -52.97 -5.18
CA ALA E 29 23.17 -54.25 -4.51
C ALA E 29 22.82 -55.42 -5.46
N LEU E 30 21.56 -55.50 -5.87
CA LEU E 30 21.05 -56.56 -6.80
C LEU E 30 21.92 -56.61 -8.07
N ALA E 31 22.40 -55.46 -8.57
CA ALA E 31 23.21 -55.36 -9.81
C ALA E 31 24.58 -56.01 -9.60
N ARG E 32 25.07 -56.05 -8.35
CA ARG E 32 26.37 -56.68 -7.97
C ARG E 32 26.14 -58.12 -7.49
N GLY E 33 24.88 -58.58 -7.45
CA GLY E 33 24.50 -59.94 -7.05
C GLY E 33 24.31 -60.07 -5.55
N LEU E 34 24.38 -58.96 -4.81
CA LEU E 34 24.22 -58.92 -3.33
C LEU E 34 22.73 -58.99 -2.99
N GLU E 35 22.39 -59.15 -1.71
CA GLU E 35 20.98 -59.10 -1.22
C GLU E 35 20.55 -57.63 -1.21
N LYS E 36 19.24 -57.39 -1.24
CA LYS E 36 18.61 -56.04 -1.37
C LYS E 36 19.17 -55.10 -0.30
N HIS E 37 19.29 -55.59 0.94
CA HIS E 37 19.61 -54.80 2.16
C HIS E 37 21.11 -54.45 2.25
N GLU E 38 21.95 -54.93 1.35
CA GLU E 38 23.44 -54.86 1.46
C GLU E 38 24.00 -53.63 0.72
N GLY E 39 23.16 -52.70 0.26
CA GLY E 39 23.60 -51.51 -0.48
C GLY E 39 23.87 -50.31 0.43
N TYR E 40 23.24 -50.28 1.61
CA TYR E 40 23.08 -49.07 2.46
C TYR E 40 24.43 -48.68 3.09
N SER E 41 25.24 -49.66 3.51
CA SER E 41 26.61 -49.42 4.03
C SER E 41 27.48 -48.73 2.97
N SER E 42 27.27 -49.02 1.67
CA SER E 42 28.05 -48.42 0.56
C SER E 42 27.57 -47.00 0.22
N GLY E 43 26.56 -46.50 0.93
CA GLY E 43 26.03 -45.12 0.74
C GLY E 43 26.65 -44.11 1.69
N ILE E 44 27.46 -44.54 2.66
CA ILE E 44 27.98 -43.63 3.71
C ILE E 44 29.11 -42.76 3.15
N ILE E 45 30.10 -43.34 2.46
CA ILE E 45 31.28 -42.60 1.94
C ILE E 45 30.82 -41.54 0.92
N PRO E 46 29.91 -41.88 -0.01
CA PRO E 46 29.34 -40.88 -0.93
C PRO E 46 28.82 -39.63 -0.22
N GLY E 47 28.07 -39.80 0.87
CA GLY E 47 27.58 -38.70 1.72
C GLY E 47 28.73 -37.85 2.22
N LEU E 48 29.82 -38.47 2.65
CA LEU E 48 31.02 -37.76 3.18
C LEU E 48 31.71 -37.00 2.04
N GLU E 49 31.71 -37.57 0.83
CA GLU E 49 32.29 -36.91 -0.36
C GLU E 49 31.47 -35.65 -0.65
N VAL E 50 30.14 -35.75 -0.56
CA VAL E 50 29.23 -34.59 -0.83
C VAL E 50 29.54 -33.50 0.21
N TYR E 51 29.57 -33.86 1.50
CA TYR E 51 29.98 -32.93 2.60
C TYR E 51 31.30 -32.25 2.23
N ASP E 52 32.36 -33.02 1.95
CA ASP E 52 33.72 -32.47 1.69
C ASP E 52 33.66 -31.44 0.55
N ILE E 53 32.99 -31.78 -0.56
CA ILE E 53 32.92 -30.92 -1.77
C ILE E 53 32.13 -29.65 -1.44
N CYS E 54 30.97 -29.77 -0.80
CA CYS E 54 30.12 -28.61 -0.43
C CYS E 54 30.90 -27.67 0.51
N VAL E 55 31.64 -28.23 1.47
CA VAL E 55 32.50 -27.43 2.39
C VAL E 55 33.53 -26.66 1.56
N LYS E 56 34.22 -27.34 0.64
CA LYS E 56 35.27 -26.75 -0.22
C LYS E 56 34.70 -25.58 -1.04
N ILE E 57 33.54 -25.72 -1.67
CA ILE E 57 33.03 -24.68 -2.61
C ILE E 57 32.20 -23.64 -1.84
N GLY E 58 31.87 -23.91 -0.57
CA GLY E 58 31.22 -22.91 0.31
C GLY E 58 29.70 -22.96 0.23
N ILE E 59 29.13 -24.14 -0.03
CA ILE E 59 27.65 -24.37 0.09
C ILE E 59 27.27 -24.16 1.56
N GLY E 60 26.26 -23.34 1.83
CA GLY E 60 25.82 -22.98 3.19
C GLY E 60 25.05 -24.11 3.88
N GLU E 61 24.28 -24.91 3.12
CA GLU E 61 23.33 -25.86 3.71
C GLU E 61 23.09 -27.05 2.77
N VAL E 62 23.07 -28.25 3.34
CA VAL E 62 22.81 -29.53 2.61
C VAL E 62 21.82 -30.33 3.42
N THR E 63 20.73 -30.76 2.79
CA THR E 63 19.74 -31.64 3.45
C THR E 63 19.79 -33.01 2.78
N PHE E 64 20.08 -34.06 3.56
CA PHE E 64 20.07 -35.46 3.09
C PHE E 64 18.73 -36.11 3.41
N PHE E 65 18.08 -36.70 2.39
CA PHE E 65 16.91 -37.58 2.57
C PHE E 65 17.41 -38.94 3.07
N GLY E 66 17.16 -39.26 4.35
CA GLY E 66 17.72 -40.46 5.00
C GLY E 66 16.83 -41.67 4.82
N PHE E 67 15.67 -41.67 5.49
CA PHE E 67 14.56 -42.60 5.18
C PHE E 67 13.25 -41.98 5.62
N THR E 68 12.16 -42.43 4.97
CA THR E 68 10.77 -41.95 5.15
C THR E 68 9.99 -42.95 5.99
N GLN E 69 8.84 -42.51 6.52
CA GLN E 69 7.84 -43.38 7.19
C GLN E 69 7.34 -44.43 6.18
N ASP E 70 7.19 -44.04 4.91
CA ASP E 70 6.80 -44.94 3.78
C ASP E 70 7.81 -46.09 3.66
N ASN E 71 9.12 -45.81 3.83
CA ASN E 71 10.22 -46.81 3.72
C ASN E 71 10.13 -47.84 4.85
N THR E 72 9.50 -47.50 5.97
CA THR E 72 9.38 -48.38 7.17
C THR E 72 8.28 -49.43 6.93
N LYS E 73 7.70 -49.49 5.72
CA LYS E 73 6.79 -50.56 5.25
C LYS E 73 7.61 -51.70 4.64
N ARG E 74 8.91 -51.49 4.42
CA ARG E 74 9.83 -52.49 3.81
C ARG E 74 10.15 -53.60 4.82
N PRO E 75 10.76 -54.72 4.38
CA PRO E 75 11.23 -55.77 5.29
C PRO E 75 12.19 -55.30 6.41
N GLN E 76 12.05 -55.90 7.59
CA GLN E 76 12.86 -55.64 8.82
C GLN E 76 14.35 -55.61 8.46
N ILE E 77 14.81 -56.56 7.65
CA ILE E 77 16.25 -56.73 7.26
C ILE E 77 16.73 -55.46 6.55
N GLN E 78 15.88 -54.85 5.72
CA GLN E 78 16.20 -53.60 4.98
C GLN E 78 16.14 -52.40 5.94
N ARG E 79 15.11 -52.36 6.80
CA ARG E 79 14.88 -51.29 7.81
C ARG E 79 16.09 -51.20 8.74
N LYS E 80 16.54 -52.34 9.30
CA LYS E 80 17.72 -52.40 10.19
C LYS E 80 18.95 -51.85 9.42
N ALA E 81 19.15 -52.27 8.17
CA ALA E 81 20.33 -51.92 7.36
C ALA E 81 20.35 -50.42 7.01
N PHE E 82 19.25 -49.83 6.52
CA PHE E 82 19.26 -48.39 6.12
C PHE E 82 19.32 -47.52 7.38
N THR E 83 18.70 -47.94 8.49
CA THR E 83 18.74 -47.21 9.79
C THR E 83 20.18 -47.19 10.31
N ASP E 84 20.82 -48.36 10.39
CA ASP E 84 22.25 -48.51 10.82
C ASP E 84 23.15 -47.57 9.99
N ALA E 85 22.94 -47.51 8.67
CA ALA E 85 23.75 -46.71 7.72
C ALA E 85 23.50 -45.21 7.94
N CYS E 86 22.26 -44.80 8.22
CA CYS E 86 21.88 -43.40 8.52
C CYS E 86 22.54 -42.97 9.84
N ILE E 87 22.44 -43.80 10.87
CA ILE E 87 23.11 -43.55 12.18
C ILE E 87 24.58 -43.24 11.92
N LYS E 88 25.28 -44.09 11.16
CA LYS E 88 26.74 -43.97 10.89
C LYS E 88 27.03 -42.64 10.17
N SER E 89 26.22 -42.28 9.18
CA SER E 89 26.41 -41.03 8.40
C SER E 89 26.41 -39.81 9.32
N VAL E 90 25.40 -39.68 10.18
CA VAL E 90 25.25 -38.54 11.12
C VAL E 90 26.45 -38.54 12.08
N GLN E 91 26.80 -39.71 12.62
CA GLN E 91 27.93 -39.86 13.58
C GLN E 91 29.24 -39.40 12.92
N GLU E 92 29.45 -39.69 11.63
CA GLU E 92 30.66 -39.27 10.89
C GLU E 92 30.65 -37.74 10.73
N ILE E 93 29.51 -37.14 10.38
CA ILE E 93 29.42 -35.67 10.18
C ILE E 93 29.66 -34.97 11.53
N ALA E 94 29.19 -35.58 12.63
CA ALA E 94 29.33 -35.12 14.02
C ALA E 94 30.81 -35.07 14.47
N LYS E 95 31.71 -35.76 13.76
CA LYS E 95 33.18 -35.73 14.02
C LYS E 95 33.85 -34.55 13.28
N ARG E 96 33.10 -33.81 12.46
CA ARG E 96 33.64 -32.76 11.55
C ARG E 96 33.10 -31.38 11.99
N ASP E 97 33.20 -30.38 11.11
CA ASP E 97 32.70 -29.00 11.37
C ASP E 97 31.36 -28.84 10.67
N ALA E 98 30.26 -28.82 11.45
CA ALA E 98 28.88 -28.72 10.93
C ALA E 98 27.93 -28.28 12.04
N GLU E 99 26.90 -27.54 11.66
CA GLU E 99 25.63 -27.42 12.42
C GLU E 99 24.74 -28.58 11.98
N ILE E 100 24.49 -29.55 12.85
CA ILE E 100 23.73 -30.79 12.51
C ILE E 100 22.29 -30.67 12.97
N LEU E 101 21.35 -31.03 12.10
CA LEU E 101 19.92 -31.13 12.47
C LEU E 101 19.35 -32.44 11.91
N VAL E 102 18.69 -33.21 12.76
CA VAL E 102 17.89 -34.40 12.34
C VAL E 102 16.42 -34.04 12.50
N VAL E 103 15.65 -34.22 11.42
CA VAL E 103 14.19 -34.00 11.40
C VAL E 103 13.53 -35.34 11.06
N GLY E 104 12.61 -35.78 11.90
CA GLY E 104 11.89 -37.05 11.76
C GLY E 104 11.00 -37.29 12.96
N ASN E 105 10.10 -38.25 12.84
CA ASN E 105 9.12 -38.64 13.89
C ASN E 105 9.88 -39.43 14.96
N THR E 106 10.14 -38.80 16.10
CA THR E 106 10.86 -39.39 17.26
C THR E 106 9.89 -40.18 18.15
N ASN E 107 8.57 -40.07 17.93
CA ASN E 107 7.51 -40.76 18.71
C ASN E 107 7.30 -42.16 18.14
N SER E 108 8.39 -42.92 17.99
CA SER E 108 8.43 -44.22 17.26
C SER E 108 9.73 -44.96 17.59
N ASP E 109 9.63 -46.26 17.86
CA ASP E 109 10.77 -47.18 18.16
C ASP E 109 11.69 -47.25 16.93
N ILE E 110 11.16 -46.87 15.77
CA ILE E 110 11.89 -46.83 14.46
C ILE E 110 12.96 -45.73 14.52
N PHE E 111 12.69 -44.62 15.20
CA PHE E 111 13.67 -43.49 15.33
C PHE E 111 14.82 -43.93 16.22
N PRO E 112 16.07 -43.91 15.69
CA PRO E 112 17.24 -44.36 16.45
C PRO E 112 17.60 -43.40 17.59
N GLU E 113 17.72 -43.95 18.80
CA GLU E 113 18.09 -43.24 20.06
C GLU E 113 19.37 -42.42 19.84
N GLU E 114 20.33 -42.94 19.06
CA GLU E 114 21.66 -42.34 18.81
C GLU E 114 21.54 -40.92 18.26
N LEU E 115 20.44 -40.59 17.58
CA LEU E 115 20.28 -39.32 16.80
C LEU E 115 19.38 -38.33 17.55
N LEU E 116 18.82 -38.70 18.71
CA LEU E 116 17.88 -37.82 19.46
C LEU E 116 18.56 -36.49 19.79
N GLU E 117 19.87 -36.51 20.09
CA GLU E 117 20.62 -35.30 20.51
C GLU E 117 20.67 -34.28 19.36
N TYR E 118 20.45 -34.70 18.12
CA TYR E 118 20.56 -33.82 16.93
C TYR E 118 19.19 -33.33 16.45
N THR E 119 18.10 -33.59 17.18
CA THR E 119 16.74 -33.16 16.80
C THR E 119 16.56 -31.68 17.16
N LYS E 120 17.54 -31.09 17.83
CA LYS E 120 17.72 -29.61 17.92
C LYS E 120 19.05 -29.29 17.24
N ARG E 121 19.10 -28.27 16.39
CA ARG E 121 20.30 -27.92 15.59
C ARG E 121 21.49 -27.76 16.55
N THR E 122 22.57 -28.50 16.30
CA THR E 122 23.73 -28.62 17.21
C THR E 122 24.97 -28.19 16.43
N LYS E 123 25.60 -27.10 16.88
CA LYS E 123 26.87 -26.62 16.28
C LYS E 123 28.00 -27.54 16.77
N VAL E 124 28.74 -28.12 15.82
CA VAL E 124 29.90 -29.01 16.10
C VAL E 124 31.15 -28.32 15.53
N GLY E 125 32.18 -28.20 16.37
CA GLY E 125 33.44 -27.51 16.01
C GLY E 125 33.15 -26.12 15.48
N LYS E 126 33.68 -25.79 14.30
CA LYS E 126 33.61 -24.45 13.68
C LYS E 126 32.21 -24.21 13.08
N GLY E 127 31.41 -25.26 12.84
CA GLY E 127 30.05 -25.11 12.25
C GLY E 127 30.06 -24.38 10.90
N LYS E 128 30.98 -24.77 10.01
CA LYS E 128 31.22 -24.11 8.69
C LYS E 128 30.01 -24.26 7.75
N ILE E 129 29.15 -25.26 8.00
CA ILE E 129 28.08 -25.69 7.06
C ILE E 129 26.93 -26.28 7.87
N LYS E 130 25.71 -26.07 7.39
CA LYS E 130 24.50 -26.68 7.99
C LYS E 130 24.22 -27.99 7.26
N ILE E 131 24.16 -29.10 7.98
CA ILE E 131 23.84 -30.44 7.44
C ILE E 131 22.60 -30.95 8.14
N ASN E 132 21.52 -31.14 7.38
CA ASN E 132 20.23 -31.68 7.85
C ASN E 132 20.11 -33.11 7.35
N PHE E 133 19.51 -33.97 8.17
CA PHE E 133 19.11 -35.35 7.80
C PHE E 133 17.63 -35.54 8.09
N LEU E 134 16.89 -36.08 7.10
CA LEU E 134 15.47 -36.48 7.29
C LEU E 134 15.47 -37.98 7.60
N ILE E 135 15.12 -38.32 8.85
CA ILE E 135 15.24 -39.67 9.46
C ILE E 135 13.89 -40.05 10.05
N ASN E 136 13.25 -41.08 9.50
CA ASN E 136 11.83 -41.43 9.81
C ASN E 136 10.97 -40.20 9.52
N TYR E 137 11.23 -39.55 8.38
CA TYR E 137 10.52 -38.33 7.94
C TYR E 137 9.32 -38.75 7.09
N GLY E 138 8.22 -38.00 7.22
CA GLY E 138 7.02 -38.10 6.37
C GLY E 138 6.49 -36.73 6.03
N TRP E 139 6.17 -36.49 4.75
CA TRP E 139 5.62 -35.19 4.30
C TRP E 139 4.33 -34.90 5.08
N TYR E 140 3.50 -35.92 5.31
CA TYR E 140 2.18 -35.77 5.98
C TYR E 140 2.42 -35.39 7.45
N TRP E 141 3.24 -36.18 8.13
CA TRP E 141 3.68 -35.93 9.52
C TRP E 141 4.24 -34.51 9.65
N ASP E 142 5.06 -34.08 8.67
CA ASP E 142 5.71 -32.74 8.67
C ASP E 142 4.64 -31.64 8.64
N LEU E 143 3.76 -31.67 7.63
CA LEU E 143 2.70 -30.64 7.45
C LEU E 143 1.77 -30.62 8.68
N THR E 144 1.40 -31.79 9.21
CA THR E 144 0.38 -31.92 10.29
C THR E 144 1.00 -31.62 11.67
N TYR E 145 2.33 -31.68 11.80
CA TYR E 145 3.08 -31.44 13.06
C TYR E 145 2.64 -30.12 13.71
N ALA E 146 2.32 -29.12 12.88
CA ALA E 146 1.94 -27.74 13.27
C ALA E 146 0.95 -27.72 14.44
N TYR E 147 -0.01 -28.65 14.46
CA TYR E 147 -1.10 -28.71 15.48
C TYR E 147 -0.50 -29.01 16.86
N LYS E 155 0.00 -19.54 13.44
CA LYS E 155 1.17 -19.51 12.51
C LYS E 155 1.54 -20.95 12.15
N MET E 156 0.54 -21.75 11.74
CA MET E 156 0.61 -23.22 11.59
C MET E 156 1.71 -23.61 10.58
N ILE E 157 1.76 -22.93 9.43
CA ILE E 157 2.73 -23.21 8.33
C ILE E 157 4.17 -23.05 8.84
N GLU E 158 4.42 -22.05 9.71
CA GLU E 158 5.77 -21.75 10.27
C GLU E 158 6.14 -22.74 11.38
N ASN E 159 5.21 -23.63 11.79
CA ASN E 159 5.44 -24.63 12.87
C ASN E 159 5.38 -26.06 12.31
N ILE E 160 5.57 -26.24 10.99
CA ILE E 160 5.81 -27.60 10.42
C ILE E 160 7.07 -28.14 11.10
N ALA E 161 7.25 -29.47 11.12
CA ALA E 161 8.38 -30.17 11.77
C ALA E 161 9.72 -29.67 11.21
N SER E 162 9.78 -29.41 9.91
CA SER E 162 11.00 -29.05 9.15
C SER E 162 11.17 -27.53 9.09
N ALA E 163 10.50 -26.78 9.98
CA ALA E 163 10.41 -25.30 9.95
C ALA E 163 11.82 -24.68 9.94
N GLU E 164 12.79 -25.29 10.62
CA GLU E 164 14.18 -24.76 10.73
C GLU E 164 14.92 -24.90 9.39
N ILE E 165 14.47 -25.79 8.51
CA ILE E 165 15.11 -26.00 7.17
C ILE E 165 14.48 -25.02 6.18
N PRO E 166 15.27 -24.12 5.56
CA PRO E 166 14.73 -23.12 4.64
C PRO E 166 14.56 -23.73 3.24
N ARG E 167 14.03 -22.92 2.32
CA ARG E 167 13.83 -23.25 0.89
C ARG E 167 15.06 -23.98 0.32
N VAL E 168 14.81 -25.03 -0.47
CA VAL E 168 15.86 -25.78 -1.22
C VAL E 168 16.03 -25.10 -2.59
N ASP E 169 17.25 -24.72 -2.94
CA ASP E 169 17.57 -24.10 -4.25
C ASP E 169 17.75 -25.18 -5.31
N LEU E 170 18.54 -26.21 -5.02
CA LEU E 170 18.89 -27.29 -5.97
C LEU E 170 18.65 -28.63 -5.31
N LEU E 171 17.86 -29.49 -5.94
CA LEU E 171 17.65 -30.86 -5.44
C LEU E 171 18.29 -31.82 -6.44
N ILE E 172 19.16 -32.69 -5.95
CA ILE E 172 19.86 -33.69 -6.80
C ILE E 172 19.41 -35.07 -6.35
N ARG E 173 18.87 -35.85 -7.28
CA ARG E 173 18.39 -37.22 -6.99
C ARG E 173 19.21 -38.21 -7.83
N TRP E 174 19.80 -39.19 -7.16
CA TRP E 174 20.50 -40.36 -7.75
C TRP E 174 19.45 -41.45 -8.00
N GLY E 175 19.73 -42.40 -8.89
CA GLY E 175 18.86 -43.57 -9.11
C GLY E 175 17.85 -43.38 -10.23
N GLY E 176 17.98 -42.30 -11.01
CA GLY E 176 17.32 -42.12 -12.32
C GLY E 176 15.83 -41.83 -12.24
N ARG E 177 15.21 -41.74 -11.06
CA ARG E 177 13.76 -41.39 -10.96
C ARG E 177 13.63 -39.88 -10.80
N CYS E 178 12.71 -39.25 -11.54
CA CYS E 178 12.42 -37.80 -11.47
C CYS E 178 11.15 -37.58 -10.64
N ARG E 179 11.31 -37.54 -9.32
CA ARG E 179 10.18 -37.43 -8.35
C ARG E 179 10.80 -37.03 -7.02
N LEU E 180 9.99 -36.43 -6.13
CA LEU E 180 10.48 -35.90 -4.83
C LEU E 180 10.33 -36.96 -3.73
N SER E 181 9.47 -37.97 -3.94
CA SER E 181 9.11 -38.99 -2.94
C SER E 181 8.83 -38.32 -1.59
N GLY E 182 8.11 -37.19 -1.63
CA GLY E 182 7.58 -36.50 -0.44
C GLY E 182 8.68 -35.80 0.35
N MET E 183 9.80 -35.44 -0.28
CA MET E 183 10.84 -34.66 0.41
C MET E 183 10.40 -33.20 0.55
N LEU E 184 10.19 -32.73 1.78
CA LEU E 184 10.03 -31.28 2.10
C LEU E 184 9.13 -30.59 1.07
N PRO E 185 7.83 -30.95 0.95
CA PRO E 185 6.92 -30.30 -0.01
C PRO E 185 6.97 -28.77 0.05
N VAL E 186 7.06 -28.19 1.25
CA VAL E 186 7.09 -26.71 1.43
C VAL E 186 8.40 -26.16 0.85
N GLN E 187 9.54 -26.75 1.19
CA GLN E 187 10.86 -26.17 0.86
C GLN E 187 11.24 -26.44 -0.61
N THR E 188 10.58 -27.40 -1.28
CA THR E 188 10.93 -27.81 -2.67
C THR E 188 9.99 -27.19 -3.72
N VAL E 189 9.09 -26.28 -3.37
CA VAL E 189 8.09 -25.74 -4.35
C VAL E 189 8.78 -25.10 -5.56
N TYR E 190 9.91 -24.40 -5.38
CA TYR E 190 10.64 -23.68 -6.46
C TYR E 190 12.02 -24.31 -6.75
N SER E 191 12.33 -25.45 -6.15
CA SER E 191 13.65 -26.14 -6.30
C SER E 191 13.86 -26.56 -7.75
N ASP E 192 15.04 -26.27 -8.30
CA ASP E 192 15.56 -26.87 -9.54
C ASP E 192 16.01 -28.29 -9.22
N ILE E 193 15.50 -29.26 -9.97
CA ILE E 193 15.71 -30.71 -9.72
C ILE E 193 16.67 -31.23 -10.79
N TYR E 194 17.72 -31.92 -10.37
CA TYR E 194 18.68 -32.59 -11.29
C TYR E 194 18.70 -34.09 -10.97
N VAL E 195 18.48 -34.92 -11.99
CA VAL E 195 18.47 -36.41 -11.83
C VAL E 195 19.77 -36.97 -12.39
N VAL E 196 20.49 -37.70 -11.53
CA VAL E 196 21.66 -38.55 -11.88
C VAL E 196 21.12 -39.96 -12.10
N ASP E 197 21.45 -40.60 -13.23
CA ASP E 197 20.93 -41.94 -13.60
C ASP E 197 21.58 -43.01 -12.73
N GLU E 198 22.87 -42.85 -12.41
CA GLU E 198 23.65 -43.80 -11.58
C GLU E 198 22.99 -43.91 -10.21
N MET E 199 23.02 -45.11 -9.63
CA MET E 199 22.55 -45.39 -8.25
C MET E 199 23.49 -44.68 -7.28
N TRP E 200 22.98 -44.33 -6.09
CA TRP E 200 23.69 -43.48 -5.09
C TRP E 200 25.07 -44.04 -4.75
N PRO E 201 25.24 -45.36 -4.49
CA PRO E 201 26.55 -45.90 -4.15
C PRO E 201 27.62 -45.73 -5.27
N ASP E 202 27.18 -45.50 -6.51
CA ASP E 202 28.07 -45.23 -7.67
C ASP E 202 28.33 -43.73 -7.78
N PHE E 203 28.03 -42.95 -6.72
CA PHE E 203 28.35 -41.50 -6.65
C PHE E 203 29.76 -41.25 -7.17
N LYS E 204 29.92 -40.19 -7.98
CA LYS E 204 31.21 -39.59 -8.36
C LYS E 204 31.08 -38.08 -8.19
N PRO E 205 32.18 -37.34 -7.90
CA PRO E 205 32.13 -35.88 -7.84
C PRO E 205 31.50 -35.22 -9.08
N GLU E 206 31.76 -35.77 -10.28
CA GLU E 206 31.26 -35.19 -11.56
C GLU E 206 29.72 -35.13 -11.55
N HIS E 207 29.04 -36.05 -10.83
CA HIS E 207 27.57 -36.04 -10.63
C HIS E 207 27.16 -34.69 -10.03
N LEU E 208 27.83 -34.32 -8.94
CA LEU E 208 27.55 -33.07 -8.21
C LEU E 208 27.97 -31.88 -9.09
N PHE E 209 29.12 -31.95 -9.77
CA PHE E 209 29.61 -30.83 -10.62
C PHE E 209 28.61 -30.57 -11.76
N LYS E 210 28.06 -31.62 -12.37
CA LYS E 210 27.10 -31.50 -13.50
C LYS E 210 25.78 -30.90 -12.99
N ALA E 211 25.36 -31.26 -11.77
CA ALA E 211 24.16 -30.68 -11.11
C ALA E 211 24.35 -29.17 -10.91
N LEU E 212 25.55 -28.74 -10.47
CA LEU E 212 25.84 -27.32 -10.18
C LEU E 212 25.94 -26.52 -11.49
N GLU E 213 26.56 -27.10 -12.52
CA GLU E 213 26.59 -26.53 -13.90
C GLU E 213 25.14 -26.28 -14.35
N PHE E 214 24.27 -27.28 -14.19
CA PHE E 214 22.81 -27.20 -14.48
C PHE E 214 22.19 -26.03 -13.70
N TYR E 215 22.45 -25.94 -12.40
CA TYR E 215 21.85 -24.89 -11.53
C TYR E 215 22.28 -23.51 -12.04
N GLN E 216 23.55 -23.32 -12.38
CA GLN E 216 24.06 -21.97 -12.74
C GLN E 216 23.52 -21.59 -14.13
N ASN E 217 23.07 -22.57 -14.93
CA ASN E 217 22.51 -22.36 -16.29
C ASN E 217 21.02 -22.02 -16.24
N GLN E 218 20.34 -22.18 -15.10
CA GLN E 218 18.90 -21.84 -14.95
C GLN E 218 18.75 -20.31 -14.87
N ILE F 8 -1.24 -41.55 -33.48
CA ILE F 8 -1.06 -41.46 -31.98
C ILE F 8 -0.78 -42.88 -31.47
N PRO F 9 0.34 -43.14 -30.75
CA PRO F 9 0.73 -44.50 -30.39
C PRO F 9 -0.19 -45.21 -29.39
N LYS F 10 0.02 -46.52 -29.19
CA LYS F 10 -0.72 -47.36 -28.22
C LYS F 10 0.09 -47.41 -26.91
N PHE F 11 -0.59 -47.25 -25.78
CA PHE F 11 0.03 -47.18 -24.43
C PHE F 11 -0.55 -48.28 -23.53
N LYS F 12 0.34 -49.13 -22.99
CA LYS F 12 -0.01 -50.26 -22.10
C LYS F 12 -0.49 -49.73 -20.75
N ARG F 13 0.05 -48.59 -20.30
CA ARG F 13 -0.36 -47.92 -19.03
C ARG F 13 -0.56 -46.43 -19.31
N LEU F 14 -1.62 -45.84 -18.76
CA LEU F 14 -1.92 -44.39 -18.85
C LEU F 14 -2.09 -43.83 -17.44
N PRO F 15 -1.60 -42.58 -17.19
CA PRO F 15 -1.85 -41.92 -15.91
C PRO F 15 -3.32 -41.55 -15.80
N ARG F 16 -3.89 -41.69 -14.60
CA ARG F 16 -5.28 -41.26 -14.29
C ARG F 16 -5.35 -39.74 -14.35
N HIS F 17 -4.30 -39.05 -13.86
CA HIS F 17 -4.25 -37.58 -13.69
C HIS F 17 -2.89 -37.04 -14.20
N ILE F 18 -2.94 -36.17 -15.21
CA ILE F 18 -1.76 -35.44 -15.75
C ILE F 18 -1.81 -33.99 -15.27
N ALA F 19 -0.69 -33.48 -14.76
CA ALA F 19 -0.49 -32.03 -14.53
C ALA F 19 0.37 -31.44 -15.65
N ILE F 20 -0.02 -30.26 -16.14
CA ILE F 20 0.68 -29.55 -17.26
C ILE F 20 1.17 -28.22 -16.70
N ILE F 21 2.48 -27.96 -16.84
CA ILE F 21 3.07 -26.62 -16.57
C ILE F 21 3.47 -26.03 -17.92
N PRO F 22 2.63 -25.13 -18.48
CA PRO F 22 2.85 -24.55 -19.81
C PRO F 22 3.81 -23.36 -19.77
N ASP F 23 5.08 -23.61 -19.45
CA ASP F 23 6.11 -22.58 -19.15
C ASP F 23 6.88 -22.20 -20.42
N GLY F 24 7.47 -21.00 -20.42
CA GLY F 24 8.41 -20.54 -21.47
C GLY F 24 7.80 -19.56 -22.44
N ASN F 25 6.64 -18.99 -22.11
CA ASN F 25 5.89 -18.07 -23.02
C ASN F 25 6.69 -16.78 -23.23
N ARG F 26 7.33 -16.24 -22.19
CA ARG F 26 8.07 -14.96 -22.29
C ARG F 26 9.37 -15.16 -23.07
N ARG F 27 10.13 -16.22 -22.80
CA ARG F 27 11.36 -16.54 -23.56
C ARG F 27 11.01 -16.80 -25.03
N TRP F 28 9.90 -17.50 -25.28
CA TRP F 28 9.41 -17.81 -26.64
C TRP F 28 9.17 -16.51 -27.40
N ALA F 29 8.42 -15.57 -26.81
CA ALA F 29 8.11 -14.23 -27.37
C ALA F 29 9.42 -13.48 -27.62
N LEU F 30 10.26 -13.32 -26.60
CA LEU F 30 11.56 -12.59 -26.68
C LEU F 30 12.42 -13.17 -27.79
N ALA F 31 12.50 -14.50 -27.92
CA ALA F 31 13.28 -15.21 -28.95
C ALA F 31 12.81 -14.81 -30.36
N ARG F 32 11.52 -14.50 -30.51
CA ARG F 32 10.87 -14.14 -31.80
C ARG F 32 10.90 -12.62 -32.03
N GLY F 33 11.44 -11.86 -31.08
CA GLY F 33 11.54 -10.39 -31.14
C GLY F 33 10.23 -9.70 -30.77
N LEU F 34 9.33 -10.42 -30.08
CA LEU F 34 8.06 -9.87 -29.56
C LEU F 34 8.29 -9.32 -28.16
N GLU F 35 7.33 -8.55 -27.63
CA GLU F 35 7.31 -8.10 -26.22
C GLU F 35 7.03 -9.32 -25.34
N LYS F 36 7.58 -9.35 -24.12
CA LYS F 36 7.53 -10.50 -23.19
C LYS F 36 6.08 -11.01 -23.06
N HIS F 37 5.12 -10.09 -22.93
CA HIS F 37 3.70 -10.40 -22.59
C HIS F 37 2.96 -11.07 -23.76
N GLU F 38 3.55 -11.12 -24.94
CA GLU F 38 2.83 -11.55 -26.19
C GLU F 38 2.84 -13.07 -26.35
N GLY F 39 3.58 -13.82 -25.53
CA GLY F 39 3.71 -15.28 -25.70
C GLY F 39 2.43 -16.00 -25.34
N TYR F 40 1.71 -15.47 -24.35
CA TYR F 40 0.52 -16.11 -23.71
C TYR F 40 -0.55 -16.38 -24.75
N SER F 41 -0.78 -15.47 -25.70
CA SER F 41 -1.86 -15.65 -26.71
C SER F 41 -1.51 -16.81 -27.65
N SER F 42 -0.23 -17.20 -27.77
CA SER F 42 0.22 -18.38 -28.56
C SER F 42 0.27 -19.65 -27.69
N GLY F 43 -0.24 -19.61 -26.45
CA GLY F 43 -0.34 -20.76 -25.55
C GLY F 43 -1.71 -21.43 -25.57
N ILE F 44 -2.69 -20.91 -26.32
CA ILE F 44 -4.10 -21.40 -26.22
C ILE F 44 -4.27 -22.66 -27.08
N ILE F 45 -3.83 -22.62 -28.34
CA ILE F 45 -3.99 -23.77 -29.28
C ILE F 45 -3.20 -24.99 -28.78
N PRO F 46 -1.97 -24.82 -28.27
CA PRO F 46 -1.29 -25.95 -27.60
C PRO F 46 -2.15 -26.64 -26.53
N GLY F 47 -2.83 -25.88 -25.68
CA GLY F 47 -3.77 -26.39 -24.66
C GLY F 47 -4.87 -27.24 -25.28
N LEU F 48 -5.47 -26.75 -26.36
CA LEU F 48 -6.56 -27.44 -27.11
C LEU F 48 -6.05 -28.75 -27.74
N GLU F 49 -4.82 -28.76 -28.22
CA GLU F 49 -4.16 -29.97 -28.79
C GLU F 49 -3.99 -31.00 -27.68
N VAL F 50 -3.52 -30.56 -26.50
CA VAL F 50 -3.36 -31.49 -25.34
C VAL F 50 -4.74 -32.05 -24.97
N TYR F 51 -5.77 -31.20 -24.89
CA TYR F 51 -7.15 -31.61 -24.62
C TYR F 51 -7.57 -32.69 -25.63
N ASP F 52 -7.40 -32.43 -26.93
CA ASP F 52 -7.86 -33.34 -28.03
C ASP F 52 -7.19 -34.71 -27.85
N ILE F 53 -5.86 -34.72 -27.69
CA ILE F 53 -5.07 -35.97 -27.51
C ILE F 53 -5.58 -36.70 -26.25
N CYS F 54 -5.70 -36.01 -25.11
CA CYS F 54 -6.08 -36.64 -23.83
C CYS F 54 -7.48 -37.26 -23.97
N VAL F 55 -8.40 -36.58 -24.66
CA VAL F 55 -9.77 -37.13 -24.93
C VAL F 55 -9.65 -38.39 -25.79
N LYS F 56 -8.84 -38.35 -26.85
CA LYS F 56 -8.65 -39.46 -27.82
C LYS F 56 -8.17 -40.71 -27.07
N ILE F 57 -7.17 -40.57 -26.20
CA ILE F 57 -6.50 -41.74 -25.54
C ILE F 57 -7.24 -42.10 -24.24
N GLY F 58 -8.13 -41.23 -23.75
CA GLY F 58 -9.01 -41.52 -22.59
C GLY F 58 -8.33 -41.22 -21.26
N ILE F 59 -7.53 -40.15 -21.19
CA ILE F 59 -7.01 -39.60 -19.90
C ILE F 59 -8.21 -39.08 -19.10
N GLY F 60 -8.35 -39.51 -17.85
CA GLY F 60 -9.49 -39.19 -16.97
C GLY F 60 -9.45 -37.76 -16.48
N GLU F 61 -8.26 -37.19 -16.24
CA GLU F 61 -8.13 -35.87 -15.57
C GLU F 61 -6.83 -35.18 -15.98
N VAL F 62 -6.91 -33.88 -16.31
CA VAL F 62 -5.75 -33.02 -16.68
C VAL F 62 -5.88 -31.70 -15.92
N THR F 63 -4.86 -31.34 -15.13
CA THR F 63 -4.75 -30.03 -14.44
C THR F 63 -3.73 -29.14 -15.16
N PHE F 64 -4.17 -27.97 -15.63
CA PHE F 64 -3.32 -26.93 -16.25
C PHE F 64 -2.96 -25.89 -15.19
N PHE F 65 -1.66 -25.57 -15.10
CA PHE F 65 -1.12 -24.47 -14.27
C PHE F 65 -1.33 -23.16 -15.04
N GLY F 66 -2.33 -22.37 -14.64
CA GLY F 66 -2.70 -21.12 -15.32
C GLY F 66 -1.82 -19.97 -14.87
N PHE F 67 -2.03 -19.50 -13.65
CA PHE F 67 -1.16 -18.46 -13.02
C PHE F 67 -1.30 -18.53 -11.50
N THR F 68 -0.24 -18.13 -10.82
CA THR F 68 -0.09 -18.18 -9.35
C THR F 68 -0.31 -16.78 -8.76
N GLN F 69 -0.54 -16.72 -7.46
CA GLN F 69 -0.54 -15.44 -6.70
C GLN F 69 0.84 -14.80 -6.88
N ASP F 70 1.90 -15.59 -6.76
CA ASP F 70 3.31 -15.17 -7.01
C ASP F 70 3.41 -14.51 -8.40
N ASN F 71 2.83 -15.13 -9.43
CA ASN F 71 2.86 -14.62 -10.84
C ASN F 71 2.33 -13.18 -10.91
N THR F 72 1.34 -12.85 -10.08
CA THR F 72 0.68 -11.52 -10.10
C THR F 72 1.59 -10.43 -9.55
N LYS F 73 2.76 -10.79 -9.04
CA LYS F 73 3.77 -9.77 -8.64
C LYS F 73 4.45 -9.24 -9.91
N ARG F 74 4.30 -9.95 -11.04
CA ARG F 74 4.84 -9.52 -12.37
C ARG F 74 4.14 -8.24 -12.81
N PRO F 75 4.71 -7.49 -13.79
CA PRO F 75 4.13 -6.24 -14.26
C PRO F 75 2.70 -6.34 -14.83
N GLN F 76 1.98 -5.22 -14.81
CA GLN F 76 0.54 -5.07 -15.22
C GLN F 76 0.30 -5.65 -16.62
N ILE F 77 1.15 -5.30 -17.60
CA ILE F 77 1.00 -5.67 -19.03
C ILE F 77 1.04 -7.20 -19.19
N GLN F 78 1.93 -7.88 -18.45
CA GLN F 78 2.09 -9.36 -18.49
C GLN F 78 0.88 -10.02 -17.82
N ARG F 79 0.40 -9.42 -16.73
CA ARG F 79 -0.71 -9.97 -15.91
C ARG F 79 -2.01 -9.94 -16.71
N LYS F 80 -2.32 -8.81 -17.36
CA LYS F 80 -3.50 -8.69 -18.27
C LYS F 80 -3.39 -9.79 -19.33
N ALA F 81 -2.19 -9.97 -19.88
CA ALA F 81 -1.88 -10.94 -20.96
C ALA F 81 -2.13 -12.38 -20.47
N PHE F 82 -1.54 -12.82 -19.36
CA PHE F 82 -1.69 -14.23 -18.90
C PHE F 82 -3.10 -14.42 -18.33
N THR F 83 -3.71 -13.42 -17.69
CA THR F 83 -5.11 -13.54 -17.18
C THR F 83 -6.05 -13.73 -18.38
N ASP F 84 -5.90 -12.90 -19.41
CA ASP F 84 -6.72 -12.92 -20.66
C ASP F 84 -6.58 -14.28 -21.35
N ALA F 85 -5.35 -14.78 -21.53
CA ALA F 85 -5.08 -16.08 -22.17
C ALA F 85 -5.71 -17.20 -21.34
N CYS F 86 -5.62 -17.15 -20.00
CA CYS F 86 -6.28 -18.15 -19.11
C CYS F 86 -7.80 -18.12 -19.31
N ILE F 87 -8.42 -16.94 -19.31
CA ILE F 87 -9.90 -16.80 -19.50
C ILE F 87 -10.27 -17.47 -20.82
N LYS F 88 -9.54 -17.12 -21.89
CA LYS F 88 -9.79 -17.61 -23.27
C LYS F 88 -9.69 -19.14 -23.27
N SER F 89 -8.68 -19.72 -22.61
CA SER F 89 -8.46 -21.18 -22.56
C SER F 89 -9.67 -21.90 -21.97
N VAL F 90 -10.18 -21.41 -20.83
CA VAL F 90 -11.31 -22.05 -20.09
C VAL F 90 -12.55 -21.94 -20.99
N GLN F 91 -12.73 -20.78 -21.61
CA GLN F 91 -13.87 -20.51 -22.53
C GLN F 91 -13.82 -21.48 -23.71
N GLU F 92 -12.63 -21.78 -24.24
CA GLU F 92 -12.46 -22.73 -25.37
C GLU F 92 -12.81 -24.15 -24.92
N ILE F 93 -12.41 -24.57 -23.72
CA ILE F 93 -12.76 -25.93 -23.21
C ILE F 93 -14.26 -25.98 -22.94
N ALA F 94 -14.86 -24.86 -22.55
CA ALA F 94 -16.32 -24.71 -22.29
C ALA F 94 -17.15 -24.92 -23.58
N LYS F 95 -16.53 -24.77 -24.76
CA LYS F 95 -17.14 -25.05 -26.09
C LYS F 95 -17.18 -26.55 -26.38
N ARG F 96 -16.47 -27.37 -25.60
CA ARG F 96 -16.19 -28.80 -25.94
C ARG F 96 -16.83 -29.72 -24.90
N ASP F 97 -16.29 -30.95 -24.76
CA ASP F 97 -16.79 -31.99 -23.83
C ASP F 97 -15.80 -32.14 -22.68
N ALA F 98 -16.18 -31.67 -21.48
CA ALA F 98 -15.34 -31.75 -20.27
C ALA F 98 -16.21 -31.56 -19.01
N GLU F 99 -15.67 -31.98 -17.86
CA GLU F 99 -16.10 -31.52 -16.52
C GLU F 99 -15.04 -30.53 -16.05
N ILE F 100 -15.35 -29.23 -16.07
CA ILE F 100 -14.38 -28.12 -15.84
C ILE F 100 -14.40 -27.73 -14.36
N LEU F 101 -13.22 -27.64 -13.75
CA LEU F 101 -13.04 -27.10 -12.39
C LEU F 101 -11.90 -26.07 -12.41
N VAL F 102 -12.17 -24.88 -11.88
CA VAL F 102 -11.13 -23.84 -11.63
C VAL F 102 -10.87 -23.83 -10.13
N VAL F 103 -9.60 -23.89 -9.75
CA VAL F 103 -9.17 -23.81 -8.32
C VAL F 103 -8.22 -22.62 -8.18
N GLY F 104 -8.48 -21.76 -7.21
CA GLY F 104 -7.63 -20.58 -6.93
C GLY F 104 -8.28 -19.67 -5.91
N ASN F 105 -7.60 -18.57 -5.60
CA ASN F 105 -8.06 -17.58 -4.58
C ASN F 105 -9.06 -16.65 -5.25
N THR F 106 -10.37 -16.93 -5.06
CA THR F 106 -11.49 -16.11 -5.60
C THR F 106 -11.69 -14.84 -4.76
N ASN F 107 -11.06 -14.75 -3.58
CA ASN F 107 -11.16 -13.58 -2.67
C ASN F 107 -10.16 -12.50 -3.09
N SER F 108 -10.26 -12.03 -4.33
CA SER F 108 -9.34 -11.03 -4.92
C SER F 108 -9.95 -10.49 -6.23
N ASP F 109 -9.70 -9.22 -6.53
CA ASP F 109 -10.12 -8.55 -7.80
C ASP F 109 -9.28 -9.10 -8.95
N ILE F 110 -8.16 -9.77 -8.64
CA ILE F 110 -7.23 -10.39 -9.63
C ILE F 110 -7.89 -11.64 -10.23
N PHE F 111 -8.73 -12.34 -9.48
CA PHE F 111 -9.44 -13.55 -9.97
C PHE F 111 -10.52 -13.12 -10.96
N PRO F 112 -10.46 -13.57 -12.22
CA PRO F 112 -11.39 -13.10 -13.25
C PRO F 112 -12.83 -13.59 -13.00
N GLU F 113 -13.76 -12.64 -13.01
CA GLU F 113 -15.23 -12.84 -12.80
C GLU F 113 -15.74 -13.95 -13.72
N GLU F 114 -15.23 -14.01 -14.95
CA GLU F 114 -15.64 -14.95 -16.03
C GLU F 114 -15.53 -16.41 -15.57
N LEU F 115 -14.64 -16.72 -14.63
CA LEU F 115 -14.29 -18.11 -14.25
C LEU F 115 -14.97 -18.53 -12.95
N LEU F 116 -15.72 -17.64 -12.29
CA LEU F 116 -16.39 -17.95 -10.99
C LEU F 116 -17.34 -19.15 -11.17
N GLU F 117 -17.98 -19.31 -12.33
CA GLU F 117 -18.97 -20.41 -12.55
C GLU F 117 -18.27 -21.77 -12.50
N TYR F 118 -16.96 -21.82 -12.74
CA TYR F 118 -16.17 -23.08 -12.85
C TYR F 118 -15.50 -23.44 -11.51
N THR F 119 -15.81 -22.72 -10.42
CA THR F 119 -15.22 -22.98 -9.08
C THR F 119 -15.97 -24.12 -8.38
N LYS F 120 -17.05 -24.64 -9.00
CA LYS F 120 -17.62 -25.99 -8.72
C LYS F 120 -17.64 -26.76 -10.05
N ARG F 121 -17.35 -28.05 -10.03
CA ARG F 121 -17.09 -28.83 -11.28
C ARG F 121 -18.35 -28.80 -12.15
N THR F 122 -18.23 -28.28 -13.37
CA THR F 122 -19.34 -28.04 -14.33
C THR F 122 -19.18 -28.96 -15.54
N LYS F 123 -20.15 -29.83 -15.80
CA LYS F 123 -20.16 -30.73 -16.99
C LYS F 123 -20.56 -29.91 -18.21
N VAL F 124 -19.72 -29.90 -19.25
CA VAL F 124 -19.98 -29.21 -20.55
C VAL F 124 -19.96 -30.28 -21.65
N GLY F 125 -20.87 -30.17 -22.63
CA GLY F 125 -21.06 -31.18 -23.68
C GLY F 125 -21.29 -32.56 -23.09
N LYS F 126 -20.53 -33.57 -23.54
CA LYS F 126 -20.65 -34.98 -23.13
C LYS F 126 -19.83 -35.25 -21.86
N GLY F 127 -18.98 -34.30 -21.43
CA GLY F 127 -18.08 -34.45 -20.27
C GLY F 127 -17.00 -35.49 -20.54
N LYS F 128 -16.90 -36.50 -19.67
CA LYS F 128 -16.08 -37.74 -19.84
C LYS F 128 -14.57 -37.45 -19.81
N ILE F 129 -14.16 -36.19 -19.59
CA ILE F 129 -12.78 -35.87 -19.12
C ILE F 129 -12.88 -34.72 -18.11
N LYS F 130 -12.14 -34.83 -17.00
CA LYS F 130 -12.03 -33.74 -16.00
C LYS F 130 -10.86 -32.84 -16.42
N ILE F 131 -11.12 -31.56 -16.69
CA ILE F 131 -10.09 -30.52 -16.97
C ILE F 131 -10.12 -29.50 -15.83
N ASN F 132 -8.99 -29.36 -15.14
CA ASN F 132 -8.80 -28.41 -14.02
C ASN F 132 -7.85 -27.29 -14.47
N PHE F 133 -8.11 -26.06 -14.04
CA PHE F 133 -7.19 -24.91 -14.20
C PHE F 133 -6.88 -24.34 -12.83
N LEU F 134 -5.60 -24.07 -12.56
CA LEU F 134 -5.12 -23.36 -11.36
C LEU F 134 -4.98 -21.89 -11.72
N ILE F 135 -5.90 -21.06 -11.20
CA ILE F 135 -6.08 -19.63 -11.57
C ILE F 135 -6.00 -18.80 -10.29
N ASN F 136 -5.00 -17.93 -10.17
CA ASN F 136 -4.71 -17.16 -8.94
C ASN F 136 -4.46 -18.16 -7.80
N TYR F 137 -3.84 -19.28 -8.14
CA TYR F 137 -3.49 -20.39 -7.21
C TYR F 137 -2.17 -20.06 -6.51
N GLY F 138 -2.01 -20.51 -5.26
CA GLY F 138 -0.75 -20.42 -4.50
C GLY F 138 -0.61 -21.59 -3.54
N TRP F 139 0.58 -22.20 -3.49
CA TRP F 139 0.86 -23.37 -2.62
C TRP F 139 0.61 -22.98 -1.16
N TYR F 140 0.97 -21.75 -0.80
CA TYR F 140 0.81 -21.23 0.59
C TYR F 140 -0.67 -21.05 0.89
N TRP F 141 -1.41 -20.38 0.00
CA TRP F 141 -2.88 -20.21 0.12
C TRP F 141 -3.53 -21.59 0.22
N ASP F 142 -3.07 -22.57 -0.56
CA ASP F 142 -3.65 -23.93 -0.67
C ASP F 142 -3.51 -24.65 0.68
N LEU F 143 -2.30 -24.70 1.24
CA LEU F 143 -2.00 -25.39 2.53
C LEU F 143 -2.65 -24.65 3.71
N THR F 144 -2.56 -23.32 3.78
CA THR F 144 -3.06 -22.53 4.94
C THR F 144 -4.59 -22.52 4.96
N TYR F 145 -5.25 -22.80 3.83
CA TYR F 145 -6.72 -23.02 3.74
C TYR F 145 -7.11 -24.15 4.70
N ALA F 146 -6.32 -25.23 4.73
CA ALA F 146 -6.55 -26.44 5.57
C ALA F 146 -6.39 -26.10 7.06
N TYR F 147 -5.31 -25.39 7.40
CA TYR F 147 -4.95 -25.01 8.80
C TYR F 147 -6.06 -24.15 9.42
N ASP F 148 -6.67 -23.34 8.58
CA ASP F 148 -7.72 -22.36 8.97
C ASP F 148 -9.04 -23.11 9.09
N ASN F 149 -9.26 -24.11 8.24
CA ASN F 149 -10.52 -24.89 8.27
C ASN F 149 -10.31 -26.20 9.01
N SER F 150 -9.20 -26.32 9.75
CA SER F 150 -8.81 -27.50 10.58
C SER F 150 -9.30 -28.83 10.00
N ASP F 152 -8.39 -30.60 13.06
CA ASP F 152 -7.31 -31.56 13.46
C ASP F 152 -6.43 -31.86 12.24
N GLY F 153 -5.35 -32.62 12.45
CA GLY F 153 -4.31 -32.92 11.44
C GLY F 153 -4.79 -33.88 10.37
N LYS F 154 -5.46 -34.98 10.76
CA LYS F 154 -5.97 -36.04 9.85
C LYS F 154 -6.97 -35.43 8.85
N LYS F 155 -7.65 -34.35 9.27
CA LYS F 155 -8.70 -33.65 8.48
C LYS F 155 -8.05 -32.64 7.52
N MET F 156 -6.87 -32.11 7.88
CA MET F 156 -6.21 -30.97 7.19
C MET F 156 -5.95 -31.31 5.71
N ILE F 157 -5.61 -32.57 5.40
CA ILE F 157 -5.28 -33.03 4.01
C ILE F 157 -6.55 -33.00 3.14
N GLU F 158 -7.70 -33.33 3.73
CA GLU F 158 -9.02 -33.37 3.04
C GLU F 158 -9.54 -31.94 2.86
N ASN F 159 -8.93 -30.95 3.54
CA ASN F 159 -9.45 -29.57 3.66
C ASN F 159 -8.47 -28.55 3.08
N ILE F 160 -7.44 -28.99 2.35
CA ILE F 160 -6.64 -28.04 1.49
C ILE F 160 -7.61 -27.49 0.44
N ALA F 161 -7.33 -26.28 -0.06
CA ALA F 161 -8.16 -25.55 -1.04
C ALA F 161 -8.31 -26.38 -2.32
N SER F 162 -7.30 -27.20 -2.67
CA SER F 162 -7.24 -28.00 -3.92
C SER F 162 -7.74 -29.44 -3.67
N ALA F 163 -8.43 -29.69 -2.55
CA ALA F 163 -8.83 -31.04 -2.11
C ALA F 163 -9.60 -31.79 -3.20
N GLU F 164 -10.35 -31.09 -4.06
CA GLU F 164 -11.15 -31.74 -5.15
C GLU F 164 -10.20 -32.39 -6.16
N ILE F 165 -8.99 -31.86 -6.31
CA ILE F 165 -7.98 -32.35 -7.30
C ILE F 165 -7.18 -33.48 -6.66
N PRO F 166 -7.23 -34.70 -7.23
CA PRO F 166 -6.55 -35.85 -6.64
C PRO F 166 -5.05 -35.86 -6.96
N ARG F 167 -4.34 -36.85 -6.41
CA ARG F 167 -2.91 -37.16 -6.66
C ARG F 167 -2.60 -36.98 -8.16
N VAL F 168 -1.49 -36.30 -8.47
CA VAL F 168 -0.95 -36.16 -9.84
C VAL F 168 -0.05 -37.38 -10.11
N ASP F 169 -0.36 -38.12 -11.18
CA ASP F 169 0.39 -39.33 -11.60
C ASP F 169 1.62 -38.90 -12.40
N LEU F 170 1.43 -37.99 -13.36
CA LEU F 170 2.48 -37.50 -14.29
C LEU F 170 2.39 -35.98 -14.37
N LEU F 171 3.50 -35.29 -14.13
CA LEU F 171 3.62 -33.84 -14.36
C LEU F 171 4.53 -33.62 -15.57
N ILE F 172 4.05 -32.86 -16.54
CA ILE F 172 4.80 -32.51 -17.78
C ILE F 172 5.01 -31.00 -17.79
N ARG F 173 6.26 -30.58 -17.89
CA ARG F 173 6.62 -29.14 -17.83
C ARG F 173 7.37 -28.77 -19.10
N TRP F 174 6.85 -27.78 -19.81
CA TRP F 174 7.49 -27.20 -21.02
C TRP F 174 8.47 -26.11 -20.56
N GLY F 175 9.42 -25.71 -21.41
CA GLY F 175 10.29 -24.55 -21.14
C GLY F 175 11.60 -24.94 -20.49
N GLY F 176 11.87 -26.24 -20.35
CA GLY F 176 13.21 -26.78 -20.04
C GLY F 176 13.60 -26.70 -18.56
N ARG F 177 12.75 -26.16 -17.70
CA ARG F 177 13.08 -26.08 -16.25
C ARG F 177 12.48 -27.27 -15.49
N CYS F 178 13.26 -27.92 -14.66
CA CYS F 178 12.79 -29.06 -13.84
C CYS F 178 12.46 -28.58 -12.43
N ARG F 179 11.26 -28.04 -12.24
CA ARG F 179 10.76 -27.46 -10.97
C ARG F 179 9.23 -27.44 -11.00
N LEU F 180 8.61 -27.42 -9.82
CA LEU F 180 7.14 -27.51 -9.63
C LEU F 180 6.53 -26.11 -9.65
N SER F 181 7.33 -25.07 -9.36
CA SER F 181 6.85 -23.67 -9.15
C SER F 181 5.64 -23.67 -8.22
N GLY F 182 5.68 -24.51 -7.20
CA GLY F 182 4.64 -24.63 -6.15
C GLY F 182 3.31 -25.11 -6.70
N MET F 183 3.33 -25.90 -7.78
CA MET F 183 2.07 -26.55 -8.25
C MET F 183 1.67 -27.69 -7.31
N LEU F 184 0.52 -27.59 -6.62
CA LEU F 184 -0.13 -28.68 -5.85
C LEU F 184 0.88 -29.49 -5.04
N PRO F 185 1.59 -28.90 -4.07
CA PRO F 185 2.60 -29.62 -3.28
C PRO F 185 2.11 -30.98 -2.75
N VAL F 186 0.88 -31.05 -2.25
CA VAL F 186 0.35 -32.30 -1.61
C VAL F 186 0.20 -33.37 -2.69
N GLN F 187 -0.44 -33.03 -3.82
CA GLN F 187 -0.76 -34.00 -4.88
C GLN F 187 0.49 -34.42 -5.67
N THR F 188 1.60 -33.68 -5.61
CA THR F 188 2.80 -33.91 -6.48
C THR F 188 3.94 -34.60 -5.71
N VAL F 189 3.73 -35.01 -4.46
CA VAL F 189 4.82 -35.56 -3.60
C VAL F 189 5.50 -36.76 -4.27
N TYR F 190 4.75 -37.61 -4.98
CA TYR F 190 5.28 -38.83 -5.64
C TYR F 190 5.10 -38.76 -7.17
N SER F 191 4.63 -37.64 -7.73
CA SER F 191 4.46 -37.45 -9.19
C SER F 191 5.77 -37.69 -9.93
N ASP F 192 5.73 -38.51 -10.97
CA ASP F 192 6.81 -38.64 -11.97
C ASP F 192 6.76 -37.41 -12.87
N ILE F 193 7.90 -36.74 -13.01
CA ILE F 193 8.05 -35.42 -13.70
C ILE F 193 8.81 -35.64 -15.01
N TYR F 194 8.23 -35.14 -16.11
CA TYR F 194 8.85 -35.15 -17.45
C TYR F 194 9.00 -33.71 -17.94
N VAL F 195 10.23 -33.32 -18.29
CA VAL F 195 10.54 -31.96 -18.78
C VAL F 195 10.71 -31.97 -20.30
N VAL F 196 9.95 -31.11 -20.99
CA VAL F 196 10.11 -30.82 -22.44
C VAL F 196 10.97 -29.57 -22.55
N ASP F 197 12.02 -29.61 -23.37
CA ASP F 197 13.00 -28.49 -23.45
C ASP F 197 12.36 -27.32 -24.23
N GLU F 198 11.49 -27.60 -25.19
CA GLU F 198 10.83 -26.55 -26.01
C GLU F 198 9.89 -25.73 -25.13
N MET F 199 9.79 -24.41 -25.41
CA MET F 199 8.85 -23.49 -24.74
C MET F 199 7.42 -23.90 -25.10
N TRP F 200 6.45 -23.60 -24.24
CA TRP F 200 5.05 -24.09 -24.35
C TRP F 200 4.46 -23.80 -25.75
N PRO F 201 4.58 -22.57 -26.29
CA PRO F 201 4.00 -22.28 -27.59
C PRO F 201 4.50 -23.16 -28.76
N ASP F 202 5.66 -23.82 -28.61
CA ASP F 202 6.24 -24.76 -29.61
C ASP F 202 5.78 -26.20 -29.33
N PHE F 203 4.71 -26.37 -28.55
CA PHE F 203 4.11 -27.69 -28.25
C PHE F 203 3.95 -28.51 -29.54
N LYS F 204 4.30 -29.80 -29.47
CA LYS F 204 3.98 -30.80 -30.51
C LYS F 204 3.41 -32.04 -29.83
N PRO F 205 2.47 -32.76 -30.49
CA PRO F 205 1.91 -33.98 -29.93
C PRO F 205 2.98 -34.95 -29.40
N GLU F 206 4.12 -35.05 -30.10
CA GLU F 206 5.23 -35.98 -29.75
C GLU F 206 5.76 -35.65 -28.35
N HIS F 207 5.71 -34.38 -27.93
CA HIS F 207 6.06 -33.95 -26.55
C HIS F 207 5.26 -34.79 -25.56
N LEU F 208 3.94 -34.80 -25.73
CA LEU F 208 2.99 -35.53 -24.83
C LEU F 208 3.20 -37.04 -25.00
N PHE F 209 3.39 -37.55 -26.22
CA PHE F 209 3.58 -39.01 -26.44
C PHE F 209 4.84 -39.49 -25.71
N LYS F 210 5.94 -38.73 -25.79
CA LYS F 210 7.23 -39.08 -25.13
C LYS F 210 7.05 -39.04 -23.60
N ALA F 211 6.26 -38.10 -23.09
CA ALA F 211 5.97 -37.99 -21.65
C ALA F 211 5.21 -39.25 -21.17
N LEU F 212 4.26 -39.74 -22.00
CA LEU F 212 3.38 -40.89 -21.68
C LEU F 212 4.19 -42.20 -21.74
N GLU F 213 5.10 -42.31 -22.71
CA GLU F 213 6.07 -43.43 -22.86
C GLU F 213 6.93 -43.51 -21.59
N PHE F 214 7.47 -42.38 -21.16
CA PHE F 214 8.22 -42.23 -19.89
C PHE F 214 7.37 -42.74 -18.72
N TYR F 215 6.11 -42.30 -18.60
CA TYR F 215 5.23 -42.68 -17.45
C TYR F 215 5.02 -44.19 -17.41
N GLN F 216 4.74 -44.84 -18.54
CA GLN F 216 4.41 -46.28 -18.57
C GLN F 216 5.67 -47.11 -18.25
N ASN F 217 6.87 -46.52 -18.40
CA ASN F 217 8.16 -47.15 -18.10
C ASN F 217 8.49 -47.06 -16.59
N GLN F 218 7.76 -46.25 -15.82
CA GLN F 218 8.12 -45.98 -14.40
C GLN F 218 7.53 -47.07 -13.49
N ASP F 219 8.33 -47.51 -12.53
CA ASP F 219 7.88 -48.35 -11.39
C ASP F 219 7.34 -47.41 -10.31
N ILE F 220 6.12 -47.67 -9.83
CA ILE F 220 5.38 -46.85 -8.83
C ILE F 220 5.46 -47.58 -7.48
N THR F 221 6.49 -47.28 -6.67
CA THR F 221 6.87 -48.06 -5.46
C THR F 221 6.34 -47.38 -4.18
N LEU F 222 6.14 -46.06 -4.21
CA LEU F 222 5.58 -45.23 -3.10
C LEU F 222 6.34 -45.51 -1.80
N GLY F 223 7.68 -45.56 -1.88
CA GLY F 223 8.58 -45.77 -0.73
C GLY F 223 8.72 -47.23 -0.33
N GLY F 224 8.05 -48.13 -1.07
CA GLY F 224 8.00 -49.58 -0.77
C GLY F 224 9.14 -50.34 -1.42
N GLY G 3 53.90 7.80 31.58
CA GLY G 3 52.55 7.17 31.72
C GLY G 3 52.34 6.61 33.12
N TYR G 4 51.78 5.39 33.21
CA TYR G 4 51.56 4.67 34.49
C TYR G 4 51.77 3.15 34.34
N GLN G 5 52.48 2.71 33.31
CA GLN G 5 52.88 1.28 33.07
C GLN G 5 51.68 0.49 32.54
N MET G 6 51.82 -0.03 31.31
CA MET G 6 50.83 -0.88 30.62
C MET G 6 51.55 -2.07 30.01
N ASP G 7 50.80 -3.14 29.75
CA ASP G 7 51.27 -4.31 28.98
C ASP G 7 50.75 -4.10 27.56
N ILE G 8 51.57 -3.46 26.72
CA ILE G 8 51.18 -3.02 25.34
C ILE G 8 51.44 -4.16 24.38
N PRO G 9 50.43 -4.59 23.58
CA PRO G 9 50.61 -5.64 22.58
C PRO G 9 51.73 -5.26 21.58
N LYS G 10 52.39 -6.27 21.01
CA LYS G 10 53.42 -6.07 19.96
C LYS G 10 52.71 -6.05 18.60
N PHE G 11 53.04 -5.11 17.73
CA PHE G 11 52.40 -4.91 16.40
C PHE G 11 53.43 -5.13 15.30
N LYS G 12 53.01 -5.84 14.24
CA LYS G 12 53.79 -6.12 13.00
C LYS G 12 53.77 -4.89 12.10
N ARG G 13 52.64 -4.17 12.03
CA ARG G 13 52.40 -3.01 11.13
C ARG G 13 51.79 -1.90 11.98
N LEU G 14 52.28 -0.66 11.82
CA LEU G 14 51.71 0.53 12.51
C LEU G 14 51.39 1.60 11.47
N PRO G 15 50.31 2.38 11.72
CA PRO G 15 50.00 3.53 10.89
C PRO G 15 51.03 4.63 11.15
N ARG G 16 51.49 5.30 10.09
CA ARG G 16 52.40 6.47 10.16
C ARG G 16 51.66 7.64 10.84
N HIS G 17 50.36 7.80 10.52
CA HIS G 17 49.52 8.95 10.95
C HIS G 17 48.16 8.43 11.41
N ILE G 18 47.85 8.65 12.69
CA ILE G 18 46.54 8.33 13.31
C ILE G 18 45.78 9.63 13.46
N ALA G 19 44.51 9.60 13.07
CA ALA G 19 43.54 10.68 13.37
C ALA G 19 42.63 10.18 14.49
N ILE G 20 42.35 11.06 15.44
CA ILE G 20 41.49 10.78 16.62
C ILE G 20 40.29 11.73 16.56
N ILE G 21 39.08 11.17 16.59
CA ILE G 21 37.82 11.95 16.79
C ILE G 21 37.29 11.63 18.18
N PRO G 22 37.54 12.54 19.15
CA PRO G 22 37.19 12.30 20.55
C PRO G 22 35.73 12.66 20.83
N ASP G 23 34.79 11.90 20.25
CA ASP G 23 33.33 12.21 20.26
C ASP G 23 32.64 11.57 21.48
N GLY G 24 31.52 12.14 21.92
CA GLY G 24 30.59 11.55 22.89
C GLY G 24 30.64 12.22 24.25
N ASN G 25 31.23 13.42 24.35
CA ASN G 25 31.43 14.11 25.65
C ASN G 25 30.07 14.53 26.26
N ARG G 26 29.12 15.00 25.45
CA ARG G 26 27.82 15.49 25.96
C ARG G 26 26.95 14.31 26.42
N ARG G 27 26.89 13.23 25.63
CA ARG G 27 26.19 11.98 26.01
C ARG G 27 26.79 11.39 27.28
N TRP G 28 28.14 11.34 27.35
CA TRP G 28 28.88 10.87 28.54
C TRP G 28 28.40 11.61 29.79
N ALA G 29 28.43 12.95 29.75
CA ALA G 29 28.01 13.86 30.84
C ALA G 29 26.54 13.56 31.21
N LEU G 30 25.64 13.57 30.23
CA LEU G 30 24.17 13.40 30.45
C LEU G 30 23.91 12.04 31.10
N ALA G 31 24.64 10.99 30.68
CA ALA G 31 24.52 9.61 31.22
C ALA G 31 24.91 9.57 32.70
N ARG G 32 25.76 10.49 33.16
CA ARG G 32 26.23 10.61 34.57
C ARG G 32 25.40 11.63 35.34
N GLY G 33 24.39 12.23 34.70
CA GLY G 33 23.52 13.25 35.33
C GLY G 33 24.27 14.57 35.54
N LEU G 34 25.26 14.84 34.69
CA LEU G 34 25.95 16.15 34.60
C LEU G 34 25.26 16.98 33.53
N GLU G 35 25.56 18.28 33.45
CA GLU G 35 25.10 19.17 32.36
C GLU G 35 25.92 18.83 31.10
N LYS G 36 25.32 19.03 29.92
CA LYS G 36 25.88 18.63 28.58
C LYS G 36 27.33 19.11 28.45
N HIS G 37 27.63 20.33 28.91
CA HIS G 37 28.93 21.04 28.73
C HIS G 37 30.05 20.46 29.62
N GLU G 38 29.72 19.59 30.59
CA GLU G 38 30.64 19.19 31.69
C GLU G 38 31.49 17.97 31.30
N GLY G 39 31.30 17.42 30.10
CA GLY G 39 32.05 16.24 29.63
C GLY G 39 33.46 16.58 29.16
N TYR G 40 33.64 17.77 28.56
CA TYR G 40 34.89 18.16 27.87
C TYR G 40 36.07 18.13 28.86
N SER G 41 35.89 18.58 30.10
CA SER G 41 36.98 18.59 31.12
C SER G 41 37.45 17.16 31.42
N SER G 42 36.61 16.15 31.17
CA SER G 42 36.94 14.71 31.37
C SER G 42 37.55 14.08 30.09
N GLY G 43 37.72 14.89 29.04
CA GLY G 43 38.33 14.46 27.76
C GLY G 43 39.82 14.70 27.71
N ILE G 44 40.42 15.31 28.73
CA ILE G 44 41.85 15.77 28.62
C ILE G 44 42.77 14.57 28.94
N ILE G 45 42.51 13.87 30.04
CA ILE G 45 43.38 12.74 30.47
C ILE G 45 43.36 11.64 29.40
N PRO G 46 42.20 11.32 28.79
CA PRO G 46 42.18 10.36 27.67
C PRO G 46 43.16 10.73 26.55
N GLY G 47 43.23 12.01 26.19
CA GLY G 47 44.17 12.54 25.19
C GLY G 47 45.60 12.24 25.59
N LEU G 48 45.92 12.43 26.87
CA LEU G 48 47.29 12.20 27.44
C LEU G 48 47.63 10.71 27.41
N GLU G 49 46.64 9.85 27.68
CA GLU G 49 46.83 8.37 27.63
C GLU G 49 47.10 7.96 26.18
N VAL G 50 46.38 8.51 25.21
CA VAL G 50 46.64 8.23 23.76
C VAL G 50 48.06 8.66 23.43
N TYR G 51 48.43 9.88 23.84
CA TYR G 51 49.77 10.45 23.60
C TYR G 51 50.83 9.48 24.13
N ASP G 52 50.69 9.05 25.38
CA ASP G 52 51.67 8.20 26.10
C ASP G 52 51.82 6.87 25.36
N ILE G 53 50.72 6.25 24.94
CA ILE G 53 50.74 4.96 24.21
C ILE G 53 51.43 5.15 22.85
N CYS G 54 51.04 6.19 22.10
CA CYS G 54 51.60 6.49 20.76
C CYS G 54 53.11 6.74 20.87
N VAL G 55 53.55 7.45 21.91
CA VAL G 55 55.01 7.69 22.10
C VAL G 55 55.68 6.34 22.35
N LYS G 56 55.09 5.50 23.20
CA LYS G 56 55.68 4.22 23.65
C LYS G 56 55.83 3.28 22.44
N ILE G 57 54.84 3.22 21.54
CA ILE G 57 54.89 2.26 20.40
C ILE G 57 55.59 2.89 19.19
N GLY G 58 55.83 4.21 19.19
CA GLY G 58 56.62 4.90 18.16
C GLY G 58 55.80 5.42 16.99
N ILE G 59 54.53 5.77 17.21
CA ILE G 59 53.66 6.44 16.19
C ILE G 59 54.30 7.79 15.83
N GLY G 60 54.45 8.09 14.53
CA GLY G 60 55.08 9.32 14.02
C GLY G 60 54.19 10.55 14.18
N GLU G 61 52.88 10.42 14.00
CA GLU G 61 51.99 11.60 13.88
C GLU G 61 50.59 11.28 14.36
N VAL G 62 50.04 12.14 15.19
CA VAL G 62 48.63 12.02 15.66
C VAL G 62 47.96 13.37 15.46
N THR G 63 46.82 13.35 14.77
CA THR G 63 45.94 14.53 14.64
C THR G 63 44.69 14.32 15.49
N PHE G 64 44.46 15.25 16.40
CA PHE G 64 43.24 15.32 17.25
C PHE G 64 42.24 16.30 16.64
N PHE G 65 40.98 15.88 16.53
CA PHE G 65 39.84 16.76 16.14
C PHE G 65 39.38 17.52 17.40
N GLY G 66 39.69 18.81 17.48
CA GLY G 66 39.41 19.63 18.67
C GLY G 66 37.99 20.18 18.63
N PHE G 67 37.73 21.14 17.75
CA PHE G 67 36.36 21.62 17.46
C PHE G 67 36.32 22.26 16.07
N THR G 68 35.13 22.25 15.47
CA THR G 68 34.86 22.74 14.11
C THR G 68 34.13 24.09 14.19
N GLN G 69 34.16 24.85 13.09
CA GLN G 69 33.35 26.08 12.92
C GLN G 69 31.87 25.71 13.13
N ASP G 70 31.44 24.57 12.60
CA ASP G 70 30.05 24.05 12.77
C ASP G 70 29.73 23.90 14.27
N ASN G 71 30.65 23.36 15.07
CA ASN G 71 30.48 23.15 16.54
C ASN G 71 30.21 24.48 17.25
N THR G 72 30.73 25.60 16.73
CA THR G 72 30.60 26.94 17.34
C THR G 72 29.14 27.45 17.24
N LYS G 73 28.29 26.79 16.46
CA LYS G 73 26.82 27.08 16.40
C LYS G 73 26.12 26.59 17.66
N ARG G 74 26.79 25.82 18.52
CA ARG G 74 26.23 25.22 19.76
C ARG G 74 26.10 26.29 20.84
N PRO G 75 25.30 26.04 21.91
CA PRO G 75 25.17 27.01 23.01
C PRO G 75 26.51 27.51 23.57
N GLN G 76 26.53 28.78 24.01
CA GLN G 76 27.70 29.52 24.53
C GLN G 76 28.40 28.70 25.63
N ILE G 77 27.63 28.12 26.55
CA ILE G 77 28.16 27.38 27.74
C ILE G 77 28.98 26.18 27.25
N GLN G 78 28.54 25.53 26.16
CA GLN G 78 29.25 24.37 25.55
C GLN G 78 30.51 24.89 24.84
N ARG G 79 30.39 25.98 24.07
CA ARG G 79 31.51 26.61 23.31
C ARG G 79 32.66 26.89 24.27
N LYS G 80 32.39 27.60 25.38
CA LYS G 80 33.41 27.98 26.39
C LYS G 80 34.08 26.71 26.91
N ALA G 81 33.28 25.71 27.28
CA ALA G 81 33.71 24.42 27.86
C ALA G 81 34.67 23.68 26.91
N PHE G 82 34.30 23.46 25.64
CA PHE G 82 35.15 22.66 24.72
C PHE G 82 36.36 23.50 24.30
N THR G 83 36.23 24.82 24.18
CA THR G 83 37.36 25.71 23.85
C THR G 83 38.38 25.65 24.98
N ASP G 84 37.93 25.79 26.23
CA ASP G 84 38.80 25.75 27.44
C ASP G 84 39.51 24.39 27.52
N ALA G 85 38.79 23.29 27.27
CA ALA G 85 39.36 21.92 27.35
C ALA G 85 40.37 21.72 26.21
N CYS G 86 40.12 22.26 25.02
CA CYS G 86 41.08 22.23 23.89
C CYS G 86 42.36 23.00 24.22
N ILE G 87 42.24 24.21 24.77
CA ILE G 87 43.40 25.04 25.22
C ILE G 87 44.25 24.19 26.18
N LYS G 88 43.61 23.60 27.18
CA LYS G 88 44.28 22.82 28.26
C LYS G 88 45.01 21.63 27.63
N SER G 89 44.39 20.94 26.69
CA SER G 89 44.96 19.76 26.00
C SER G 89 46.26 20.15 25.31
N VAL G 90 46.26 21.25 24.56
CA VAL G 90 47.48 21.70 23.82
C VAL G 90 48.55 22.03 24.87
N GLN G 91 48.16 22.71 25.95
CA GLN G 91 49.08 23.16 27.04
C GLN G 91 49.69 21.94 27.74
N GLU G 92 48.93 20.87 27.95
CA GLU G 92 49.43 19.59 28.53
C GLU G 92 50.43 18.92 27.57
N ILE G 93 50.17 18.90 26.27
CA ILE G 93 51.16 18.33 25.32
C ILE G 93 52.40 19.24 25.32
N ALA G 94 52.21 20.55 25.55
CA ALA G 94 53.31 21.54 25.57
C ALA G 94 54.25 21.29 26.76
N LYS G 95 53.79 20.57 27.78
CA LYS G 95 54.60 20.15 28.96
C LYS G 95 55.46 18.92 28.64
N ARG G 96 55.26 18.28 27.48
CA ARG G 96 55.84 16.95 27.18
C ARG G 96 56.80 17.08 26.00
N ASP G 97 56.96 16.02 25.21
CA ASP G 97 57.87 15.97 24.04
C ASP G 97 57.01 15.86 22.78
N ALA G 98 57.01 16.89 21.93
CA ALA G 98 56.19 16.91 20.71
C ALA G 98 56.62 18.07 19.79
N GLU G 99 56.35 17.88 18.50
CA GLU G 99 56.19 18.96 17.51
C GLU G 99 54.69 19.25 17.42
N ILE G 100 54.25 20.36 18.01
CA ILE G 100 52.82 20.75 18.10
C ILE G 100 52.47 21.63 16.91
N LEU G 101 51.36 21.32 16.23
CA LEU G 101 50.74 22.23 15.24
C LEU G 101 49.25 22.32 15.52
N VAL G 102 48.73 23.54 15.47
CA VAL G 102 47.27 23.83 15.53
C VAL G 102 46.86 24.37 14.16
N VAL G 103 45.88 23.72 13.52
CA VAL G 103 45.35 24.12 12.19
C VAL G 103 43.89 24.55 12.41
N GLY G 104 43.55 25.76 12.00
CA GLY G 104 42.16 26.25 12.08
C GLY G 104 42.07 27.70 11.67
N ASN G 105 40.86 28.25 11.68
CA ASN G 105 40.58 29.62 11.18
C ASN G 105 40.91 30.61 12.31
N THR G 106 42.07 31.27 12.24
CA THR G 106 42.55 32.25 13.26
C THR G 106 41.82 33.58 13.09
N ASN G 107 41.31 33.85 11.88
CA ASN G 107 40.52 35.08 11.55
C ASN G 107 39.12 34.95 12.14
N SER G 108 39.03 34.91 13.48
CA SER G 108 37.76 34.81 14.24
C SER G 108 38.06 34.96 15.74
N ASP G 109 37.17 35.67 16.45
CA ASP G 109 37.22 35.84 17.93
C ASP G 109 37.15 34.47 18.61
N ILE G 110 36.49 33.50 17.95
CA ILE G 110 36.24 32.12 18.46
C ILE G 110 37.59 31.40 18.65
N PHE G 111 38.57 31.63 17.77
CA PHE G 111 39.91 30.99 17.86
C PHE G 111 40.62 31.54 19.09
N PRO G 112 40.99 30.67 20.08
CA PRO G 112 41.61 31.14 21.31
C PRO G 112 43.02 31.72 21.06
N GLU G 113 43.26 32.93 21.57
CA GLU G 113 44.55 33.66 21.48
C GLU G 113 45.69 32.77 21.99
N GLU G 114 45.41 32.01 23.05
CA GLU G 114 46.35 31.13 23.78
C GLU G 114 47.05 30.13 22.83
N LEU G 115 46.43 29.80 21.70
CA LEU G 115 46.92 28.76 20.75
C LEU G 115 47.53 29.37 19.49
N LEU G 116 47.57 30.69 19.35
CA LEU G 116 48.13 31.33 18.14
C LEU G 116 49.59 30.93 17.98
N GLU G 117 50.33 30.76 19.08
CA GLU G 117 51.78 30.44 19.06
C GLU G 117 52.01 29.08 18.40
N TYR G 118 50.99 28.20 18.38
CA TYR G 118 51.12 26.82 17.83
C TYR G 118 50.60 26.72 16.39
N THR G 119 50.14 27.83 15.77
CA THR G 119 49.69 27.83 14.35
C THR G 119 50.90 27.71 13.41
N LYS G 120 52.12 27.77 13.96
CA LYS G 120 53.38 27.39 13.27
C LYS G 120 54.00 26.25 14.07
N ARG G 121 54.51 25.19 13.41
CA ARG G 121 54.91 23.96 14.14
C ARG G 121 55.96 24.34 15.19
N THR G 122 55.74 23.92 16.44
CA THR G 122 56.50 24.31 17.64
C THR G 122 57.09 23.04 18.28
N LYS G 123 58.42 22.93 18.35
CA LYS G 123 59.09 21.84 19.09
C LYS G 123 59.00 22.15 20.59
N VAL G 124 58.46 21.19 21.36
CA VAL G 124 58.47 21.23 22.86
C VAL G 124 59.24 19.99 23.33
N GLY G 125 60.01 20.12 24.41
CA GLY G 125 60.85 19.03 24.95
C GLY G 125 61.73 18.44 23.86
N LYS G 126 61.77 17.10 23.77
CA LYS G 126 62.68 16.35 22.85
C LYS G 126 62.05 16.18 21.46
N GLY G 127 60.81 16.63 21.22
CA GLY G 127 60.13 16.50 19.91
C GLY G 127 59.76 15.06 19.61
N LYS G 128 60.05 14.57 18.40
CA LYS G 128 60.10 13.11 18.04
C LYS G 128 58.70 12.47 18.01
N ILE G 129 57.62 13.24 18.15
CA ILE G 129 56.25 12.83 17.69
C ILE G 129 55.55 14.12 17.28
N LYS G 130 54.87 14.10 16.14
CA LYS G 130 54.06 15.26 15.68
C LYS G 130 52.65 15.10 16.26
N ILE G 131 52.19 16.10 16.99
CA ILE G 131 50.80 16.18 17.52
C ILE G 131 50.13 17.39 16.88
N ASN G 132 49.04 17.13 16.15
CA ASN G 132 48.25 18.20 15.48
C ASN G 132 46.91 18.33 16.21
N PHE G 133 46.38 19.55 16.27
CA PHE G 133 45.01 19.82 16.78
C PHE G 133 44.27 20.66 15.75
N LEU G 134 43.04 20.24 15.42
CA LEU G 134 42.12 21.00 14.55
C LEU G 134 41.23 21.86 15.47
N ILE G 135 41.42 23.17 15.43
CA ILE G 135 40.83 24.14 16.39
C ILE G 135 40.17 25.25 15.56
N ASN G 136 38.86 25.41 15.71
CA ASN G 136 38.03 26.28 14.82
C ASN G 136 38.30 25.86 13.37
N TYR G 137 38.39 24.55 13.13
CA TYR G 137 38.62 23.95 11.78
C TYR G 137 37.27 23.79 11.08
N GLY G 138 37.28 23.92 9.76
CA GLY G 138 36.14 23.61 8.87
C GLY G 138 36.62 23.03 7.55
N TRP G 139 36.01 21.93 7.10
CA TRP G 139 36.36 21.26 5.83
C TRP G 139 36.23 22.27 4.68
N TYR G 140 35.19 23.10 4.73
CA TYR G 140 34.87 24.12 3.69
C TYR G 140 35.97 25.20 3.69
N TRP G 141 36.28 25.75 4.87
CA TRP G 141 37.41 26.71 5.08
C TRP G 141 38.73 26.12 4.56
N ASP G 142 38.99 24.84 4.85
CA ASP G 142 40.26 24.14 4.50
C ASP G 142 40.39 24.09 2.98
N LEU G 143 39.36 23.58 2.29
CA LEU G 143 39.36 23.43 0.80
C LEU G 143 39.40 24.79 0.12
N THR G 144 38.59 25.76 0.56
CA THR G 144 38.42 27.08 -0.12
C THR G 144 39.66 27.96 0.13
N TYR G 145 40.47 27.65 1.15
CA TYR G 145 41.78 28.29 1.39
C TYR G 145 42.67 28.13 0.15
N ALA G 146 42.61 26.95 -0.48
CA ALA G 146 43.42 26.57 -1.66
C ALA G 146 42.97 27.34 -2.90
N TYR G 147 41.67 27.32 -3.19
CA TYR G 147 41.04 27.96 -4.39
C TYR G 147 41.41 29.44 -4.49
N ASP G 148 41.50 30.13 -3.34
CA ASP G 148 41.78 31.59 -3.24
C ASP G 148 43.29 31.83 -3.39
N ASP G 152 46.10 27.46 -10.13
CA ASP G 152 45.81 26.23 -10.93
C ASP G 152 45.46 25.08 -9.97
N GLY G 153 45.14 23.91 -10.52
CA GLY G 153 44.65 22.72 -9.79
C GLY G 153 45.76 21.97 -9.06
N LYS G 154 46.81 21.57 -9.78
CA LYS G 154 48.03 20.90 -9.23
C LYS G 154 48.48 21.62 -7.96
N LYS G 155 48.40 22.95 -7.97
CA LYS G 155 48.80 23.85 -6.86
C LYS G 155 47.79 23.76 -5.71
N MET G 156 46.49 23.74 -6.03
CA MET G 156 45.35 23.73 -5.07
C MET G 156 45.64 22.76 -3.91
N ILE G 157 45.84 21.47 -4.20
CA ILE G 157 46.01 20.38 -3.18
C ILE G 157 47.16 20.73 -2.23
N GLU G 158 48.24 21.31 -2.75
CA GLU G 158 49.44 21.66 -1.94
C GLU G 158 49.14 22.90 -1.07
N ASN G 159 48.02 23.60 -1.32
CA ASN G 159 47.75 24.93 -0.72
C ASN G 159 46.42 24.94 0.04
N ILE G 160 45.82 23.78 0.35
CA ILE G 160 44.73 23.71 1.37
C ILE G 160 45.32 24.17 2.72
N ALA G 161 44.46 24.62 3.63
CA ALA G 161 44.84 25.19 4.95
C ALA G 161 45.62 24.16 5.76
N SER G 162 45.22 22.88 5.66
CA SER G 162 45.80 21.73 6.41
C SER G 162 46.93 21.07 5.61
N ALA G 163 47.54 21.75 4.63
CA ALA G 163 48.55 21.15 3.72
C ALA G 163 49.75 20.58 4.49
N GLU G 164 50.05 21.07 5.69
CA GLU G 164 51.18 20.57 6.51
C GLU G 164 50.87 19.17 7.05
N ILE G 165 49.59 18.82 7.16
CA ILE G 165 49.14 17.50 7.70
C ILE G 165 49.03 16.50 6.55
N PRO G 166 49.80 15.39 6.59
CA PRO G 166 49.80 14.42 5.52
C PRO G 166 48.60 13.46 5.62
N ARG G 167 48.52 12.55 4.66
CA ARG G 167 47.51 11.47 4.56
C ARG G 167 47.32 10.81 5.93
N VAL G 168 46.08 10.60 6.34
CA VAL G 168 45.69 9.83 7.57
C VAL G 168 45.62 8.35 7.20
N ASP G 169 46.38 7.49 7.88
CA ASP G 169 46.37 6.02 7.66
C ASP G 169 45.20 5.38 8.40
N LEU G 170 45.06 5.71 9.69
CA LEU G 170 44.03 5.13 10.59
C LEU G 170 43.29 6.27 11.29
N LEU G 171 41.98 6.27 11.14
CA LEU G 171 41.12 7.21 11.89
C LEU G 171 40.32 6.41 12.92
N ILE G 172 40.43 6.82 14.18
CA ILE G 172 39.73 6.19 15.33
C ILE G 172 38.74 7.20 15.90
N ARG G 173 37.49 6.77 15.97
CA ARG G 173 36.37 7.63 16.41
C ARG G 173 35.71 6.97 17.59
N TRP G 174 35.65 7.69 18.70
CA TRP G 174 34.87 7.34 19.91
C TRP G 174 33.45 7.83 19.73
N GLY G 175 32.52 7.32 20.54
CA GLY G 175 31.14 7.83 20.60
C GLY G 175 30.20 7.08 19.67
N GLY G 176 30.68 6.01 19.02
CA GLY G 176 29.85 5.03 18.29
C GLY G 176 29.31 5.51 16.95
N ARG G 177 29.65 6.72 16.48
CA ARG G 177 29.18 7.19 15.14
C ARG G 177 30.24 6.84 14.10
N CYS G 178 29.85 6.28 12.96
CA CYS G 178 30.78 6.03 11.83
C CYS G 178 30.61 7.14 10.79
N ARG G 179 31.29 8.27 11.02
CA ARG G 179 31.27 9.45 10.14
C ARG G 179 32.52 10.29 10.42
N LEU G 180 32.89 11.15 9.47
CA LEU G 180 34.12 11.95 9.52
C LEU G 180 33.85 13.31 10.18
N SER G 181 32.60 13.77 10.17
CA SER G 181 32.21 15.13 10.61
C SER G 181 33.14 16.16 9.97
N GLY G 182 33.49 15.97 8.70
CA GLY G 182 34.29 16.91 7.91
C GLY G 182 35.72 17.01 8.39
N MET G 183 36.26 15.96 9.01
CA MET G 183 37.70 15.95 9.38
C MET G 183 38.53 15.75 8.11
N LEU G 184 39.31 16.77 7.71
CA LEU G 184 40.40 16.64 6.70
C LEU G 184 39.94 15.80 5.49
N PRO G 185 38.95 16.27 4.71
CA PRO G 185 38.45 15.48 3.57
C PRO G 185 39.57 15.01 2.64
N VAL G 186 40.62 15.80 2.43
CA VAL G 186 41.70 15.41 1.48
C VAL G 186 42.52 14.26 2.09
N GLN G 187 42.90 14.39 3.37
CA GLN G 187 43.83 13.43 4.01
C GLN G 187 43.11 12.13 4.35
N THR G 188 41.77 12.12 4.39
CA THR G 188 40.98 10.96 4.87
C THR G 188 40.40 10.12 3.71
N VAL G 189 40.71 10.43 2.45
CA VAL G 189 40.10 9.73 1.28
C VAL G 189 40.33 8.21 1.36
N TYR G 190 41.49 7.75 1.88
CA TYR G 190 41.88 6.31 1.90
C TYR G 190 42.04 5.81 3.34
N SER G 191 41.66 6.62 4.34
CA SER G 191 41.83 6.28 5.77
C SER G 191 40.98 5.05 6.08
N ASP G 192 41.57 4.06 6.74
CA ASP G 192 40.82 3.01 7.47
C ASP G 192 40.23 3.61 8.74
N ILE G 193 38.94 3.37 8.94
CA ILE G 193 38.12 3.97 10.01
C ILE G 193 37.76 2.87 11.01
N TYR G 194 38.13 3.08 12.26
CA TYR G 194 37.75 2.23 13.40
C TYR G 194 36.87 3.02 14.36
N VAL G 195 35.71 2.45 14.69
CA VAL G 195 34.74 3.09 15.62
C VAL G 195 34.78 2.39 16.97
N VAL G 196 35.00 3.17 18.02
CA VAL G 196 34.83 2.73 19.43
C VAL G 196 33.42 3.18 19.86
N ASP G 197 32.62 2.25 20.38
CA ASP G 197 31.22 2.52 20.78
C ASP G 197 31.22 3.37 22.06
N GLU G 198 32.19 3.17 22.95
CA GLU G 198 32.31 3.96 24.21
C GLU G 198 32.54 5.44 23.86
N MET G 199 31.97 6.32 24.68
CA MET G 199 32.17 7.80 24.57
C MET G 199 33.62 8.09 24.97
N TRP G 200 34.18 9.17 24.43
CA TRP G 200 35.61 9.53 24.57
C TRP G 200 36.05 9.54 26.03
N PRO G 201 35.29 10.13 27.00
CA PRO G 201 35.77 10.13 28.38
C PRO G 201 35.92 8.73 28.99
N ASP G 202 35.31 7.69 28.40
CA ASP G 202 35.44 6.29 28.86
C ASP G 202 36.57 5.58 28.10
N PHE G 203 37.49 6.34 27.51
CA PHE G 203 38.73 5.83 26.88
C PHE G 203 39.37 4.76 27.78
N LYS G 204 39.76 3.64 27.17
CA LYS G 204 40.64 2.61 27.76
C LYS G 204 41.76 2.33 26.77
N PRO G 205 42.98 1.99 27.22
CA PRO G 205 44.05 1.60 26.30
C PRO G 205 43.61 0.54 25.28
N GLU G 206 42.74 -0.40 25.70
CA GLU G 206 42.28 -1.51 24.82
C GLU G 206 41.57 -0.94 23.58
N HIS G 207 40.95 0.24 23.67
CA HIS G 207 40.32 0.89 22.49
C HIS G 207 41.37 1.13 21.41
N LEU G 208 42.50 1.75 21.77
CA LEU G 208 43.60 2.06 20.84
C LEU G 208 44.23 0.74 20.37
N PHE G 209 44.44 -0.23 21.28
CA PHE G 209 45.07 -1.53 20.93
C PHE G 209 44.23 -2.24 19.86
N LYS G 210 42.91 -2.28 20.03
CA LYS G 210 41.96 -2.95 19.10
C LYS G 210 41.92 -2.21 17.76
N ALA G 211 42.04 -0.88 17.75
CA ALA G 211 42.11 -0.07 16.50
C ALA G 211 43.39 -0.45 15.73
N LEU G 212 44.50 -0.60 16.47
CA LEU G 212 45.83 -0.94 15.91
C LEU G 212 45.84 -2.38 15.40
N GLU G 213 45.21 -3.32 16.12
CA GLU G 213 45.02 -4.71 15.65
C GLU G 213 44.24 -4.69 14.32
N PHE G 214 43.13 -3.95 14.29
CA PHE G 214 42.31 -3.71 13.06
C PHE G 214 43.22 -3.20 11.93
N TYR G 215 44.04 -2.18 12.17
CA TYR G 215 44.90 -1.59 11.10
C TYR G 215 45.86 -2.67 10.58
N GLN G 216 46.49 -3.43 11.47
CA GLN G 216 47.53 -4.40 11.02
C GLN G 216 46.85 -5.58 10.32
N ASN G 217 45.57 -5.83 10.60
CA ASN G 217 44.78 -6.93 9.95
C ASN G 217 44.26 -6.53 8.56
N GLN G 218 44.38 -5.27 8.16
CA GLN G 218 43.86 -4.83 6.84
C GLN G 218 44.69 -5.48 5.73
N ASP G 219 44.03 -5.92 4.66
CA ASP G 219 44.66 -6.58 3.49
C ASP G 219 45.38 -5.50 2.68
N ILE G 220 46.71 -5.57 2.58
CA ILE G 220 47.55 -4.52 1.92
C ILE G 220 47.65 -4.76 0.41
N THR G 221 47.02 -5.82 -0.12
CA THR G 221 47.12 -6.22 -1.55
C THR G 221 45.99 -5.61 -2.39
N LEU G 222 45.01 -4.94 -1.76
CA LEU G 222 43.74 -4.51 -2.40
C LEU G 222 43.86 -3.12 -3.04
N GLY G 223 44.95 -2.38 -2.78
CA GLY G 223 45.11 -0.98 -3.22
C GLY G 223 44.18 -0.02 -2.46
N GLY G 224 43.91 1.16 -3.04
CA GLY G 224 43.15 2.25 -2.38
C GLY G 224 41.67 1.91 -2.22
N ASP H 7 8.38 -8.66 3.15
CA ASP H 7 9.80 -9.02 3.42
C ASP H 7 10.64 -7.76 3.69
N ILE H 8 10.22 -6.59 3.16
CA ILE H 8 10.88 -5.28 3.45
C ILE H 8 10.40 -4.79 4.82
N PRO H 9 11.30 -4.56 5.80
CA PRO H 9 10.91 -4.03 7.10
C PRO H 9 10.33 -2.61 6.96
N LYS H 10 9.54 -2.16 7.94
CA LYS H 10 8.96 -0.78 7.96
C LYS H 10 9.96 0.13 8.67
N PHE H 11 10.35 1.23 8.01
CA PHE H 11 11.34 2.21 8.52
C PHE H 11 10.62 3.53 8.84
N LYS H 12 10.88 4.08 10.03
CA LYS H 12 10.38 5.38 10.51
C LYS H 12 11.29 6.50 10.02
N ARG H 13 12.59 6.23 9.87
CA ARG H 13 13.58 7.22 9.39
C ARG H 13 14.32 6.60 8.22
N LEU H 14 14.33 7.31 7.08
CA LEU H 14 15.02 6.87 5.84
C LEU H 14 15.96 7.96 5.40
N PRO H 15 17.15 7.61 4.85
CA PRO H 15 18.05 8.59 4.24
C PRO H 15 17.43 9.12 2.94
N ARG H 16 17.67 10.40 2.61
CA ARG H 16 17.27 11.01 1.31
C ARG H 16 18.22 10.52 0.21
N HIS H 17 19.52 10.38 0.50
CA HIS H 17 20.58 10.09 -0.48
C HIS H 17 21.47 8.98 0.09
N ILE H 18 21.50 7.83 -0.59
CA ILE H 18 22.37 6.67 -0.26
C ILE H 18 23.51 6.63 -1.28
N ALA H 19 24.73 6.43 -0.80
CA ALA H 19 25.91 6.13 -1.65
C ALA H 19 26.24 4.64 -1.47
N ILE H 20 26.59 3.98 -2.57
CA ILE H 20 26.92 2.53 -2.60
C ILE H 20 28.36 2.42 -3.10
N ILE H 21 29.20 1.72 -2.34
CA ILE H 21 30.53 1.27 -2.83
C ILE H 21 30.44 -0.23 -3.04
N PRO H 22 30.29 -0.68 -4.30
CA PRO H 22 30.08 -2.09 -4.65
C PRO H 22 31.41 -2.85 -4.74
N ASP H 23 32.12 -2.99 -3.62
CA ASP H 23 33.53 -3.46 -3.60
C ASP H 23 33.55 -4.97 -3.31
N GLY H 24 34.62 -5.64 -3.73
CA GLY H 24 34.92 -7.05 -3.42
C GLY H 24 34.71 -8.00 -4.59
N ASN H 25 34.61 -7.48 -5.82
CA ASN H 25 34.30 -8.28 -7.04
C ASN H 25 35.45 -9.25 -7.34
N ARG H 26 36.70 -8.81 -7.22
CA ARG H 26 37.90 -9.64 -7.51
C ARG H 26 38.07 -10.71 -6.42
N ARG H 27 37.98 -10.34 -5.15
CA ARG H 27 38.08 -11.34 -4.04
C ARG H 27 36.94 -12.35 -4.22
N TRP H 28 35.73 -11.89 -4.53
CA TRP H 28 34.55 -12.78 -4.77
C TRP H 28 34.91 -13.83 -5.83
N ALA H 29 35.40 -13.38 -6.99
CA ALA H 29 35.76 -14.24 -8.14
C ALA H 29 36.84 -15.24 -7.71
N LEU H 30 37.93 -14.76 -7.10
CA LEU H 30 39.07 -15.62 -6.66
C LEU H 30 38.57 -16.68 -5.69
N ALA H 31 37.67 -16.32 -4.76
CA ALA H 31 37.09 -17.23 -3.74
C ALA H 31 36.33 -18.37 -4.42
N ARG H 32 35.76 -18.11 -5.61
CA ARG H 32 35.00 -19.10 -6.44
C ARG H 32 35.95 -19.88 -7.36
N GLY H 33 37.24 -19.55 -7.35
CA GLY H 33 38.24 -20.14 -8.27
C GLY H 33 38.13 -19.59 -9.68
N LEU H 34 37.38 -18.51 -9.88
CA LEU H 34 37.27 -17.79 -11.18
C LEU H 34 38.48 -16.87 -11.36
N GLU H 35 38.64 -16.30 -12.56
CA GLU H 35 39.67 -15.28 -12.89
C GLU H 35 39.25 -13.94 -12.27
N LYS H 36 40.22 -13.11 -11.87
CA LYS H 36 40.00 -11.83 -11.14
C LYS H 36 38.90 -11.00 -11.82
N HIS H 37 38.83 -10.99 -13.15
CA HIS H 37 37.94 -10.08 -13.95
C HIS H 37 36.49 -10.61 -13.99
N GLU H 38 36.22 -11.82 -13.49
CA GLU H 38 34.94 -12.52 -13.75
C GLU H 38 33.88 -12.14 -12.69
N GLY H 39 34.22 -11.26 -11.74
CA GLY H 39 33.30 -10.81 -10.67
C GLY H 39 32.33 -9.73 -11.14
N TYR H 40 32.74 -8.89 -12.08
CA TYR H 40 32.05 -7.61 -12.42
C TYR H 40 30.68 -7.89 -13.05
N SER H 41 30.57 -8.88 -13.94
CA SER H 41 29.29 -9.24 -14.60
C SER H 41 28.28 -9.69 -13.53
N SER H 42 28.75 -10.23 -12.40
CA SER H 42 27.90 -10.71 -11.27
C SER H 42 27.50 -9.54 -10.35
N GLY H 43 27.98 -8.31 -10.61
CA GLY H 43 27.65 -7.11 -9.81
C GLY H 43 26.49 -6.31 -10.37
N ILE H 44 25.93 -6.72 -11.52
CA ILE H 44 24.88 -5.93 -12.22
C ILE H 44 23.53 -6.14 -11.51
N ILE H 45 23.12 -7.39 -11.33
CA ILE H 45 21.80 -7.77 -10.73
C ILE H 45 21.72 -7.18 -9.32
N PRO H 46 22.75 -7.30 -8.45
CA PRO H 46 22.75 -6.65 -7.14
C PRO H 46 22.35 -5.16 -7.21
N GLY H 47 22.91 -4.42 -8.17
CA GLY H 47 22.60 -2.99 -8.43
C GLY H 47 21.12 -2.79 -8.75
N LEU H 48 20.56 -3.66 -9.59
CA LEU H 48 19.12 -3.62 -9.93
C LEU H 48 18.28 -3.93 -8.68
N GLU H 49 18.73 -4.84 -7.81
CA GLU H 49 18.01 -5.19 -6.56
C GLU H 49 17.97 -3.98 -5.62
N VAL H 50 19.09 -3.25 -5.50
CA VAL H 50 19.19 -2.00 -4.69
C VAL H 50 18.21 -0.97 -5.28
N TYR H 51 18.25 -0.76 -6.59
CA TYR H 51 17.32 0.18 -7.29
C TYR H 51 15.87 -0.18 -6.91
N ASP H 52 15.50 -1.46 -7.03
CA ASP H 52 14.11 -1.94 -6.84
C ASP H 52 13.67 -1.65 -5.40
N ILE H 53 14.52 -1.97 -4.42
CA ILE H 53 14.21 -1.76 -2.97
C ILE H 53 14.07 -0.26 -2.71
N CYS H 54 15.00 0.54 -3.22
CA CYS H 54 15.04 2.01 -2.94
C CYS H 54 13.78 2.67 -3.53
N VAL H 55 13.37 2.27 -4.74
CA VAL H 55 12.12 2.75 -5.38
C VAL H 55 10.94 2.39 -4.48
N LYS H 56 10.87 1.13 -4.03
CA LYS H 56 9.74 0.62 -3.21
C LYS H 56 9.63 1.43 -1.91
N ILE H 57 10.72 1.73 -1.21
CA ILE H 57 10.65 2.36 0.15
C ILE H 57 10.69 3.89 0.02
N GLY H 58 10.93 4.43 -1.17
CA GLY H 58 10.83 5.87 -1.46
C GLY H 58 12.14 6.62 -1.28
N ILE H 59 13.30 5.96 -1.36
CA ILE H 59 14.63 6.65 -1.35
C ILE H 59 14.68 7.59 -2.56
N GLY H 60 15.07 8.85 -2.35
CA GLY H 60 15.10 9.91 -3.37
C GLY H 60 16.26 9.78 -4.34
N GLU H 61 17.43 9.36 -3.85
CA GLU H 61 18.68 9.44 -4.64
C GLU H 61 19.63 8.34 -4.17
N VAL H 62 20.24 7.64 -5.13
CA VAL H 62 21.31 6.63 -4.91
C VAL H 62 22.47 6.97 -5.84
N THR H 63 23.68 7.03 -5.30
CA THR H 63 24.92 7.17 -6.10
C THR H 63 25.74 5.88 -6.01
N PHE H 64 26.09 5.33 -7.17
CA PHE H 64 26.94 4.11 -7.27
C PHE H 64 28.37 4.50 -7.62
N PHE H 65 29.35 4.01 -6.87
CA PHE H 65 30.80 4.10 -7.22
C PHE H 65 31.09 3.08 -8.32
N GLY H 66 31.23 3.53 -9.57
CA GLY H 66 31.42 2.65 -10.73
C GLY H 66 32.87 2.21 -10.86
N PHE H 67 33.75 3.13 -11.24
CA PHE H 67 35.23 2.90 -11.26
C PHE H 67 35.94 4.25 -11.21
N THR H 68 37.15 4.24 -10.65
CA THR H 68 38.00 5.44 -10.43
C THR H 68 39.08 5.49 -11.50
N GLN H 69 39.72 6.65 -11.67
CA GLN H 69 40.89 6.83 -12.58
C GLN H 69 42.02 5.90 -12.12
N ASP H 70 42.22 5.77 -10.80
CA ASP H 70 43.22 4.87 -10.17
C ASP H 70 42.95 3.41 -10.59
N ASN H 71 41.67 3.02 -10.72
CA ASN H 71 41.24 1.63 -11.08
C ASN H 71 41.68 1.31 -12.52
N THR H 72 41.94 2.33 -13.35
CA THR H 72 42.29 2.18 -14.79
C THR H 72 43.78 1.81 -14.93
N LYS H 73 44.54 1.81 -13.84
CA LYS H 73 45.93 1.30 -13.79
C LYS H 73 45.94 -0.22 -13.99
N ARG H 74 44.84 -0.89 -13.63
CA ARG H 74 44.74 -2.37 -13.57
C ARG H 74 44.80 -2.98 -14.97
N PRO H 75 45.09 -4.30 -15.09
CA PRO H 75 45.19 -4.97 -16.38
C PRO H 75 43.97 -4.75 -17.30
N GLN H 76 44.24 -4.71 -18.61
CA GLN H 76 43.24 -4.48 -19.69
C GLN H 76 42.04 -5.42 -19.50
N ILE H 77 42.28 -6.69 -19.16
CA ILE H 77 41.20 -7.72 -19.02
C ILE H 77 40.24 -7.30 -17.90
N GLN H 78 40.75 -6.77 -16.78
CA GLN H 78 39.91 -6.26 -15.65
C GLN H 78 39.18 -4.98 -16.11
N ARG H 79 39.91 -4.03 -16.69
CA ARG H 79 39.36 -2.72 -17.13
C ARG H 79 38.19 -2.95 -18.10
N LYS H 80 38.36 -3.82 -19.10
CA LYS H 80 37.27 -4.17 -20.06
C LYS H 80 36.05 -4.66 -19.28
N ALA H 81 36.26 -5.60 -18.35
CA ALA H 81 35.19 -6.30 -17.61
C ALA H 81 34.42 -5.30 -16.74
N PHE H 82 35.10 -4.48 -15.94
CA PHE H 82 34.39 -3.51 -15.04
C PHE H 82 33.76 -2.41 -15.91
N THR H 83 34.39 -1.98 -17.01
CA THR H 83 33.81 -0.92 -17.89
C THR H 83 32.54 -1.47 -18.56
N ASP H 84 32.61 -2.69 -19.10
CA ASP H 84 31.45 -3.38 -19.74
C ASP H 84 30.30 -3.48 -18.74
N ALA H 85 30.56 -3.89 -17.50
CA ALA H 85 29.52 -4.08 -16.46
C ALA H 85 28.90 -2.73 -16.09
N CYS H 86 29.72 -1.67 -15.98
CA CYS H 86 29.24 -0.30 -15.69
C CYS H 86 28.31 0.18 -16.82
N ILE H 87 28.68 -0.04 -18.08
CA ILE H 87 27.85 0.36 -19.26
C ILE H 87 26.49 -0.34 -19.15
N LYS H 88 26.49 -1.66 -18.95
CA LYS H 88 25.28 -2.51 -18.86
C LYS H 88 24.38 -1.99 -17.73
N SER H 89 24.96 -1.71 -16.58
CA SER H 89 24.26 -1.18 -15.38
C SER H 89 23.51 0.10 -15.74
N VAL H 90 24.18 1.08 -16.36
CA VAL H 90 23.53 2.38 -16.71
C VAL H 90 22.41 2.11 -17.72
N GLN H 91 22.67 1.27 -18.73
CA GLN H 91 21.69 0.93 -19.80
C GLN H 91 20.45 0.27 -19.16
N GLU H 92 20.64 -0.60 -18.17
CA GLU H 92 19.56 -1.30 -17.45
C GLU H 92 18.72 -0.29 -16.67
N ILE H 93 19.35 0.63 -15.94
CA ILE H 93 18.61 1.72 -15.23
C ILE H 93 17.87 2.58 -16.26
N ALA H 94 18.47 2.79 -17.43
CA ALA H 94 17.90 3.61 -18.54
C ALA H 94 16.63 2.98 -19.12
N LYS H 95 16.38 1.68 -18.87
CA LYS H 95 15.13 0.98 -19.30
C LYS H 95 14.00 1.22 -18.27
N ARG H 96 14.31 1.82 -17.11
CA ARG H 96 13.38 1.91 -15.97
C ARG H 96 13.04 3.38 -15.70
N ASP H 97 12.32 3.66 -14.61
CA ASP H 97 11.91 5.02 -14.19
C ASP H 97 13.01 5.60 -13.30
N ALA H 98 13.77 6.56 -13.81
CA ALA H 98 14.90 7.19 -13.08
C ALA H 98 15.32 8.50 -13.78
N GLU H 99 15.80 9.45 -12.99
CA GLU H 99 16.68 10.54 -13.45
C GLU H 99 18.12 10.02 -13.36
N ILE H 100 18.79 9.84 -14.48
CA ILE H 100 20.16 9.24 -14.53
C ILE H 100 21.21 10.33 -14.73
N LEU H 101 22.30 10.25 -13.96
CA LEU H 101 23.48 11.12 -14.13
C LEU H 101 24.75 10.27 -14.01
N VAL H 102 25.69 10.46 -14.93
CA VAL H 102 27.05 9.88 -14.90
C VAL H 102 28.02 11.04 -14.66
N VAL H 103 28.85 10.95 -13.62
CA VAL H 103 29.93 11.94 -13.33
C VAL H 103 31.27 11.24 -13.46
N GLY H 104 32.19 11.80 -14.26
CA GLY H 104 33.50 11.20 -14.53
C GLY H 104 34.29 12.03 -15.52
N ASN H 105 35.58 11.70 -15.66
CA ASN H 105 36.50 12.37 -16.59
C ASN H 105 36.22 11.86 -18.00
N THR H 106 35.53 12.66 -18.83
CA THR H 106 35.15 12.30 -20.22
C THR H 106 36.29 12.64 -21.19
N ASN H 107 37.35 13.32 -20.71
CA ASN H 107 38.53 13.73 -21.49
C ASN H 107 39.58 12.61 -21.44
N SER H 108 39.18 11.41 -21.86
CA SER H 108 39.99 10.16 -21.79
C SER H 108 39.33 9.06 -22.61
N ASP H 109 40.13 8.29 -23.36
CA ASP H 109 39.68 7.13 -24.18
C ASP H 109 39.00 6.10 -23.27
N ILE H 110 39.34 6.12 -21.97
CA ILE H 110 38.87 5.17 -20.94
C ILE H 110 37.36 5.38 -20.68
N PHE H 111 36.86 6.61 -20.82
CA PHE H 111 35.42 6.92 -20.61
C PHE H 111 34.62 6.34 -21.76
N PRO H 112 33.64 5.44 -21.49
CA PRO H 112 32.88 4.78 -22.56
C PRO H 112 31.96 5.75 -23.30
N GLU H 113 32.07 5.78 -24.64
CA GLU H 113 31.24 6.61 -25.55
C GLU H 113 29.75 6.43 -25.21
N GLU H 114 29.35 5.22 -24.81
CA GLU H 114 27.94 4.82 -24.57
C GLU H 114 27.30 5.68 -23.46
N LEU H 115 28.11 6.18 -22.51
CA LEU H 115 27.61 6.85 -21.28
C LEU H 115 27.66 8.38 -21.42
N LEU H 116 28.23 8.91 -22.51
CA LEU H 116 28.33 10.38 -22.71
C LEU H 116 26.93 11.03 -22.65
N GLU H 117 25.88 10.36 -23.14
CA GLU H 117 24.52 10.94 -23.21
C GLU H 117 23.95 11.16 -21.80
N TYR H 118 24.51 10.50 -20.77
CA TYR H 118 24.03 10.57 -19.37
C TYR H 118 24.89 11.50 -18.51
N THR H 119 25.83 12.25 -19.12
CA THR H 119 26.73 13.19 -18.38
C THR H 119 25.99 14.51 -18.11
N LYS H 120 24.78 14.68 -18.67
CA LYS H 120 23.77 15.65 -18.20
C LYS H 120 22.57 14.83 -17.72
N ARG H 121 22.00 15.18 -16.57
CA ARG H 121 20.92 14.38 -15.92
C ARG H 121 19.78 14.19 -16.93
N THR H 122 19.44 12.93 -17.21
CA THR H 122 18.39 12.55 -18.19
C THR H 122 17.23 11.90 -17.44
N LYS H 123 16.03 12.47 -17.56
CA LYS H 123 14.78 11.89 -17.00
C LYS H 123 14.26 10.81 -17.95
N VAL H 124 14.14 9.58 -17.44
CA VAL H 124 13.61 8.42 -18.21
C VAL H 124 12.28 8.00 -17.56
N GLY H 125 11.21 7.94 -18.36
CA GLY H 125 9.85 7.64 -17.89
C GLY H 125 9.41 8.63 -16.82
N LYS H 126 9.05 8.13 -15.63
CA LYS H 126 8.44 8.94 -14.54
C LYS H 126 9.53 9.68 -13.73
N GLY H 127 10.79 9.29 -13.87
CA GLY H 127 11.91 9.83 -13.06
C GLY H 127 11.61 9.82 -11.57
N LYS H 128 11.17 8.68 -11.02
CA LYS H 128 10.69 8.55 -9.62
C LYS H 128 11.86 8.63 -8.61
N ILE H 129 13.09 8.44 -9.07
CA ILE H 129 14.32 8.32 -8.22
C ILE H 129 15.52 8.83 -9.03
N LYS H 130 16.47 9.51 -8.38
CA LYS H 130 17.74 9.93 -9.02
C LYS H 130 18.76 8.81 -8.84
N ILE H 131 19.31 8.28 -9.94
CA ILE H 131 20.40 7.27 -9.88
C ILE H 131 21.64 7.90 -10.53
N ASN H 132 22.71 8.04 -9.74
CA ASN H 132 24.01 8.59 -10.19
C ASN H 132 25.04 7.46 -10.28
N PHE H 133 25.95 7.56 -11.25
CA PHE H 133 27.11 6.64 -11.39
C PHE H 133 28.39 7.46 -11.50
N LEU H 134 29.39 7.11 -10.68
CA LEU H 134 30.76 7.68 -10.78
C LEU H 134 31.58 6.76 -11.68
N ILE H 135 31.91 7.24 -12.88
CA ILE H 135 32.52 6.45 -13.99
C ILE H 135 33.78 7.19 -14.47
N ASN H 136 34.95 6.58 -14.29
CA ASN H 136 36.28 7.22 -14.49
C ASN H 136 36.34 8.46 -13.59
N TYR H 137 35.90 8.30 -12.34
CA TYR H 137 35.84 9.35 -11.30
C TYR H 137 37.14 9.32 -10.49
N GLY H 138 37.61 10.51 -10.08
CA GLY H 138 38.70 10.65 -9.09
C GLY H 138 38.45 11.84 -8.21
N TRP H 139 38.67 11.69 -6.89
CA TRP H 139 38.44 12.76 -5.88
C TRP H 139 39.24 14.02 -6.26
N TYR H 140 40.46 13.84 -6.75
CA TYR H 140 41.41 14.95 -7.08
C TYR H 140 40.89 15.68 -8.33
N TRP H 141 40.59 14.92 -9.40
CA TRP H 141 39.92 15.44 -10.62
C TRP H 141 38.66 16.21 -10.25
N ASP H 142 37.84 15.66 -9.34
CA ASP H 142 36.55 16.26 -8.91
C ASP H 142 36.81 17.63 -8.28
N LEU H 143 37.69 17.71 -7.28
CA LEU H 143 37.93 18.96 -6.49
C LEU H 143 38.58 20.01 -7.41
N THR H 144 39.50 19.62 -8.29
CA THR H 144 40.33 20.53 -9.13
C THR H 144 39.59 20.93 -10.41
N TYR H 145 38.46 20.27 -10.73
CA TYR H 145 37.61 20.55 -11.92
C TYR H 145 37.22 22.04 -11.95
N ALA H 146 36.92 22.58 -10.76
CA ALA H 146 36.37 23.93 -10.50
C ALA H 146 37.09 25.00 -11.33
N TYR H 147 38.37 24.82 -11.64
CA TYR H 147 39.20 25.77 -12.44
C TYR H 147 38.72 25.77 -13.89
N LYS H 155 31.07 30.06 -7.16
CA LYS H 155 32.17 29.75 -6.20
C LYS H 155 32.80 28.40 -6.57
N MET H 156 34.13 28.33 -6.53
CA MET H 156 34.95 27.17 -6.99
C MET H 156 34.46 25.87 -6.34
N ILE H 157 34.02 25.92 -5.08
CA ILE H 157 33.51 24.73 -4.32
C ILE H 157 32.20 24.23 -4.97
N GLU H 158 31.37 25.14 -5.49
CA GLU H 158 30.03 24.83 -6.07
C GLU H 158 30.19 24.41 -7.54
N ASN H 159 31.42 24.41 -8.07
CA ASN H 159 31.73 24.09 -9.47
C ASN H 159 32.69 22.88 -9.54
N ILE H 160 32.80 22.10 -8.47
CA ILE H 160 33.42 20.75 -8.51
C ILE H 160 32.65 19.95 -9.57
N ALA H 161 33.30 18.96 -10.17
CA ALA H 161 32.73 18.08 -11.22
C ALA H 161 31.41 17.45 -10.74
N SER H 162 31.34 17.05 -9.47
CA SER H 162 30.18 16.31 -8.89
C SER H 162 29.15 17.29 -8.30
N ALA H 163 29.18 18.59 -8.65
CA ALA H 163 28.33 19.64 -8.01
C ALA H 163 26.84 19.26 -8.05
N GLU H 164 26.41 18.52 -9.07
CA GLU H 164 24.98 18.14 -9.26
C GLU H 164 24.56 17.09 -8.22
N ILE H 165 25.51 16.37 -7.62
CA ILE H 165 25.24 15.31 -6.60
C ILE H 165 25.29 15.96 -5.21
N PRO H 166 24.19 15.90 -4.43
CA PRO H 166 24.14 16.58 -3.14
C PRO H 166 24.73 15.72 -2.02
N ARG H 167 24.70 16.25 -0.79
CA ARG H 167 25.14 15.57 0.46
C ARG H 167 24.63 14.12 0.51
N VAL H 168 25.53 13.18 0.82
CA VAL H 168 25.20 11.74 1.06
C VAL H 168 24.82 11.58 2.54
N ASP H 169 23.64 11.01 2.81
CA ASP H 169 23.15 10.80 4.19
C ASP H 169 23.75 9.49 4.73
N LEU H 170 23.71 8.42 3.92
CA LEU H 170 24.13 7.05 4.30
C LEU H 170 25.02 6.50 3.20
N LEU H 171 26.22 6.06 3.57
CA LEU H 171 27.11 5.37 2.62
C LEU H 171 27.25 3.91 3.05
N ILE H 172 26.95 3.00 2.13
CA ILE H 172 27.02 1.53 2.35
C ILE H 172 28.13 0.96 1.47
N ARG H 173 29.07 0.26 2.11
CA ARG H 173 30.22 -0.34 1.42
C ARG H 173 30.22 -1.85 1.65
N TRP H 174 30.27 -2.60 0.55
CA TRP H 174 30.43 -4.07 0.53
C TRP H 174 31.93 -4.39 0.49
N GLY H 175 32.30 -5.62 0.87
CA GLY H 175 33.69 -6.11 0.77
C GLY H 175 34.50 -5.84 2.01
N GLY H 176 33.86 -5.35 3.08
CA GLY H 176 34.39 -5.42 4.45
C GLY H 176 35.44 -4.37 4.78
N ARG H 177 35.80 -3.46 3.88
CA ARG H 177 36.78 -2.36 4.16
C ARG H 177 36.01 -1.13 4.66
N CYS H 178 36.46 -0.55 5.77
CA CYS H 178 35.86 0.69 6.31
C CYS H 178 36.73 1.89 5.88
N ARG H 179 36.45 2.39 4.68
CA ARG H 179 37.15 3.55 4.06
C ARG H 179 36.28 4.06 2.91
N LEU H 180 36.50 5.31 2.52
CA LEU H 180 35.71 5.99 1.46
C LEU H 180 36.35 5.74 0.09
N SER H 181 37.63 5.37 0.04
CA SER H 181 38.44 5.27 -1.20
C SER H 181 38.14 6.48 -2.10
N GLY H 182 38.08 7.69 -1.53
CA GLY H 182 37.97 8.95 -2.30
C GLY H 182 36.62 9.07 -3.01
N MET H 183 35.56 8.44 -2.50
CA MET H 183 34.20 8.70 -3.05
C MET H 183 33.72 10.07 -2.57
N LEU H 184 33.56 11.04 -3.48
CA LEU H 184 32.81 12.31 -3.20
C LEU H 184 33.24 12.90 -1.86
N PRO H 185 34.51 13.32 -1.69
CA PRO H 185 34.95 13.89 -0.41
C PRO H 185 34.07 15.03 0.11
N VAL H 186 33.55 15.90 -0.76
CA VAL H 186 32.68 17.04 -0.31
C VAL H 186 31.36 16.49 0.25
N GLN H 187 30.69 15.60 -0.50
CA GLN H 187 29.32 15.13 -0.16
C GLN H 187 29.34 14.13 1.01
N THR H 188 30.50 13.56 1.36
CA THR H 188 30.58 12.49 2.40
C THR H 188 31.12 13.01 3.74
N VAL H 189 31.35 14.31 3.89
CA VAL H 189 31.93 14.88 5.15
C VAL H 189 31.11 14.48 6.37
N TYR H 190 29.77 14.38 6.28
CA TYR H 190 28.89 14.10 7.44
C TYR H 190 28.18 12.74 7.32
N SER H 191 28.46 11.98 6.26
CA SER H 191 27.77 10.71 5.93
C SER H 191 27.97 9.68 7.04
N ASP H 192 26.89 9.04 7.48
CA ASP H 192 26.92 7.80 8.29
C ASP H 192 27.37 6.65 7.37
N ILE H 193 28.35 5.87 7.83
CA ILE H 193 29.01 4.81 7.03
C ILE H 193 28.65 3.44 7.63
N TYR H 194 28.12 2.54 6.80
CA TYR H 194 27.82 1.14 7.15
C TYR H 194 28.62 0.20 6.23
N VAL H 195 29.35 -0.72 6.84
CA VAL H 195 30.18 -1.72 6.09
C VAL H 195 29.52 -3.09 6.14
N VAL H 196 29.27 -3.66 4.97
CA VAL H 196 28.82 -5.06 4.78
C VAL H 196 30.07 -5.90 4.53
N ASP H 197 30.23 -6.98 5.28
CA ASP H 197 31.47 -7.81 5.21
C ASP H 197 31.51 -8.60 3.91
N GLU H 198 30.36 -9.06 3.43
CA GLU H 198 30.33 -9.88 2.19
C GLU H 198 30.67 -9.00 0.99
N MET H 199 31.30 -9.62 0.00
CA MET H 199 31.68 -9.00 -1.29
C MET H 199 30.40 -8.64 -2.05
N TRP H 200 30.46 -7.60 -2.88
CA TRP H 200 29.27 -7.04 -3.59
C TRP H 200 28.47 -8.11 -4.36
N PRO H 201 29.08 -9.05 -5.11
CA PRO H 201 28.27 -10.05 -5.84
C PRO H 201 27.43 -10.99 -4.95
N ASP H 202 27.72 -11.07 -3.65
CA ASP H 202 26.95 -11.82 -2.63
C ASP H 202 25.89 -10.91 -2.00
N PHE H 203 25.60 -9.76 -2.60
CA PHE H 203 24.53 -8.84 -2.15
C PHE H 203 23.29 -9.65 -1.78
N LYS H 204 22.68 -9.32 -0.64
CA LYS H 204 21.35 -9.80 -0.20
C LYS H 204 20.55 -8.58 0.24
N PRO H 205 19.22 -8.52 0.00
CA PRO H 205 18.41 -7.43 0.53
C PRO H 205 18.67 -7.14 2.01
N GLU H 206 18.90 -8.16 2.85
CA GLU H 206 19.09 -7.97 4.31
C GLU H 206 20.31 -7.06 4.56
N HIS H 207 21.30 -7.04 3.66
CA HIS H 207 22.46 -6.13 3.74
C HIS H 207 21.98 -4.67 3.75
N LEU H 208 21.15 -4.33 2.78
CA LEU H 208 20.56 -2.97 2.66
C LEU H 208 19.67 -2.72 3.87
N PHE H 209 18.83 -3.69 4.26
CA PHE H 209 17.89 -3.54 5.41
C PHE H 209 18.68 -3.23 6.69
N LYS H 210 19.79 -3.94 6.94
CA LYS H 210 20.61 -3.75 8.16
C LYS H 210 21.26 -2.37 8.14
N ALA H 211 21.67 -1.87 6.97
CA ALA H 211 22.26 -0.52 6.82
C ALA H 211 21.19 0.53 7.14
N LEU H 212 19.96 0.32 6.70
CA LEU H 212 18.81 1.24 6.93
C LEU H 212 18.41 1.23 8.42
N GLU H 213 18.45 0.05 9.06
CA GLU H 213 18.19 -0.06 10.53
C GLU H 213 19.26 0.74 11.29
N PHE H 214 20.53 0.56 10.91
CA PHE H 214 21.67 1.32 11.46
C PHE H 214 21.37 2.82 11.33
N TYR H 215 20.99 3.28 10.13
CA TYR H 215 20.76 4.72 9.87
C TYR H 215 19.66 5.22 10.79
N GLN H 216 18.56 4.48 10.91
CA GLN H 216 17.40 4.94 11.70
C GLN H 216 17.79 4.94 13.19
N ASN H 217 18.78 4.14 13.61
CA ASN H 217 19.26 4.09 15.01
C ASN H 217 20.16 5.29 15.35
N GLN H 218 20.63 6.05 14.36
CA GLN H 218 21.66 7.11 14.55
C GLN H 218 21.06 8.38 15.17
N ASP H 219 19.72 8.44 15.31
CA ASP H 219 19.02 9.53 16.04
C ASP H 219 19.15 10.83 15.22
#